data_4M3G
# 
_entry.id   4M3G 
# 
_audit_conform.dict_name       mmcif_pdbx.dic 
_audit_conform.dict_version    5.387 
_audit_conform.dict_location   http://mmcif.pdb.org/dictionaries/ascii/mmcif_pdbx.dic 
# 
loop_
_database_2.database_id 
_database_2.database_code 
_database_2.pdbx_database_accession 
_database_2.pdbx_DOI 
PDB   4M3G         pdb_00004m3g 10.2210/pdb4m3g/pdb 
RCSB  RCSB081417   ?            ?                   
WWPDB D_1000081417 ?            ?                   
# 
loop_
_pdbx_audit_revision_history.ordinal 
_pdbx_audit_revision_history.data_content_type 
_pdbx_audit_revision_history.major_revision 
_pdbx_audit_revision_history.minor_revision 
_pdbx_audit_revision_history.revision_date 
1 'Structure model' 1 0 2014-06-25 
2 'Structure model' 1 1 2024-02-28 
# 
_pdbx_audit_revision_details.ordinal             1 
_pdbx_audit_revision_details.revision_ordinal    1 
_pdbx_audit_revision_details.data_content_type   'Structure model' 
_pdbx_audit_revision_details.provider            repository 
_pdbx_audit_revision_details.type                'Initial release' 
_pdbx_audit_revision_details.description         ? 
_pdbx_audit_revision_details.details             ? 
# 
loop_
_pdbx_audit_revision_group.ordinal 
_pdbx_audit_revision_group.revision_ordinal 
_pdbx_audit_revision_group.data_content_type 
_pdbx_audit_revision_group.group 
1 2 'Structure model' 'Data collection'      
2 2 'Structure model' 'Database references'  
3 2 'Structure model' 'Derived calculations' 
# 
loop_
_pdbx_audit_revision_category.ordinal 
_pdbx_audit_revision_category.revision_ordinal 
_pdbx_audit_revision_category.data_content_type 
_pdbx_audit_revision_category.category 
1 2 'Structure model' chem_comp_atom 
2 2 'Structure model' chem_comp_bond 
3 2 'Structure model' database_2     
4 2 'Structure model' struct_site    
# 
loop_
_pdbx_audit_revision_item.ordinal 
_pdbx_audit_revision_item.revision_ordinal 
_pdbx_audit_revision_item.data_content_type 
_pdbx_audit_revision_item.item 
1 2 'Structure model' '_database_2.pdbx_DOI'                
2 2 'Structure model' '_database_2.pdbx_database_accession' 
3 2 'Structure model' '_struct_site.pdbx_auth_asym_id'      
4 2 'Structure model' '_struct_site.pdbx_auth_comp_id'      
5 2 'Structure model' '_struct_site.pdbx_auth_seq_id'       
# 
_pdbx_database_status.entry_id                        4M3G 
_pdbx_database_status.deposit_site                    RCSB 
_pdbx_database_status.process_site                    RCSB 
_pdbx_database_status.recvd_initial_deposition_date   2013-08-06 
_pdbx_database_status.status_code                     REL 
_pdbx_database_status.status_code_sf                  REL 
_pdbx_database_status.status_code_mr                  ? 
_pdbx_database_status.SG_entry                        ? 
_pdbx_database_status.status_code_cs                  ? 
_pdbx_database_status.methods_development_category    ? 
_pdbx_database_status.pdb_format_compatible           Y 
_pdbx_database_status.status_code_nmr_data            ? 
# 
loop_
_pdbx_database_related.db_name 
_pdbx_database_related.db_id 
_pdbx_database_related.details 
_pdbx_database_related.content_type 
PDB 4M3B . unspecified 
PDB 4M3D . unspecified 
PDB 4M3E . unspecified 
PDB 4M3F . unspecified 
# 
loop_
_audit_author.name 
_audit_author.pdbx_ordinal 
'Villemagne, B.'  1  
'Flipo, M.'       2  
'Blondiaux, N.'   3  
'Crauste, C.'     4  
'Malaquin, S.'    5  
'Leroux, F.'      6  
'Piveteau, C.'    7  
'Villeret, V.'    8  
'Brodin, P.'      9  
'Villoutreix, B.' 10 
'Sperandio, O.'   11 
'Wohlkonig, A.'   12 
'Wintjens, R.'    13 
'Deprez, B.'      14 
'Baulard, A.'     15 
'Willand, N.'     16 
# 
_citation.id                        primary 
_citation.title                     
;Ligand Efficiency Driven Design of New Inhibitors of Mycobacterium tuberculosis Transcriptional Repressor EthR Using Fragment Growing, Merging, and Linking Approaches.
;
_citation.journal_abbrev            J.Med.Chem. 
_citation.journal_volume            57 
_citation.page_first                4876 
_citation.page_last                 4888 
_citation.year                      2014 
_citation.journal_id_ASTM           JMCMAR 
_citation.country                   US 
_citation.journal_id_ISSN           0022-2623 
_citation.journal_id_CSD            0151 
_citation.book_publisher            ? 
_citation.pdbx_database_id_PubMed   24818704 
_citation.pdbx_database_id_DOI      10.1021/jm500422b 
# 
loop_
_citation_author.citation_id 
_citation_author.name 
_citation_author.ordinal 
_citation_author.identifier_ORCID 
primary 'Villemagne, B.'    1  ? 
primary 'Flipo, M.'         2  ? 
primary 'Blondiaux, N.'     3  ? 
primary 'Crauste, C.'       4  ? 
primary 'Malaquin, S.'      5  ? 
primary 'Leroux, F.'        6  ? 
primary 'Piveteau, C.'      7  ? 
primary 'Villeret, V.'      8  ? 
primary 'Brodin, P.'        9  ? 
primary 'Villoutreix, B.O.' 10 ? 
primary 'Sperandio, O.'     11 ? 
primary 'Soror, S.H.'       12 ? 
primary 'Wohlkonig, A.'     13 ? 
primary 'Wintjens, R.'      14 ? 
primary 'Deprez, B.'        15 ? 
primary 'Baulard, A.R.'     16 ? 
primary 'Willand, N.'       17 ? 
# 
loop_
_entity.id 
_entity.type 
_entity.src_method 
_entity.pdbx_description 
_entity.formula_weight 
_entity.pdbx_number_of_molecules 
_entity.pdbx_ec 
_entity.pdbx_mutation 
_entity.pdbx_fragment 
_entity.details 
1 polymer     man 'HTH-type transcriptional regulator EthR'                                   23781.705 1  ? ? ? ? 
2 non-polymer syn '4-(2-methyl-1,3-thiazol-4-yl)-N-(3,3,3-trifluoropropyl)benzenesulfonamide' 350.380   1  ? ? ? ? 
3 water       nat water                                                                       18.015    12 ? ? ? ? 
# 
_entity_name_com.entity_id   1 
_entity_name_com.name        'transcriptional regulatory repressor protein (TETR-family)' 
# 
_entity_poly.entity_id                      1 
_entity_poly.type                           'polypeptide(L)' 
_entity_poly.nstd_linkage                   no 
_entity_poly.nstd_monomer                   no 
_entity_poly.pdbx_seq_one_letter_code       
;MTTSAASQASLPRGRRTARPSGDDRELAILATAENLLEDRPLADISVDDLAKGAGISRPTFYFYFPSKEAVLLTLLDRVV
NQADMALQTLAENPADTDRENMWRTGINVFFETFGSHKAVTRAGQAARATSVEVAELWSTFMQKWIAYTAAVIDAERDRG
AAPRTLPAHELATALNLMNERTLFASFAGEQPSVPEARVLDTLVHIWVTSIYGENR
;
_entity_poly.pdbx_seq_one_letter_code_can   
;MTTSAASQASLPRGRRTARPSGDDRELAILATAENLLEDRPLADISVDDLAKGAGISRPTFYFYFPSKEAVLLTLLDRVV
NQADMALQTLAENPADTDRENMWRTGINVFFETFGSHKAVTRAGQAARATSVEVAELWSTFMQKWIAYTAAVIDAERDRG
AAPRTLPAHELATALNLMNERTLFASFAGEQPSVPEARVLDTLVHIWVTSIYGENR
;
_entity_poly.pdbx_strand_id                 A 
_entity_poly.pdbx_target_identifier         ? 
# 
loop_
_pdbx_entity_nonpoly.entity_id 
_pdbx_entity_nonpoly.name 
_pdbx_entity_nonpoly.comp_id 
2 '4-(2-methyl-1,3-thiazol-4-yl)-N-(3,3,3-trifluoropropyl)benzenesulfonamide' 2G1 
3 water                                                                       HOH 
# 
loop_
_entity_poly_seq.entity_id 
_entity_poly_seq.num 
_entity_poly_seq.mon_id 
_entity_poly_seq.hetero 
1 1   MET n 
1 2   THR n 
1 3   THR n 
1 4   SER n 
1 5   ALA n 
1 6   ALA n 
1 7   SER n 
1 8   GLN n 
1 9   ALA n 
1 10  SER n 
1 11  LEU n 
1 12  PRO n 
1 13  ARG n 
1 14  GLY n 
1 15  ARG n 
1 16  ARG n 
1 17  THR n 
1 18  ALA n 
1 19  ARG n 
1 20  PRO n 
1 21  SER n 
1 22  GLY n 
1 23  ASP n 
1 24  ASP n 
1 25  ARG n 
1 26  GLU n 
1 27  LEU n 
1 28  ALA n 
1 29  ILE n 
1 30  LEU n 
1 31  ALA n 
1 32  THR n 
1 33  ALA n 
1 34  GLU n 
1 35  ASN n 
1 36  LEU n 
1 37  LEU n 
1 38  GLU n 
1 39  ASP n 
1 40  ARG n 
1 41  PRO n 
1 42  LEU n 
1 43  ALA n 
1 44  ASP n 
1 45  ILE n 
1 46  SER n 
1 47  VAL n 
1 48  ASP n 
1 49  ASP n 
1 50  LEU n 
1 51  ALA n 
1 52  LYS n 
1 53  GLY n 
1 54  ALA n 
1 55  GLY n 
1 56  ILE n 
1 57  SER n 
1 58  ARG n 
1 59  PRO n 
1 60  THR n 
1 61  PHE n 
1 62  TYR n 
1 63  PHE n 
1 64  TYR n 
1 65  PHE n 
1 66  PRO n 
1 67  SER n 
1 68  LYS n 
1 69  GLU n 
1 70  ALA n 
1 71  VAL n 
1 72  LEU n 
1 73  LEU n 
1 74  THR n 
1 75  LEU n 
1 76  LEU n 
1 77  ASP n 
1 78  ARG n 
1 79  VAL n 
1 80  VAL n 
1 81  ASN n 
1 82  GLN n 
1 83  ALA n 
1 84  ASP n 
1 85  MET n 
1 86  ALA n 
1 87  LEU n 
1 88  GLN n 
1 89  THR n 
1 90  LEU n 
1 91  ALA n 
1 92  GLU n 
1 93  ASN n 
1 94  PRO n 
1 95  ALA n 
1 96  ASP n 
1 97  THR n 
1 98  ASP n 
1 99  ARG n 
1 100 GLU n 
1 101 ASN n 
1 102 MET n 
1 103 TRP n 
1 104 ARG n 
1 105 THR n 
1 106 GLY n 
1 107 ILE n 
1 108 ASN n 
1 109 VAL n 
1 110 PHE n 
1 111 PHE n 
1 112 GLU n 
1 113 THR n 
1 114 PHE n 
1 115 GLY n 
1 116 SER n 
1 117 HIS n 
1 118 LYS n 
1 119 ALA n 
1 120 VAL n 
1 121 THR n 
1 122 ARG n 
1 123 ALA n 
1 124 GLY n 
1 125 GLN n 
1 126 ALA n 
1 127 ALA n 
1 128 ARG n 
1 129 ALA n 
1 130 THR n 
1 131 SER n 
1 132 VAL n 
1 133 GLU n 
1 134 VAL n 
1 135 ALA n 
1 136 GLU n 
1 137 LEU n 
1 138 TRP n 
1 139 SER n 
1 140 THR n 
1 141 PHE n 
1 142 MET n 
1 143 GLN n 
1 144 LYS n 
1 145 TRP n 
1 146 ILE n 
1 147 ALA n 
1 148 TYR n 
1 149 THR n 
1 150 ALA n 
1 151 ALA n 
1 152 VAL n 
1 153 ILE n 
1 154 ASP n 
1 155 ALA n 
1 156 GLU n 
1 157 ARG n 
1 158 ASP n 
1 159 ARG n 
1 160 GLY n 
1 161 ALA n 
1 162 ALA n 
1 163 PRO n 
1 164 ARG n 
1 165 THR n 
1 166 LEU n 
1 167 PRO n 
1 168 ALA n 
1 169 HIS n 
1 170 GLU n 
1 171 LEU n 
1 172 ALA n 
1 173 THR n 
1 174 ALA n 
1 175 LEU n 
1 176 ASN n 
1 177 LEU n 
1 178 MET n 
1 179 ASN n 
1 180 GLU n 
1 181 ARG n 
1 182 THR n 
1 183 LEU n 
1 184 PHE n 
1 185 ALA n 
1 186 SER n 
1 187 PHE n 
1 188 ALA n 
1 189 GLY n 
1 190 GLU n 
1 191 GLN n 
1 192 PRO n 
1 193 SER n 
1 194 VAL n 
1 195 PRO n 
1 196 GLU n 
1 197 ALA n 
1 198 ARG n 
1 199 VAL n 
1 200 LEU n 
1 201 ASP n 
1 202 THR n 
1 203 LEU n 
1 204 VAL n 
1 205 HIS n 
1 206 ILE n 
1 207 TRP n 
1 208 VAL n 
1 209 THR n 
1 210 SER n 
1 211 ILE n 
1 212 TYR n 
1 213 GLY n 
1 214 GLU n 
1 215 ASN n 
1 216 ARG n 
# 
_entity_src_gen.entity_id                          1 
_entity_src_gen.pdbx_src_id                        1 
_entity_src_gen.pdbx_alt_source_flag               sample 
_entity_src_gen.pdbx_seq_type                      ? 
_entity_src_gen.pdbx_beg_seq_num                   ? 
_entity_src_gen.pdbx_end_seq_num                   ? 
_entity_src_gen.gene_src_common_name               ? 
_entity_src_gen.gene_src_genus                     ? 
_entity_src_gen.pdbx_gene_src_gene                 'etaR, ethR, MT3970, Rv3855' 
_entity_src_gen.gene_src_species                   ? 
_entity_src_gen.gene_src_strain                    H37RV 
_entity_src_gen.gene_src_tissue                    ? 
_entity_src_gen.gene_src_tissue_fraction           ? 
_entity_src_gen.gene_src_details                   ? 
_entity_src_gen.pdbx_gene_src_fragment             ? 
_entity_src_gen.pdbx_gene_src_scientific_name      'Mycobacterium tuberculosis' 
_entity_src_gen.pdbx_gene_src_ncbi_taxonomy_id     83332 
_entity_src_gen.pdbx_gene_src_variant              ? 
_entity_src_gen.pdbx_gene_src_cell_line            ? 
_entity_src_gen.pdbx_gene_src_atcc                 ? 
_entity_src_gen.pdbx_gene_src_organ                ? 
_entity_src_gen.pdbx_gene_src_organelle            ? 
_entity_src_gen.pdbx_gene_src_cell                 ? 
_entity_src_gen.pdbx_gene_src_cellular_location    ? 
_entity_src_gen.host_org_common_name               ? 
_entity_src_gen.pdbx_host_org_scientific_name      'Escherichia coli' 
_entity_src_gen.pdbx_host_org_ncbi_taxonomy_id     511693 
_entity_src_gen.host_org_genus                     ? 
_entity_src_gen.pdbx_host_org_gene                 ? 
_entity_src_gen.pdbx_host_org_organ                ? 
_entity_src_gen.host_org_species                   ? 
_entity_src_gen.pdbx_host_org_tissue               ? 
_entity_src_gen.pdbx_host_org_tissue_fraction      ? 
_entity_src_gen.pdbx_host_org_strain               BL21 
_entity_src_gen.pdbx_host_org_variant              ? 
_entity_src_gen.pdbx_host_org_cell_line            ? 
_entity_src_gen.pdbx_host_org_atcc                 ? 
_entity_src_gen.pdbx_host_org_culture_collection   ? 
_entity_src_gen.pdbx_host_org_cell                 ? 
_entity_src_gen.pdbx_host_org_organelle            ? 
_entity_src_gen.pdbx_host_org_cellular_location    ? 
_entity_src_gen.pdbx_host_org_vector_type          ? 
_entity_src_gen.pdbx_host_org_vector               ? 
_entity_src_gen.host_org_details                   ? 
_entity_src_gen.expression_system_id               ? 
_entity_src_gen.plasmid_name                       ? 
_entity_src_gen.plasmid_details                    ? 
_entity_src_gen.pdbx_description                   ? 
# 
loop_
_chem_comp.id 
_chem_comp.type 
_chem_comp.mon_nstd_flag 
_chem_comp.name 
_chem_comp.pdbx_synonyms 
_chem_comp.formula 
_chem_comp.formula_weight 
2G1 non-polymer         . '4-(2-methyl-1,3-thiazol-4-yl)-N-(3,3,3-trifluoropropyl)benzenesulfonamide' ? 'C13 H13 F3 N2 O2 S2' 
350.380 
ALA 'L-peptide linking' y ALANINE                                                                     ? 'C3 H7 N O2'          
89.093  
ARG 'L-peptide linking' y ARGININE                                                                    ? 'C6 H15 N4 O2 1'      
175.209 
ASN 'L-peptide linking' y ASPARAGINE                                                                  ? 'C4 H8 N2 O3'         
132.118 
ASP 'L-peptide linking' y 'ASPARTIC ACID'                                                             ? 'C4 H7 N O4'          
133.103 
GLN 'L-peptide linking' y GLUTAMINE                                                                   ? 'C5 H10 N2 O3'        
146.144 
GLU 'L-peptide linking' y 'GLUTAMIC ACID'                                                             ? 'C5 H9 N O4'          
147.129 
GLY 'peptide linking'   y GLYCINE                                                                     ? 'C2 H5 N O2'          
75.067  
HIS 'L-peptide linking' y HISTIDINE                                                                   ? 'C6 H10 N3 O2 1'      
156.162 
HOH non-polymer         . WATER                                                                       ? 'H2 O'                
18.015  
ILE 'L-peptide linking' y ISOLEUCINE                                                                  ? 'C6 H13 N O2'         
131.173 
LEU 'L-peptide linking' y LEUCINE                                                                     ? 'C6 H13 N O2'         
131.173 
LYS 'L-peptide linking' y LYSINE                                                                      ? 'C6 H15 N2 O2 1'      
147.195 
MET 'L-peptide linking' y METHIONINE                                                                  ? 'C5 H11 N O2 S'       
149.211 
PHE 'L-peptide linking' y PHENYLALANINE                                                               ? 'C9 H11 N O2'         
165.189 
PRO 'L-peptide linking' y PROLINE                                                                     ? 'C5 H9 N O2'          
115.130 
SER 'L-peptide linking' y SERINE                                                                      ? 'C3 H7 N O3'          
105.093 
THR 'L-peptide linking' y THREONINE                                                                   ? 'C4 H9 N O3'          
119.119 
TRP 'L-peptide linking' y TRYPTOPHAN                                                                  ? 'C11 H12 N2 O2'       
204.225 
TYR 'L-peptide linking' y TYROSINE                                                                    ? 'C9 H11 N O3'         
181.189 
VAL 'L-peptide linking' y VALINE                                                                      ? 'C5 H11 N O2'         
117.146 
# 
loop_
_pdbx_poly_seq_scheme.asym_id 
_pdbx_poly_seq_scheme.entity_id 
_pdbx_poly_seq_scheme.seq_id 
_pdbx_poly_seq_scheme.mon_id 
_pdbx_poly_seq_scheme.ndb_seq_num 
_pdbx_poly_seq_scheme.pdb_seq_num 
_pdbx_poly_seq_scheme.auth_seq_num 
_pdbx_poly_seq_scheme.pdb_mon_id 
_pdbx_poly_seq_scheme.auth_mon_id 
_pdbx_poly_seq_scheme.pdb_strand_id 
_pdbx_poly_seq_scheme.pdb_ins_code 
_pdbx_poly_seq_scheme.hetero 
A 1 1   MET 1   1   ?   ?   ?   A . n 
A 1 2   THR 2   2   ?   ?   ?   A . n 
A 1 3   THR 3   3   ?   ?   ?   A . n 
A 1 4   SER 4   4   ?   ?   ?   A . n 
A 1 5   ALA 5   5   ?   ?   ?   A . n 
A 1 6   ALA 6   6   ?   ?   ?   A . n 
A 1 7   SER 7   7   ?   ?   ?   A . n 
A 1 8   GLN 8   8   ?   ?   ?   A . n 
A 1 9   ALA 9   9   ?   ?   ?   A . n 
A 1 10  SER 10  10  ?   ?   ?   A . n 
A 1 11  LEU 11  11  ?   ?   ?   A . n 
A 1 12  PRO 12  12  ?   ?   ?   A . n 
A 1 13  ARG 13  13  ?   ?   ?   A . n 
A 1 14  GLY 14  14  ?   ?   ?   A . n 
A 1 15  ARG 15  15  ?   ?   ?   A . n 
A 1 16  ARG 16  16  ?   ?   ?   A . n 
A 1 17  THR 17  17  ?   ?   ?   A . n 
A 1 18  ALA 18  18  ?   ?   ?   A . n 
A 1 19  ARG 19  19  ?   ?   ?   A . n 
A 1 20  PRO 20  20  ?   ?   ?   A . n 
A 1 21  SER 21  21  ?   ?   ?   A . n 
A 1 22  GLY 22  22  22  GLY GLY A . n 
A 1 23  ASP 23  23  23  ASP ASP A . n 
A 1 24  ASP 24  24  24  ASP ASP A . n 
A 1 25  ARG 25  25  25  ARG ARG A . n 
A 1 26  GLU 26  26  26  GLU GLU A . n 
A 1 27  LEU 27  27  27  LEU LEU A . n 
A 1 28  ALA 28  28  28  ALA ALA A . n 
A 1 29  ILE 29  29  29  ILE ILE A . n 
A 1 30  LEU 30  30  30  LEU LEU A . n 
A 1 31  ALA 31  31  31  ALA ALA A . n 
A 1 32  THR 32  32  32  THR THR A . n 
A 1 33  ALA 33  33  33  ALA ALA A . n 
A 1 34  GLU 34  34  34  GLU GLU A . n 
A 1 35  ASN 35  35  35  ASN ASN A . n 
A 1 36  LEU 36  36  36  LEU LEU A . n 
A 1 37  LEU 37  37  37  LEU LEU A . n 
A 1 38  GLU 38  38  38  GLU GLU A . n 
A 1 39  ASP 39  39  39  ASP ASP A . n 
A 1 40  ARG 40  40  40  ARG ARG A . n 
A 1 41  PRO 41  41  41  PRO PRO A . n 
A 1 42  LEU 42  42  42  LEU LEU A . n 
A 1 43  ALA 43  43  43  ALA ALA A . n 
A 1 44  ASP 44  44  44  ASP ASP A . n 
A 1 45  ILE 45  45  45  ILE ILE A . n 
A 1 46  SER 46  46  46  SER SER A . n 
A 1 47  VAL 47  47  47  VAL VAL A . n 
A 1 48  ASP 48  48  48  ASP ASP A . n 
A 1 49  ASP 49  49  49  ASP ASP A . n 
A 1 50  LEU 50  50  50  LEU LEU A . n 
A 1 51  ALA 51  51  51  ALA ALA A . n 
A 1 52  LYS 52  52  52  LYS LYS A . n 
A 1 53  GLY 53  53  53  GLY GLY A . n 
A 1 54  ALA 54  54  54  ALA ALA A . n 
A 1 55  GLY 55  55  55  GLY GLY A . n 
A 1 56  ILE 56  56  56  ILE ILE A . n 
A 1 57  SER 57  57  57  SER SER A . n 
A 1 58  ARG 58  58  58  ARG ARG A . n 
A 1 59  PRO 59  59  59  PRO PRO A . n 
A 1 60  THR 60  60  60  THR THR A . n 
A 1 61  PHE 61  61  61  PHE PHE A . n 
A 1 62  TYR 62  62  62  TYR TYR A . n 
A 1 63  PHE 63  63  63  PHE PHE A . n 
A 1 64  TYR 64  64  64  TYR TYR A . n 
A 1 65  PHE 65  65  65  PHE PHE A . n 
A 1 66  PRO 66  66  66  PRO PRO A . n 
A 1 67  SER 67  67  67  SER SER A . n 
A 1 68  LYS 68  68  68  LYS LYS A . n 
A 1 69  GLU 69  69  69  GLU GLU A . n 
A 1 70  ALA 70  70  70  ALA ALA A . n 
A 1 71  VAL 71  71  71  VAL VAL A . n 
A 1 72  LEU 72  72  72  LEU LEU A . n 
A 1 73  LEU 73  73  73  LEU LEU A . n 
A 1 74  THR 74  74  74  THR THR A . n 
A 1 75  LEU 75  75  75  LEU LEU A . n 
A 1 76  LEU 76  76  76  LEU LEU A . n 
A 1 77  ASP 77  77  77  ASP ASP A . n 
A 1 78  ARG 78  78  78  ARG ARG A . n 
A 1 79  VAL 79  79  79  VAL VAL A . n 
A 1 80  VAL 80  80  80  VAL VAL A . n 
A 1 81  ASN 81  81  81  ASN ASN A . n 
A 1 82  GLN 82  82  82  GLN GLN A . n 
A 1 83  ALA 83  83  83  ALA ALA A . n 
A 1 84  ASP 84  84  84  ASP ASP A . n 
A 1 85  MET 85  85  85  MET MET A . n 
A 1 86  ALA 86  86  86  ALA ALA A . n 
A 1 87  LEU 87  87  87  LEU LEU A . n 
A 1 88  GLN 88  88  88  GLN GLN A . n 
A 1 89  THR 89  89  89  THR THR A . n 
A 1 90  LEU 90  90  90  LEU LEU A . n 
A 1 91  ALA 91  91  91  ALA ALA A . n 
A 1 92  GLU 92  92  92  GLU GLU A . n 
A 1 93  ASN 93  93  93  ASN ASN A . n 
A 1 94  PRO 94  94  94  PRO PRO A . n 
A 1 95  ALA 95  95  ?   ?   ?   A . n 
A 1 96  ASP 96  96  ?   ?   ?   A . n 
A 1 97  THR 97  97  97  THR THR A . n 
A 1 98  ASP 98  98  98  ASP ASP A . n 
A 1 99  ARG 99  99  99  ARG ARG A . n 
A 1 100 GLU 100 100 100 GLU GLU A . n 
A 1 101 ASN 101 101 101 ASN ASN A . n 
A 1 102 MET 102 102 102 MET MET A . n 
A 1 103 TRP 103 103 103 TRP TRP A . n 
A 1 104 ARG 104 104 104 ARG ARG A . n 
A 1 105 THR 105 105 105 THR THR A . n 
A 1 106 GLY 106 106 106 GLY GLY A . n 
A 1 107 ILE 107 107 107 ILE ILE A . n 
A 1 108 ASN 108 108 108 ASN ASN A . n 
A 1 109 VAL 109 109 109 VAL VAL A . n 
A 1 110 PHE 110 110 110 PHE PHE A . n 
A 1 111 PHE 111 111 111 PHE PHE A . n 
A 1 112 GLU 112 112 112 GLU GLU A . n 
A 1 113 THR 113 113 113 THR THR A . n 
A 1 114 PHE 114 114 114 PHE PHE A . n 
A 1 115 GLY 115 115 115 GLY GLY A . n 
A 1 116 SER 116 116 116 SER SER A . n 
A 1 117 HIS 117 117 117 HIS HIS A . n 
A 1 118 LYS 118 118 118 LYS LYS A . n 
A 1 119 ALA 119 119 119 ALA ALA A . n 
A 1 120 VAL 120 120 120 VAL VAL A . n 
A 1 121 THR 121 121 121 THR THR A . n 
A 1 122 ARG 122 122 122 ARG ARG A . n 
A 1 123 ALA 123 123 123 ALA ALA A . n 
A 1 124 GLY 124 124 124 GLY GLY A . n 
A 1 125 GLN 125 125 125 GLN GLN A . n 
A 1 126 ALA 126 126 126 ALA ALA A . n 
A 1 127 ALA 127 127 127 ALA ALA A . n 
A 1 128 ARG 128 128 128 ARG ARG A . n 
A 1 129 ALA 129 129 129 ALA ALA A . n 
A 1 130 THR 130 130 130 THR THR A . n 
A 1 131 SER 131 131 131 SER SER A . n 
A 1 132 VAL 132 132 132 VAL VAL A . n 
A 1 133 GLU 133 133 133 GLU GLU A . n 
A 1 134 VAL 134 134 134 VAL VAL A . n 
A 1 135 ALA 135 135 135 ALA ALA A . n 
A 1 136 GLU 136 136 136 GLU GLU A . n 
A 1 137 LEU 137 137 137 LEU LEU A . n 
A 1 138 TRP 138 138 138 TRP TRP A . n 
A 1 139 SER 139 139 139 SER SER A . n 
A 1 140 THR 140 140 140 THR THR A . n 
A 1 141 PHE 141 141 141 PHE PHE A . n 
A 1 142 MET 142 142 142 MET MET A . n 
A 1 143 GLN 143 143 143 GLN GLN A . n 
A 1 144 LYS 144 144 144 LYS LYS A . n 
A 1 145 TRP 145 145 145 TRP TRP A . n 
A 1 146 ILE 146 146 146 ILE ILE A . n 
A 1 147 ALA 147 147 147 ALA ALA A . n 
A 1 148 TYR 148 148 148 TYR TYR A . n 
A 1 149 THR 149 149 149 THR THR A . n 
A 1 150 ALA 150 150 150 ALA ALA A . n 
A 1 151 ALA 151 151 151 ALA ALA A . n 
A 1 152 VAL 152 152 152 VAL VAL A . n 
A 1 153 ILE 153 153 153 ILE ILE A . n 
A 1 154 ASP 154 154 154 ASP ASP A . n 
A 1 155 ALA 155 155 155 ALA ALA A . n 
A 1 156 GLU 156 156 156 GLU GLU A . n 
A 1 157 ARG 157 157 157 ARG ARG A . n 
A 1 158 ASP 158 158 158 ASP ASP A . n 
A 1 159 ARG 159 159 159 ARG ARG A . n 
A 1 160 GLY 160 160 160 GLY GLY A . n 
A 1 161 ALA 161 161 161 ALA ALA A . n 
A 1 162 ALA 162 162 162 ALA ALA A . n 
A 1 163 PRO 163 163 163 PRO PRO A . n 
A 1 164 ARG 164 164 164 ARG ARG A . n 
A 1 165 THR 165 165 165 THR THR A . n 
A 1 166 LEU 166 166 166 LEU LEU A . n 
A 1 167 PRO 167 167 167 PRO PRO A . n 
A 1 168 ALA 168 168 168 ALA ALA A . n 
A 1 169 HIS 169 169 169 HIS HIS A . n 
A 1 170 GLU 170 170 170 GLU GLU A . n 
A 1 171 LEU 171 171 171 LEU LEU A . n 
A 1 172 ALA 172 172 172 ALA ALA A . n 
A 1 173 THR 173 173 173 THR THR A . n 
A 1 174 ALA 174 174 174 ALA ALA A . n 
A 1 175 LEU 175 175 175 LEU LEU A . n 
A 1 176 ASN 176 176 176 ASN ASN A . n 
A 1 177 LEU 177 177 177 LEU LEU A . n 
A 1 178 MET 178 178 178 MET MET A . n 
A 1 179 ASN 179 179 179 ASN ASN A . n 
A 1 180 GLU 180 180 180 GLU GLU A . n 
A 1 181 ARG 181 181 181 ARG ARG A . n 
A 1 182 THR 182 182 182 THR THR A . n 
A 1 183 LEU 183 183 183 LEU LEU A . n 
A 1 184 PHE 184 184 184 PHE PHE A . n 
A 1 185 ALA 185 185 185 ALA ALA A . n 
A 1 186 SER 186 186 186 SER SER A . n 
A 1 187 PHE 187 187 187 PHE PHE A . n 
A 1 188 ALA 188 188 188 ALA ALA A . n 
A 1 189 GLY 189 189 189 GLY GLY A . n 
A 1 190 GLU 190 190 190 GLU GLU A . n 
A 1 191 GLN 191 191 191 GLN GLN A . n 
A 1 192 PRO 192 192 192 PRO PRO A . n 
A 1 193 SER 193 193 193 SER SER A . n 
A 1 194 VAL 194 194 194 VAL VAL A . n 
A 1 195 PRO 195 195 195 PRO PRO A . n 
A 1 196 GLU 196 196 196 GLU GLU A . n 
A 1 197 ALA 197 197 197 ALA ALA A . n 
A 1 198 ARG 198 198 198 ARG ARG A . n 
A 1 199 VAL 199 199 199 VAL VAL A . n 
A 1 200 LEU 200 200 200 LEU LEU A . n 
A 1 201 ASP 201 201 201 ASP ASP A . n 
A 1 202 THR 202 202 202 THR THR A . n 
A 1 203 LEU 203 203 203 LEU LEU A . n 
A 1 204 VAL 204 204 204 VAL VAL A . n 
A 1 205 HIS 205 205 205 HIS HIS A . n 
A 1 206 ILE 206 206 206 ILE ILE A . n 
A 1 207 TRP 207 207 207 TRP TRP A . n 
A 1 208 VAL 208 208 208 VAL VAL A . n 
A 1 209 THR 209 209 209 THR THR A . n 
A 1 210 SER 210 210 210 SER SER A . n 
A 1 211 ILE 211 211 211 ILE ILE A . n 
A 1 212 TYR 212 212 212 TYR TYR A . n 
A 1 213 GLY 213 213 213 GLY GLY A . n 
A 1 214 GLU 214 214 214 GLU GLU A . n 
A 1 215 ASN 215 215 ?   ?   ?   A . n 
A 1 216 ARG 216 216 ?   ?   ?   A . n 
# 
loop_
_pdbx_nonpoly_scheme.asym_id 
_pdbx_nonpoly_scheme.entity_id 
_pdbx_nonpoly_scheme.mon_id 
_pdbx_nonpoly_scheme.ndb_seq_num 
_pdbx_nonpoly_scheme.pdb_seq_num 
_pdbx_nonpoly_scheme.auth_seq_num 
_pdbx_nonpoly_scheme.pdb_mon_id 
_pdbx_nonpoly_scheme.auth_mon_id 
_pdbx_nonpoly_scheme.pdb_strand_id 
_pdbx_nonpoly_scheme.pdb_ins_code 
B 2 2G1 1  301 1  2G1 G1  A . 
C 3 HOH 1  401 1  HOH HOH A . 
C 3 HOH 2  402 2  HOH HOH A . 
C 3 HOH 3  403 3  HOH HOH A . 
C 3 HOH 4  404 4  HOH HOH A . 
C 3 HOH 5  405 5  HOH HOH A . 
C 3 HOH 6  406 6  HOH HOH A . 
C 3 HOH 7  407 9  HOH HOH A . 
C 3 HOH 8  408 11 HOH HOH A . 
C 3 HOH 9  409 12 HOH HOH A . 
C 3 HOH 10 410 15 HOH HOH A . 
C 3 HOH 11 411 22 HOH HOH A . 
C 3 HOH 12 412 26 HOH HOH A . 
# 
loop_
_pdbx_unobs_or_zero_occ_atoms.id 
_pdbx_unobs_or_zero_occ_atoms.PDB_model_num 
_pdbx_unobs_or_zero_occ_atoms.polymer_flag 
_pdbx_unobs_or_zero_occ_atoms.occupancy_flag 
_pdbx_unobs_or_zero_occ_atoms.auth_asym_id 
_pdbx_unobs_or_zero_occ_atoms.auth_comp_id 
_pdbx_unobs_or_zero_occ_atoms.auth_seq_id 
_pdbx_unobs_or_zero_occ_atoms.PDB_ins_code 
_pdbx_unobs_or_zero_occ_atoms.auth_atom_id 
_pdbx_unobs_or_zero_occ_atoms.label_alt_id 
_pdbx_unobs_or_zero_occ_atoms.label_asym_id 
_pdbx_unobs_or_zero_occ_atoms.label_comp_id 
_pdbx_unobs_or_zero_occ_atoms.label_seq_id 
_pdbx_unobs_or_zero_occ_atoms.label_atom_id 
1 1 Y 1 A GLU 214 ? C ? A GLU 214 C 
2 1 Y 1 A GLU 214 ? O ? A GLU 214 O 
# 
loop_
_software.pdbx_ordinal 
_software.name 
_software.version 
_software.date 
_software.type 
_software.contact_author 
_software.contact_author_email 
_software.classification 
_software.location 
_software.language 
_software.citation_id 
1 SCALA       3.3.20 2011/05/18       other   'Phil R. Evans'      pre@mrc-lmb.cam.ac.uk    'data scaling'    
http://www.ccp4.ac.uk/dist/html/scala.html   Fortran_77 ? 
2 MOLREP      .      ?                program 'Alexei Vaguine'     alexei@ysbl.york.ac.uk   phasing           
http://www.ccp4.ac.uk/dist/html/molrep.html  Fortran_77 ? 
3 REFMAC      .      ?                program 'Garib N. Murshudov' garib@ysbl.york.ac.uk    refinement        
http://www.ccp4.ac.uk/dist/html/refmac5.html Fortran_77 ? 
4 PDB_EXTRACT 3.11   'April 22, 2011' package PDB                  deposit@deposit.rcsb.org 'data extraction' 
http://sw-tools.pdb.org/apps/PDB_EXTRACT/    C++        ? 
5 MAR345dtb   .      ?                ?       ?                    ?                        'data collection' ? ?          ? 
6 XSCALE      .      ?                ?       ?                    ?                        'data scaling'    ? ?          ? 
# 
_cell.length_a           121.850 
_cell.length_b           121.850 
_cell.length_c           34.154 
_cell.angle_alpha        90.000 
_cell.angle_beta         90.000 
_cell.angle_gamma        90.000 
_cell.entry_id           4M3G 
_cell.pdbx_unique_axis   ? 
_cell.Z_PDB              8 
_cell.length_a_esd       ? 
_cell.length_b_esd       ? 
_cell.length_c_esd       ? 
_cell.angle_alpha_esd    ? 
_cell.angle_beta_esd     ? 
_cell.angle_gamma_esd    ? 
# 
_symmetry.space_group_name_H-M             'P 41 21 2' 
_symmetry.entry_id                         4M3G 
_symmetry.Int_Tables_number                92 
_symmetry.pdbx_full_space_group_name_H-M   ? 
_symmetry.cell_setting                     ? 
_symmetry.space_group_name_Hall            ? 
# 
_exptl.crystals_number   1 
_exptl.entry_id          4M3G 
_exptl.method            'X-RAY DIFFRACTION' 
# 
_exptl_crystal.id                    1 
_exptl_crystal.density_Matthews      2.67 
_exptl_crystal.density_meas          ? 
_exptl_crystal.density_percent_sol   53.85 
_exptl_crystal.description           ? 
_exptl_crystal.F_000                 ? 
_exptl_crystal.preparation           ? 
# 
_exptl_crystal_grow.crystal_id      1 
_exptl_crystal_grow.method          'VAPOR DIFFUSION, HANGING DROP' 
_exptl_crystal_grow.pH              6.7 
_exptl_crystal_grow.temp            293 
_exptl_crystal_grow.temp_details    ? 
_exptl_crystal_grow.pdbx_details    
'1.4-1.65 M ammonium sulfate, 15% glycerol, 0.1 M MES, pH 6.7, VAPOR DIFFUSION, HANGING DROP, temperature 293K' 
_exptl_crystal_grow.pdbx_pH_range   ? 
# 
_diffrn.id                     1 
_diffrn.ambient_temp           100 
_diffrn.ambient_temp_details   ? 
_diffrn.crystal_id             1 
# 
_diffrn_detector.diffrn_id              1 
_diffrn_detector.detector               CCD 
_diffrn_detector.type                   'MARMOSAIC 225 mm CCD' 
_diffrn_detector.pdbx_collection_date   2011-10-24 
_diffrn_detector.details                ? 
# 
_diffrn_radiation.diffrn_id                        1 
_diffrn_radiation.wavelength_id                    1 
_diffrn_radiation.pdbx_diffrn_protocol             'SINGLE WAVELENGTH' 
_diffrn_radiation.monochromator                    'Si(111)' 
_diffrn_radiation.pdbx_monochromatic_or_laue_m_l   M 
_diffrn_radiation.pdbx_scattering_type             x-ray 
# 
_diffrn_radiation_wavelength.id           1 
_diffrn_radiation_wavelength.wavelength   1.0000 
_diffrn_radiation_wavelength.wt           1.0 
# 
_diffrn_source.diffrn_id                   1 
_diffrn_source.source                      SYNCHROTRON 
_diffrn_source.type                        'SLS BEAMLINE X06DA' 
_diffrn_source.pdbx_wavelength             ? 
_diffrn_source.pdbx_wavelength_list        1.0000 
_diffrn_source.pdbx_synchrotron_site       SLS 
_diffrn_source.pdbx_synchrotron_beamline   X06DA 
# 
_reflns.entry_id                     4M3G 
_reflns.d_resolution_high            2.202 
_reflns.d_resolution_low             40.617 
_reflns.number_all                   13616 
_reflns.number_obs                   13616 
_reflns.pdbx_netI_over_sigmaI        14.100 
_reflns.pdbx_Rsym_value              0.124 
_reflns.pdbx_redundancy              7.700 
_reflns.percent_possible_obs         99.700 
_reflns.observed_criterion_sigma_F   ? 
_reflns.observed_criterion_sigma_I   ? 
_reflns.pdbx_Rmerge_I_obs            ? 
_reflns.B_iso_Wilson_estimate        ? 
_reflns.R_free_details               ? 
_reflns.limit_h_max                  ? 
_reflns.limit_h_min                  ? 
_reflns.limit_k_max                  ? 
_reflns.limit_k_min                  ? 
_reflns.limit_l_max                  ? 
_reflns.limit_l_min                  ? 
_reflns.observed_criterion_F_max     ? 
_reflns.observed_criterion_F_min     ? 
_reflns.pdbx_chi_squared             ? 
_reflns.pdbx_scaling_rejects         ? 
_reflns.pdbx_ordinal                 1 
_reflns.pdbx_diffrn_id               1 
# 
loop_
_reflns_shell.d_res_high 
_reflns_shell.d_res_low 
_reflns_shell.number_measured_obs 
_reflns_shell.number_measured_all 
_reflns_shell.number_unique_obs 
_reflns_shell.Rmerge_I_obs 
_reflns_shell.meanI_over_sigI_obs 
_reflns_shell.pdbx_Rsym_value 
_reflns_shell.pdbx_chi_squared 
_reflns_shell.pdbx_redundancy 
_reflns_shell.percent_possible_obs 
_reflns_shell.number_unique_all 
_reflns_shell.percent_possible_all 
_reflns_shell.pdbx_ordinal 
_reflns_shell.pdbx_diffrn_id 
2.202 2.320  ? 14470 ? 0.932 0.800  0.932 ? 7.600 ? 1907 98.100  1  1 
2.320 2.460  ? 14484 ? 0.631 1.200  0.631 ? 7.800 ? 1846 100.000 2  1 
2.460 2.630  ? 13778 ? 0.426 1.900  0.426 ? 7.900 ? 1744 100.000 3  1 
2.630 2.840  ? 12766 ? 0.314 2.500  0.314 ? 7.900 ? 1624 100.000 4  1 
2.840 3.110  ? 11770 ? 0.204 3.900  0.204 ? 7.900 ? 1499 100.000 5  1 
3.110 3.480  ? 10577 ? 0.119 6.600  0.119 ? 7.800 ? 1362 100.000 6  1 
3.480 4.020  ? 9262  ? 0.069 2.200  0.069 ? 7.600 ? 1217 100.000 7  1 
4.020 4.920  ? 8069  ? 0.039 18.900 0.039 ? 7.600 ? 1067 100.000 8  1 
4.920 6.960  ? 6161  ? 0.043 17.500 0.043 ? 7.400 ? 838  100.000 9  1 
6.960 40.617 ? 3317  ? 0.018 35.400 0.018 ? 6.500 ? 512  99.600  10 1 
# 
_refine.entry_id                                 4M3G 
_refine.ls_d_res_high                            2.300 
_refine.ls_d_res_low                             38.53 
_refine.pdbx_ls_sigma_F                          0.0 
_refine.pdbx_data_cutoff_high_absF               ? 
_refine.pdbx_data_cutoff_low_absF                ? 
_refine.ls_percent_reflns_obs                    100.0 
_refine.ls_number_reflns_obs                     11907 
_refine.ls_number_reflns_all                     ? 
_refine.pdbx_ls_cross_valid_method               THROUGHOUT 
_refine.pdbx_R_Free_selection_details            RANDOM 
_refine.details                                  'HYDROGENS HAVE BEEN ADDED IN THE RIDING POSITIONS' 
_refine.ls_R_factor_all                          ? 
_refine.ls_R_factor_obs                          0.2022 
_refine.ls_R_factor_R_work                       0.2002 
_refine.ls_wR_factor_R_work                      0.1733 
_refine.ls_R_factor_R_free                       0.2402 
_refine.ls_wR_factor_R_free                      0.2048 
_refine.ls_percent_reflns_R_free                 4.8 
_refine.ls_number_reflns_R_free                  566 
_refine.ls_R_factor_R_free_error                 ? 
_refine.B_iso_mean                               34.1495 
_refine.solvent_model_param_bsol                 ? 
_refine.solvent_model_param_ksol                 ? 
_refine.pdbx_isotropic_thermal_model             ? 
_refine.aniso_B[1][1]                            0.0000 
_refine.aniso_B[2][2]                            0.0000 
_refine.aniso_B[3][3]                            0.0000 
_refine.aniso_B[1][2]                            0.0000 
_refine.aniso_B[1][3]                            0.0000 
_refine.aniso_B[2][3]                            0.0000 
_refine.correlation_coeff_Fo_to_Fc               0.9400 
_refine.correlation_coeff_Fo_to_Fc_free          0.9220 
_refine.overall_SU_R_Cruickshank_DPI             0.2520 
_refine.overall_SU_R_free                        0.2059 
_refine.pdbx_overall_ESU_R                       0.2520 
_refine.pdbx_overall_ESU_R_Free                  0.2060 
_refine.overall_SU_ML                            0.1440 
_refine.overall_SU_B                             5.8210 
_refine.solvent_model_details                    MASK 
_refine.pdbx_solvent_vdw_probe_radii             1.4000 
_refine.pdbx_solvent_ion_probe_radii             0.8000 
_refine.pdbx_solvent_shrinkage_radii             0.8000 
_refine.ls_number_parameters                     ? 
_refine.ls_number_restraints                     ? 
_refine.pdbx_starting_model                      ? 
_refine.pdbx_method_to_determine_struct          'MOLECULAR REPLACEMENT' 
_refine.pdbx_stereochemistry_target_values       'MAXIMUM LIKELIHOOD' 
_refine.pdbx_stereochem_target_val_spec_case     ? 
_refine.overall_FOM_work_R_set                   0.8579 
_refine.B_iso_max                                76.230 
_refine.B_iso_min                                10.510 
_refine.pdbx_overall_phase_error                 ? 
_refine.occupancy_max                            1.000 
_refine.occupancy_min                            1.000 
_refine.pdbx_ls_sigma_I                          ? 
_refine.ls_redundancy_reflns_obs                 ? 
_refine.ls_R_factor_R_free_error_details         ? 
_refine.pdbx_data_cutoff_high_rms_absF           ? 
_refine.overall_FOM_free_R_set                   ? 
_refine.pdbx_diffrn_id                           1 
_refine.pdbx_refine_id                           'X-RAY DIFFRACTION' 
_refine.pdbx_TLS_residual_ADP_flag               ? 
_refine.pdbx_overall_SU_R_free_Cruickshank_DPI   ? 
_refine.pdbx_overall_SU_R_Blow_DPI               ? 
_refine.pdbx_overall_SU_R_free_Blow_DPI          ? 
# 
_refine_hist.pdbx_refine_id                   'X-RAY DIFFRACTION' 
_refine_hist.cycle_id                         LAST 
_refine_hist.pdbx_number_atoms_protein        1487 
_refine_hist.pdbx_number_atoms_nucleic_acid   0 
_refine_hist.pdbx_number_atoms_ligand         22 
_refine_hist.number_atoms_solvent             12 
_refine_hist.number_atoms_total               1521 
_refine_hist.d_res_high                       2.300 
_refine_hist.d_res_low                        38.53 
# 
loop_
_refine_ls_restr.type 
_refine_ls_restr.number 
_refine_ls_restr.dev_ideal 
_refine_ls_restr.dev_ideal_target 
_refine_ls_restr.weight 
_refine_ls_restr.pdbx_restraint_function 
_refine_ls_restr.pdbx_refine_id 
r_bond_refined_d       1540 0.023  0.022  ? ? 'X-RAY DIFFRACTION' 
r_angle_refined_deg    2100 1.811  1.964  ? ? 'X-RAY DIFFRACTION' 
r_dihedral_angle_1_deg 189  6.019  5.000  ? ? 'X-RAY DIFFRACTION' 
r_dihedral_angle_2_deg 71   38.000 23.521 ? ? 'X-RAY DIFFRACTION' 
r_dihedral_angle_3_deg 238  17.197 15.000 ? ? 'X-RAY DIFFRACTION' 
r_dihedral_angle_4_deg 13   19.324 15.000 ? ? 'X-RAY DIFFRACTION' 
r_chiral_restr         238  0.124  0.200  ? ? 'X-RAY DIFFRACTION' 
r_gen_planes_refined   1177 0.010  0.021  ? ? 'X-RAY DIFFRACTION' 
r_mcbond_it            950  1.077  1.500  ? ? 'X-RAY DIFFRACTION' 
r_mcangle_it           1525 1.992  2.000  ? ? 'X-RAY DIFFRACTION' 
r_scbond_it            590  3.438  3.000  ? ? 'X-RAY DIFFRACTION' 
r_scangle_it           575  5.397  4.500  ? ? 'X-RAY DIFFRACTION' 
# 
_refine_ls_shell.d_res_high                       2.30 
_refine_ls_shell.d_res_low                        2.3620 
_refine_ls_shell.pdbx_total_number_of_bins_used   20 
_refine_ls_shell.percent_reflns_obs               100.0 
_refine_ls_shell.number_reflns_R_work             776 
_refine_ls_shell.R_factor_all                     ? 
_refine_ls_shell.R_factor_R_work                  0.2170 
_refine_ls_shell.R_factor_R_free                  0.2680 
_refine_ls_shell.percent_reflns_R_free            ? 
_refine_ls_shell.number_reflns_R_free             44 
_refine_ls_shell.R_factor_R_free_error            ? 
_refine_ls_shell.number_reflns_all                820 
_refine_ls_shell.number_reflns_obs                ? 
_refine_ls_shell.redundancy_reflns_obs            ? 
_refine_ls_shell.pdbx_refine_id                   'X-RAY DIFFRACTION' 
# 
_struct.entry_id                  4M3G 
_struct.title                     
;Rapid and efficient design of new inhibitors of Mycobacterium tuberculosis transcriptional repressor EthR using fragment growing, merging and linking approaches
;
_struct.pdbx_model_details        ? 
_struct.pdbx_CASP_flag            ? 
_struct.pdbx_model_type_details   ? 
# 
_struct_keywords.entry_id        4M3G 
_struct_keywords.pdbx_keywords   'TRANSCRIPTION REPRESSOR/INHIBITOR' 
_struct_keywords.text            
;helix-turn-helix DNA binding protein, TETR-family, transcriptional regulatory repressor, inhibitor, TRANSCRIPTION REPRESSOR-INHIBITOR complex
;
# 
loop_
_struct_asym.id 
_struct_asym.pdbx_blank_PDB_chainid_flag 
_struct_asym.pdbx_modified 
_struct_asym.entity_id 
_struct_asym.details 
A N N 1 ? 
B N N 2 ? 
C N N 3 ? 
# 
_struct_ref.id                         1 
_struct_ref.db_name                    UNP 
_struct_ref.db_code                    ETHR_MYCTU 
_struct_ref.pdbx_db_accession          P96222 
_struct_ref.entity_id                  1 
_struct_ref.pdbx_seq_one_letter_code   
;MTTSAASQASLPRGRRTARPSGDDRELAILATAENLLEDRPLADISVDDLAKGAGISRPTFYFYFPSKEAVLLTLLDRVV
NQADMALQTLAENPADTDRENMWRTGINVFFETFGSHKAVTRAGQAARATSVEVAELWSTFMQKWIAYTAAVIDAERDRG
AAPRTLPAHELATALNLMNERTLFASFAGEQPSVPEARVLDTLVHIWVTSIYGENR
;
_struct_ref.pdbx_align_begin           1 
_struct_ref.pdbx_db_isoform            ? 
# 
_struct_ref_seq.align_id                      1 
_struct_ref_seq.ref_id                        1 
_struct_ref_seq.pdbx_PDB_id_code              4M3G 
_struct_ref_seq.pdbx_strand_id                A 
_struct_ref_seq.seq_align_beg                 1 
_struct_ref_seq.pdbx_seq_align_beg_ins_code   ? 
_struct_ref_seq.seq_align_end                 216 
_struct_ref_seq.pdbx_seq_align_end_ins_code   ? 
_struct_ref_seq.pdbx_db_accession             P96222 
_struct_ref_seq.db_align_beg                  1 
_struct_ref_seq.pdbx_db_align_beg_ins_code    ? 
_struct_ref_seq.db_align_end                  216 
_struct_ref_seq.pdbx_db_align_end_ins_code    ? 
_struct_ref_seq.pdbx_auth_seq_align_beg       1 
_struct_ref_seq.pdbx_auth_seq_align_end       216 
# 
_pdbx_struct_assembly.id                   1 
_pdbx_struct_assembly.details              author_and_software_defined_assembly 
_pdbx_struct_assembly.method_details       PISA 
_pdbx_struct_assembly.oligomeric_details   dimeric 
_pdbx_struct_assembly.oligomeric_count     2 
# 
loop_
_pdbx_struct_assembly_prop.biol_id 
_pdbx_struct_assembly_prop.type 
_pdbx_struct_assembly_prop.value 
_pdbx_struct_assembly_prop.details 
1 'ABSA (A^2)' 2870  ? 
1 MORE         -21   ? 
1 'SSA (A^2)'  17240 ? 
# 
_pdbx_struct_assembly_gen.assembly_id       1 
_pdbx_struct_assembly_gen.oper_expression   1,2 
_pdbx_struct_assembly_gen.asym_id_list      A,B,C 
# 
loop_
_pdbx_struct_oper_list.id 
_pdbx_struct_oper_list.type 
_pdbx_struct_oper_list.name 
_pdbx_struct_oper_list.symmetry_operation 
_pdbx_struct_oper_list.matrix[1][1] 
_pdbx_struct_oper_list.matrix[1][2] 
_pdbx_struct_oper_list.matrix[1][3] 
_pdbx_struct_oper_list.vector[1] 
_pdbx_struct_oper_list.matrix[2][1] 
_pdbx_struct_oper_list.matrix[2][2] 
_pdbx_struct_oper_list.matrix[2][3] 
_pdbx_struct_oper_list.vector[2] 
_pdbx_struct_oper_list.matrix[3][1] 
_pdbx_struct_oper_list.matrix[3][2] 
_pdbx_struct_oper_list.matrix[3][3] 
_pdbx_struct_oper_list.vector[3] 
1 'identity operation'         1_555 x,y,z  1.0000000000 0.0000000000 0.0000000000 0.0000000000  0.0000000000 1.0000000000  0.0000000000 0.0000000000  0.0000000000 0.0000000000 1.0000000000  0.0000000000  
2 'crystal symmetry operation' 7_555 y,x,-z 0.9334454720 0.2523681702 0.2549310838 -1.8703559895 0.2523681702 -0.9670589658 0.0332755654 23.6572641076 0.2549310838 0.0332755654 -0.9663865061 -9.2342961907 
# 
_struct_biol.id        1 
_struct_biol.details   ? 
# 
loop_
_struct_conf.conf_type_id 
_struct_conf.id 
_struct_conf.pdbx_PDB_helix_id 
_struct_conf.beg_label_comp_id 
_struct_conf.beg_label_asym_id 
_struct_conf.beg_label_seq_id 
_struct_conf.pdbx_beg_PDB_ins_code 
_struct_conf.end_label_comp_id 
_struct_conf.end_label_asym_id 
_struct_conf.end_label_seq_id 
_struct_conf.pdbx_end_PDB_ins_code 
_struct_conf.beg_auth_comp_id 
_struct_conf.beg_auth_asym_id 
_struct_conf.beg_auth_seq_id 
_struct_conf.end_auth_comp_id 
_struct_conf.end_auth_asym_id 
_struct_conf.end_auth_seq_id 
_struct_conf.pdbx_PDB_helix_class 
_struct_conf.details 
_struct_conf.pdbx_PDB_helix_length 
HELX_P HELX_P1  1  ASP A 23  ? ARG A 40  ? ASP A 23  ARG A 40  1 ? 18 
HELX_P HELX_P2  2  PRO A 41  ? ILE A 45  ? PRO A 41  ILE A 45  5 ? 5  
HELX_P HELX_P3  3  SER A 46  ? GLY A 55  ? SER A 46  GLY A 55  1 ? 10 
HELX_P HELX_P4  4  SER A 57  ? PHE A 65  ? SER A 57  PHE A 65  1 ? 9  
HELX_P HELX_P5  5  SER A 67  ? ASN A 93  ? SER A 67  ASN A 93  1 ? 27 
HELX_P HELX_P6  6  ASP A 98  ? SER A 116 ? ASP A 98  SER A 116 1 ? 19 
HELX_P HELX_P7  7  HIS A 117 ? SER A 131 ? HIS A 117 SER A 131 1 ? 15 
HELX_P HELX_P8  8  SER A 131 ? ARG A 159 ? SER A 131 ARG A 159 1 ? 29 
HELX_P HELX_P9  9  PRO A 167 ? ALA A 188 ? PRO A 167 ALA A 188 1 ? 22 
HELX_P HELX_P10 10 PRO A 195 ? GLY A 213 ? PRO A 195 GLY A 213 1 ? 19 
# 
_struct_conf_type.id          HELX_P 
_struct_conf_type.criteria    ? 
_struct_conf_type.reference   ? 
# 
_struct_mon_prot_cis.pdbx_id                1 
_struct_mon_prot_cis.label_comp_id          GLN 
_struct_mon_prot_cis.label_seq_id           191 
_struct_mon_prot_cis.label_asym_id          A 
_struct_mon_prot_cis.label_alt_id           . 
_struct_mon_prot_cis.pdbx_PDB_ins_code      ? 
_struct_mon_prot_cis.auth_comp_id           GLN 
_struct_mon_prot_cis.auth_seq_id            191 
_struct_mon_prot_cis.auth_asym_id           A 
_struct_mon_prot_cis.pdbx_label_comp_id_2   PRO 
_struct_mon_prot_cis.pdbx_label_seq_id_2    192 
_struct_mon_prot_cis.pdbx_label_asym_id_2   A 
_struct_mon_prot_cis.pdbx_PDB_ins_code_2    ? 
_struct_mon_prot_cis.pdbx_auth_comp_id_2    PRO 
_struct_mon_prot_cis.pdbx_auth_seq_id_2     192 
_struct_mon_prot_cis.pdbx_auth_asym_id_2    A 
_struct_mon_prot_cis.pdbx_PDB_model_num     1 
_struct_mon_prot_cis.pdbx_omega_angle       0.81 
# 
_struct_site.id                   AC1 
_struct_site.pdbx_evidence_code   Software 
_struct_site.pdbx_auth_asym_id    A 
_struct_site.pdbx_auth_comp_id    2G1 
_struct_site.pdbx_auth_seq_id     301 
_struct_site.pdbx_auth_ins_code   ? 
_struct_site.pdbx_num_residues    14 
_struct_site.details              'BINDING SITE FOR RESIDUE 2G1 A 301' 
# 
loop_
_struct_site_gen.id 
_struct_site_gen.site_id 
_struct_site_gen.pdbx_num_res 
_struct_site_gen.label_comp_id 
_struct_site_gen.label_asym_id 
_struct_site_gen.label_seq_id 
_struct_site_gen.pdbx_auth_ins_code 
_struct_site_gen.auth_comp_id 
_struct_site_gen.auth_asym_id 
_struct_site_gen.auth_seq_id 
_struct_site_gen.label_atom_id 
_struct_site_gen.label_alt_id 
_struct_site_gen.symmetry 
_struct_site_gen.details 
1  AC1 14 MET A 102 ? MET A 102 . ? 1_555 ? 
2  AC1 14 TRP A 103 ? TRP A 103 . ? 1_555 ? 
3  AC1 14 GLY A 106 ? GLY A 106 . ? 1_555 ? 
4  AC1 14 PHE A 110 ? PHE A 110 . ? 1_555 ? 
5  AC1 14 TRP A 138 ? TRP A 138 . ? 1_555 ? 
6  AC1 14 TRP A 145 ? TRP A 145 . ? 1_555 ? 
7  AC1 14 TYR A 148 ? TYR A 148 . ? 1_555 ? 
8  AC1 14 THR A 149 ? THR A 149 . ? 1_555 ? 
9  AC1 14 ASN A 176 ? ASN A 176 . ? 1_555 ? 
10 AC1 14 ASN A 179 ? ASN A 179 . ? 1_555 ? 
11 AC1 14 GLU A 180 ? GLU A 180 . ? 1_555 ? 
12 AC1 14 LEU A 183 ? LEU A 183 . ? 1_555 ? 
13 AC1 14 PHE A 184 ? PHE A 184 . ? 1_555 ? 
14 AC1 14 TRP A 207 ? TRP A 207 . ? 1_555 ? 
# 
_pdbx_validate_close_contact.id               1 
_pdbx_validate_close_contact.PDB_model_num    1 
_pdbx_validate_close_contact.auth_atom_id_1   OE1 
_pdbx_validate_close_contact.auth_asym_id_1   A 
_pdbx_validate_close_contact.auth_comp_id_1   GLU 
_pdbx_validate_close_contact.auth_seq_id_1    156 
_pdbx_validate_close_contact.PDB_ins_code_1   ? 
_pdbx_validate_close_contact.label_alt_id_1   ? 
_pdbx_validate_close_contact.auth_atom_id_2   NH1 
_pdbx_validate_close_contact.auth_asym_id_2   A 
_pdbx_validate_close_contact.auth_comp_id_2   ARG 
_pdbx_validate_close_contact.auth_seq_id_2    159 
_pdbx_validate_close_contact.PDB_ins_code_2   ? 
_pdbx_validate_close_contact.label_alt_id_2   ? 
_pdbx_validate_close_contact.dist             2.07 
# 
loop_
_pdbx_validate_torsion.id 
_pdbx_validate_torsion.PDB_model_num 
_pdbx_validate_torsion.auth_comp_id 
_pdbx_validate_torsion.auth_asym_id 
_pdbx_validate_torsion.auth_seq_id 
_pdbx_validate_torsion.PDB_ins_code 
_pdbx_validate_torsion.label_alt_id 
_pdbx_validate_torsion.phi 
_pdbx_validate_torsion.psi 
1 1 HIS A 117 ? ? -140.10 56.83   
2 1 THR A 165 ? ? -111.05 -107.04 
# 
_pdbx_phasing_MR.entry_id                     4M3G 
_pdbx_phasing_MR.method_rotation              ? 
_pdbx_phasing_MR.method_translation           ? 
_pdbx_phasing_MR.model_details                ? 
_pdbx_phasing_MR.R_factor                     ? 
_pdbx_phasing_MR.R_rigid_body                 ? 
_pdbx_phasing_MR.correlation_coeff_Fo_to_Fc   ? 
_pdbx_phasing_MR.correlation_coeff_Io_to_Ic   ? 
_pdbx_phasing_MR.d_res_high_rotation          2.580 
_pdbx_phasing_MR.d_res_low_rotation           38.530 
_pdbx_phasing_MR.d_res_high_translation       2.580 
_pdbx_phasing_MR.d_res_low_translation        38.530 
_pdbx_phasing_MR.packing                      ? 
_pdbx_phasing_MR.reflns_percent_rotation      ? 
_pdbx_phasing_MR.reflns_percent_translation   ? 
_pdbx_phasing_MR.sigma_F_rotation             ? 
_pdbx_phasing_MR.sigma_F_translation          ? 
_pdbx_phasing_MR.sigma_I_rotation             ? 
_pdbx_phasing_MR.sigma_I_translation          ? 
# 
_phasing.method   MR 
# 
loop_
_pdbx_unobs_or_zero_occ_residues.id 
_pdbx_unobs_or_zero_occ_residues.PDB_model_num 
_pdbx_unobs_or_zero_occ_residues.polymer_flag 
_pdbx_unobs_or_zero_occ_residues.occupancy_flag 
_pdbx_unobs_or_zero_occ_residues.auth_asym_id 
_pdbx_unobs_or_zero_occ_residues.auth_comp_id 
_pdbx_unobs_or_zero_occ_residues.auth_seq_id 
_pdbx_unobs_or_zero_occ_residues.PDB_ins_code 
_pdbx_unobs_or_zero_occ_residues.label_asym_id 
_pdbx_unobs_or_zero_occ_residues.label_comp_id 
_pdbx_unobs_or_zero_occ_residues.label_seq_id 
1  1 Y 1 A MET 1   ? A MET 1   
2  1 Y 1 A THR 2   ? A THR 2   
3  1 Y 1 A THR 3   ? A THR 3   
4  1 Y 1 A SER 4   ? A SER 4   
5  1 Y 1 A ALA 5   ? A ALA 5   
6  1 Y 1 A ALA 6   ? A ALA 6   
7  1 Y 1 A SER 7   ? A SER 7   
8  1 Y 1 A GLN 8   ? A GLN 8   
9  1 Y 1 A ALA 9   ? A ALA 9   
10 1 Y 1 A SER 10  ? A SER 10  
11 1 Y 1 A LEU 11  ? A LEU 11  
12 1 Y 1 A PRO 12  ? A PRO 12  
13 1 Y 1 A ARG 13  ? A ARG 13  
14 1 Y 1 A GLY 14  ? A GLY 14  
15 1 Y 1 A ARG 15  ? A ARG 15  
16 1 Y 1 A ARG 16  ? A ARG 16  
17 1 Y 1 A THR 17  ? A THR 17  
18 1 Y 1 A ALA 18  ? A ALA 18  
19 1 Y 1 A ARG 19  ? A ARG 19  
20 1 Y 1 A PRO 20  ? A PRO 20  
21 1 Y 1 A SER 21  ? A SER 21  
22 1 Y 1 A ALA 95  ? A ALA 95  
23 1 Y 1 A ASP 96  ? A ASP 96  
24 1 Y 1 A ASN 215 ? A ASN 215 
25 1 Y 1 A ARG 216 ? A ARG 216 
# 
loop_
_chem_comp_atom.comp_id 
_chem_comp_atom.atom_id 
_chem_comp_atom.type_symbol 
_chem_comp_atom.pdbx_aromatic_flag 
_chem_comp_atom.pdbx_stereo_config 
_chem_comp_atom.pdbx_ordinal 
2G1 C01  C N N 1   
2G1 C02  C Y N 2   
2G1 N03  N Y N 3   
2G1 C04  C Y N 4   
2G1 C05  C Y N 5   
2G1 S06  S Y N 6   
2G1 C07  C Y N 7   
2G1 C08  C Y N 8   
2G1 C09  C Y N 9   
2G1 C10  C Y N 10  
2G1 C11  C Y N 11  
2G1 C12  C Y N 12  
2G1 S13  S N N 13  
2G1 O14  O N N 14  
2G1 O15  O N N 15  
2G1 N16  N N N 16  
2G1 C17  C N N 17  
2G1 C18  C N N 18  
2G1 C19  C N N 19  
2G1 F20  F N N 20  
2G1 F21  F N N 21  
2G1 F22  F N N 22  
2G1 H1   H N N 23  
2G1 H2   H N N 24  
2G1 H3   H N N 25  
2G1 H4   H N N 26  
2G1 H5   H N N 27  
2G1 H6   H N N 28  
2G1 H7   H N N 29  
2G1 H8   H N N 30  
2G1 H9   H N N 31  
2G1 H10  H N N 32  
2G1 H11  H N N 33  
2G1 H12  H N N 34  
2G1 H13  H N N 35  
ALA N    N N N 36  
ALA CA   C N S 37  
ALA C    C N N 38  
ALA O    O N N 39  
ALA CB   C N N 40  
ALA OXT  O N N 41  
ALA H    H N N 42  
ALA H2   H N N 43  
ALA HA   H N N 44  
ALA HB1  H N N 45  
ALA HB2  H N N 46  
ALA HB3  H N N 47  
ALA HXT  H N N 48  
ARG N    N N N 49  
ARG CA   C N S 50  
ARG C    C N N 51  
ARG O    O N N 52  
ARG CB   C N N 53  
ARG CG   C N N 54  
ARG CD   C N N 55  
ARG NE   N N N 56  
ARG CZ   C N N 57  
ARG NH1  N N N 58  
ARG NH2  N N N 59  
ARG OXT  O N N 60  
ARG H    H N N 61  
ARG H2   H N N 62  
ARG HA   H N N 63  
ARG HB2  H N N 64  
ARG HB3  H N N 65  
ARG HG2  H N N 66  
ARG HG3  H N N 67  
ARG HD2  H N N 68  
ARG HD3  H N N 69  
ARG HE   H N N 70  
ARG HH11 H N N 71  
ARG HH12 H N N 72  
ARG HH21 H N N 73  
ARG HH22 H N N 74  
ARG HXT  H N N 75  
ASN N    N N N 76  
ASN CA   C N S 77  
ASN C    C N N 78  
ASN O    O N N 79  
ASN CB   C N N 80  
ASN CG   C N N 81  
ASN OD1  O N N 82  
ASN ND2  N N N 83  
ASN OXT  O N N 84  
ASN H    H N N 85  
ASN H2   H N N 86  
ASN HA   H N N 87  
ASN HB2  H N N 88  
ASN HB3  H N N 89  
ASN HD21 H N N 90  
ASN HD22 H N N 91  
ASN HXT  H N N 92  
ASP N    N N N 93  
ASP CA   C N S 94  
ASP C    C N N 95  
ASP O    O N N 96  
ASP CB   C N N 97  
ASP CG   C N N 98  
ASP OD1  O N N 99  
ASP OD2  O N N 100 
ASP OXT  O N N 101 
ASP H    H N N 102 
ASP H2   H N N 103 
ASP HA   H N N 104 
ASP HB2  H N N 105 
ASP HB3  H N N 106 
ASP HD2  H N N 107 
ASP HXT  H N N 108 
GLN N    N N N 109 
GLN CA   C N S 110 
GLN C    C N N 111 
GLN O    O N N 112 
GLN CB   C N N 113 
GLN CG   C N N 114 
GLN CD   C N N 115 
GLN OE1  O N N 116 
GLN NE2  N N N 117 
GLN OXT  O N N 118 
GLN H    H N N 119 
GLN H2   H N N 120 
GLN HA   H N N 121 
GLN HB2  H N N 122 
GLN HB3  H N N 123 
GLN HG2  H N N 124 
GLN HG3  H N N 125 
GLN HE21 H N N 126 
GLN HE22 H N N 127 
GLN HXT  H N N 128 
GLU N    N N N 129 
GLU CA   C N S 130 
GLU C    C N N 131 
GLU O    O N N 132 
GLU CB   C N N 133 
GLU CG   C N N 134 
GLU CD   C N N 135 
GLU OE1  O N N 136 
GLU OE2  O N N 137 
GLU OXT  O N N 138 
GLU H    H N N 139 
GLU H2   H N N 140 
GLU HA   H N N 141 
GLU HB2  H N N 142 
GLU HB3  H N N 143 
GLU HG2  H N N 144 
GLU HG3  H N N 145 
GLU HE2  H N N 146 
GLU HXT  H N N 147 
GLY N    N N N 148 
GLY CA   C N N 149 
GLY C    C N N 150 
GLY O    O N N 151 
GLY OXT  O N N 152 
GLY H    H N N 153 
GLY H2   H N N 154 
GLY HA2  H N N 155 
GLY HA3  H N N 156 
GLY HXT  H N N 157 
HIS N    N N N 158 
HIS CA   C N S 159 
HIS C    C N N 160 
HIS O    O N N 161 
HIS CB   C N N 162 
HIS CG   C Y N 163 
HIS ND1  N Y N 164 
HIS CD2  C Y N 165 
HIS CE1  C Y N 166 
HIS NE2  N Y N 167 
HIS OXT  O N N 168 
HIS H    H N N 169 
HIS H2   H N N 170 
HIS HA   H N N 171 
HIS HB2  H N N 172 
HIS HB3  H N N 173 
HIS HD1  H N N 174 
HIS HD2  H N N 175 
HIS HE1  H N N 176 
HIS HE2  H N N 177 
HIS HXT  H N N 178 
HOH O    O N N 179 
HOH H1   H N N 180 
HOH H2   H N N 181 
ILE N    N N N 182 
ILE CA   C N S 183 
ILE C    C N N 184 
ILE O    O N N 185 
ILE CB   C N S 186 
ILE CG1  C N N 187 
ILE CG2  C N N 188 
ILE CD1  C N N 189 
ILE OXT  O N N 190 
ILE H    H N N 191 
ILE H2   H N N 192 
ILE HA   H N N 193 
ILE HB   H N N 194 
ILE HG12 H N N 195 
ILE HG13 H N N 196 
ILE HG21 H N N 197 
ILE HG22 H N N 198 
ILE HG23 H N N 199 
ILE HD11 H N N 200 
ILE HD12 H N N 201 
ILE HD13 H N N 202 
ILE HXT  H N N 203 
LEU N    N N N 204 
LEU CA   C N S 205 
LEU C    C N N 206 
LEU O    O N N 207 
LEU CB   C N N 208 
LEU CG   C N N 209 
LEU CD1  C N N 210 
LEU CD2  C N N 211 
LEU OXT  O N N 212 
LEU H    H N N 213 
LEU H2   H N N 214 
LEU HA   H N N 215 
LEU HB2  H N N 216 
LEU HB3  H N N 217 
LEU HG   H N N 218 
LEU HD11 H N N 219 
LEU HD12 H N N 220 
LEU HD13 H N N 221 
LEU HD21 H N N 222 
LEU HD22 H N N 223 
LEU HD23 H N N 224 
LEU HXT  H N N 225 
LYS N    N N N 226 
LYS CA   C N S 227 
LYS C    C N N 228 
LYS O    O N N 229 
LYS CB   C N N 230 
LYS CG   C N N 231 
LYS CD   C N N 232 
LYS CE   C N N 233 
LYS NZ   N N N 234 
LYS OXT  O N N 235 
LYS H    H N N 236 
LYS H2   H N N 237 
LYS HA   H N N 238 
LYS HB2  H N N 239 
LYS HB3  H N N 240 
LYS HG2  H N N 241 
LYS HG3  H N N 242 
LYS HD2  H N N 243 
LYS HD3  H N N 244 
LYS HE2  H N N 245 
LYS HE3  H N N 246 
LYS HZ1  H N N 247 
LYS HZ2  H N N 248 
LYS HZ3  H N N 249 
LYS HXT  H N N 250 
MET N    N N N 251 
MET CA   C N S 252 
MET C    C N N 253 
MET O    O N N 254 
MET CB   C N N 255 
MET CG   C N N 256 
MET SD   S N N 257 
MET CE   C N N 258 
MET OXT  O N N 259 
MET H    H N N 260 
MET H2   H N N 261 
MET HA   H N N 262 
MET HB2  H N N 263 
MET HB3  H N N 264 
MET HG2  H N N 265 
MET HG3  H N N 266 
MET HE1  H N N 267 
MET HE2  H N N 268 
MET HE3  H N N 269 
MET HXT  H N N 270 
PHE N    N N N 271 
PHE CA   C N S 272 
PHE C    C N N 273 
PHE O    O N N 274 
PHE CB   C N N 275 
PHE CG   C Y N 276 
PHE CD1  C Y N 277 
PHE CD2  C Y N 278 
PHE CE1  C Y N 279 
PHE CE2  C Y N 280 
PHE CZ   C Y N 281 
PHE OXT  O N N 282 
PHE H    H N N 283 
PHE H2   H N N 284 
PHE HA   H N N 285 
PHE HB2  H N N 286 
PHE HB3  H N N 287 
PHE HD1  H N N 288 
PHE HD2  H N N 289 
PHE HE1  H N N 290 
PHE HE2  H N N 291 
PHE HZ   H N N 292 
PHE HXT  H N N 293 
PRO N    N N N 294 
PRO CA   C N S 295 
PRO C    C N N 296 
PRO O    O N N 297 
PRO CB   C N N 298 
PRO CG   C N N 299 
PRO CD   C N N 300 
PRO OXT  O N N 301 
PRO H    H N N 302 
PRO HA   H N N 303 
PRO HB2  H N N 304 
PRO HB3  H N N 305 
PRO HG2  H N N 306 
PRO HG3  H N N 307 
PRO HD2  H N N 308 
PRO HD3  H N N 309 
PRO HXT  H N N 310 
SER N    N N N 311 
SER CA   C N S 312 
SER C    C N N 313 
SER O    O N N 314 
SER CB   C N N 315 
SER OG   O N N 316 
SER OXT  O N N 317 
SER H    H N N 318 
SER H2   H N N 319 
SER HA   H N N 320 
SER HB2  H N N 321 
SER HB3  H N N 322 
SER HG   H N N 323 
SER HXT  H N N 324 
THR N    N N N 325 
THR CA   C N S 326 
THR C    C N N 327 
THR O    O N N 328 
THR CB   C N R 329 
THR OG1  O N N 330 
THR CG2  C N N 331 
THR OXT  O N N 332 
THR H    H N N 333 
THR H2   H N N 334 
THR HA   H N N 335 
THR HB   H N N 336 
THR HG1  H N N 337 
THR HG21 H N N 338 
THR HG22 H N N 339 
THR HG23 H N N 340 
THR HXT  H N N 341 
TRP N    N N N 342 
TRP CA   C N S 343 
TRP C    C N N 344 
TRP O    O N N 345 
TRP CB   C N N 346 
TRP CG   C Y N 347 
TRP CD1  C Y N 348 
TRP CD2  C Y N 349 
TRP NE1  N Y N 350 
TRP CE2  C Y N 351 
TRP CE3  C Y N 352 
TRP CZ2  C Y N 353 
TRP CZ3  C Y N 354 
TRP CH2  C Y N 355 
TRP OXT  O N N 356 
TRP H    H N N 357 
TRP H2   H N N 358 
TRP HA   H N N 359 
TRP HB2  H N N 360 
TRP HB3  H N N 361 
TRP HD1  H N N 362 
TRP HE1  H N N 363 
TRP HE3  H N N 364 
TRP HZ2  H N N 365 
TRP HZ3  H N N 366 
TRP HH2  H N N 367 
TRP HXT  H N N 368 
TYR N    N N N 369 
TYR CA   C N S 370 
TYR C    C N N 371 
TYR O    O N N 372 
TYR CB   C N N 373 
TYR CG   C Y N 374 
TYR CD1  C Y N 375 
TYR CD2  C Y N 376 
TYR CE1  C Y N 377 
TYR CE2  C Y N 378 
TYR CZ   C Y N 379 
TYR OH   O N N 380 
TYR OXT  O N N 381 
TYR H    H N N 382 
TYR H2   H N N 383 
TYR HA   H N N 384 
TYR HB2  H N N 385 
TYR HB3  H N N 386 
TYR HD1  H N N 387 
TYR HD2  H N N 388 
TYR HE1  H N N 389 
TYR HE2  H N N 390 
TYR HH   H N N 391 
TYR HXT  H N N 392 
VAL N    N N N 393 
VAL CA   C N S 394 
VAL C    C N N 395 
VAL O    O N N 396 
VAL CB   C N N 397 
VAL CG1  C N N 398 
VAL CG2  C N N 399 
VAL OXT  O N N 400 
VAL H    H N N 401 
VAL H2   H N N 402 
VAL HA   H N N 403 
VAL HB   H N N 404 
VAL HG11 H N N 405 
VAL HG12 H N N 406 
VAL HG13 H N N 407 
VAL HG21 H N N 408 
VAL HG22 H N N 409 
VAL HG23 H N N 410 
VAL HXT  H N N 411 
# 
loop_
_chem_comp_bond.comp_id 
_chem_comp_bond.atom_id_1 
_chem_comp_bond.atom_id_2 
_chem_comp_bond.value_order 
_chem_comp_bond.pdbx_aromatic_flag 
_chem_comp_bond.pdbx_stereo_config 
_chem_comp_bond.pdbx_ordinal 
2G1 F21 C19  sing N N 1   
2G1 O15 S13  doub N N 2   
2G1 F22 C19  sing N N 3   
2G1 C19 F20  sing N N 4   
2G1 C19 C18  sing N N 5   
2G1 C09 C08  doub Y N 6   
2G1 C09 C10  sing Y N 7   
2G1 S13 O14  doub N N 8   
2G1 S13 N16  sing N N 9   
2G1 S13 C10  sing N N 10  
2G1 C18 C17  sing N N 11  
2G1 C08 C07  sing Y N 12  
2G1 N16 C17  sing N N 13  
2G1 C10 C11  doub Y N 14  
2G1 C01 C02  sing N N 15  
2G1 N03 C02  doub Y N 16  
2G1 N03 C04  sing Y N 17  
2G1 C07 C04  sing N N 18  
2G1 C07 C12  doub Y N 19  
2G1 C11 C12  sing Y N 20  
2G1 C02 S06  sing Y N 21  
2G1 C04 C05  doub Y N 22  
2G1 C05 S06  sing Y N 23  
2G1 C01 H1   sing N N 24  
2G1 C01 H2   sing N N 25  
2G1 C01 H3   sing N N 26  
2G1 C05 H4   sing N N 27  
2G1 C08 H5   sing N N 28  
2G1 C09 H6   sing N N 29  
2G1 C11 H7   sing N N 30  
2G1 C12 H8   sing N N 31  
2G1 N16 H9   sing N N 32  
2G1 C17 H10  sing N N 33  
2G1 C17 H11  sing N N 34  
2G1 C18 H12  sing N N 35  
2G1 C18 H13  sing N N 36  
ALA N   CA   sing N N 37  
ALA N   H    sing N N 38  
ALA N   H2   sing N N 39  
ALA CA  C    sing N N 40  
ALA CA  CB   sing N N 41  
ALA CA  HA   sing N N 42  
ALA C   O    doub N N 43  
ALA C   OXT  sing N N 44  
ALA CB  HB1  sing N N 45  
ALA CB  HB2  sing N N 46  
ALA CB  HB3  sing N N 47  
ALA OXT HXT  sing N N 48  
ARG N   CA   sing N N 49  
ARG N   H    sing N N 50  
ARG N   H2   sing N N 51  
ARG CA  C    sing N N 52  
ARG CA  CB   sing N N 53  
ARG CA  HA   sing N N 54  
ARG C   O    doub N N 55  
ARG C   OXT  sing N N 56  
ARG CB  CG   sing N N 57  
ARG CB  HB2  sing N N 58  
ARG CB  HB3  sing N N 59  
ARG CG  CD   sing N N 60  
ARG CG  HG2  sing N N 61  
ARG CG  HG3  sing N N 62  
ARG CD  NE   sing N N 63  
ARG CD  HD2  sing N N 64  
ARG CD  HD3  sing N N 65  
ARG NE  CZ   sing N N 66  
ARG NE  HE   sing N N 67  
ARG CZ  NH1  sing N N 68  
ARG CZ  NH2  doub N N 69  
ARG NH1 HH11 sing N N 70  
ARG NH1 HH12 sing N N 71  
ARG NH2 HH21 sing N N 72  
ARG NH2 HH22 sing N N 73  
ARG OXT HXT  sing N N 74  
ASN N   CA   sing N N 75  
ASN N   H    sing N N 76  
ASN N   H2   sing N N 77  
ASN CA  C    sing N N 78  
ASN CA  CB   sing N N 79  
ASN CA  HA   sing N N 80  
ASN C   O    doub N N 81  
ASN C   OXT  sing N N 82  
ASN CB  CG   sing N N 83  
ASN CB  HB2  sing N N 84  
ASN CB  HB3  sing N N 85  
ASN CG  OD1  doub N N 86  
ASN CG  ND2  sing N N 87  
ASN ND2 HD21 sing N N 88  
ASN ND2 HD22 sing N N 89  
ASN OXT HXT  sing N N 90  
ASP N   CA   sing N N 91  
ASP N   H    sing N N 92  
ASP N   H2   sing N N 93  
ASP CA  C    sing N N 94  
ASP CA  CB   sing N N 95  
ASP CA  HA   sing N N 96  
ASP C   O    doub N N 97  
ASP C   OXT  sing N N 98  
ASP CB  CG   sing N N 99  
ASP CB  HB2  sing N N 100 
ASP CB  HB3  sing N N 101 
ASP CG  OD1  doub N N 102 
ASP CG  OD2  sing N N 103 
ASP OD2 HD2  sing N N 104 
ASP OXT HXT  sing N N 105 
GLN N   CA   sing N N 106 
GLN N   H    sing N N 107 
GLN N   H2   sing N N 108 
GLN CA  C    sing N N 109 
GLN CA  CB   sing N N 110 
GLN CA  HA   sing N N 111 
GLN C   O    doub N N 112 
GLN C   OXT  sing N N 113 
GLN CB  CG   sing N N 114 
GLN CB  HB2  sing N N 115 
GLN CB  HB3  sing N N 116 
GLN CG  CD   sing N N 117 
GLN CG  HG2  sing N N 118 
GLN CG  HG3  sing N N 119 
GLN CD  OE1  doub N N 120 
GLN CD  NE2  sing N N 121 
GLN NE2 HE21 sing N N 122 
GLN NE2 HE22 sing N N 123 
GLN OXT HXT  sing N N 124 
GLU N   CA   sing N N 125 
GLU N   H    sing N N 126 
GLU N   H2   sing N N 127 
GLU CA  C    sing N N 128 
GLU CA  CB   sing N N 129 
GLU CA  HA   sing N N 130 
GLU C   O    doub N N 131 
GLU C   OXT  sing N N 132 
GLU CB  CG   sing N N 133 
GLU CB  HB2  sing N N 134 
GLU CB  HB3  sing N N 135 
GLU CG  CD   sing N N 136 
GLU CG  HG2  sing N N 137 
GLU CG  HG3  sing N N 138 
GLU CD  OE1  doub N N 139 
GLU CD  OE2  sing N N 140 
GLU OE2 HE2  sing N N 141 
GLU OXT HXT  sing N N 142 
GLY N   CA   sing N N 143 
GLY N   H    sing N N 144 
GLY N   H2   sing N N 145 
GLY CA  C    sing N N 146 
GLY CA  HA2  sing N N 147 
GLY CA  HA3  sing N N 148 
GLY C   O    doub N N 149 
GLY C   OXT  sing N N 150 
GLY OXT HXT  sing N N 151 
HIS N   CA   sing N N 152 
HIS N   H    sing N N 153 
HIS N   H2   sing N N 154 
HIS CA  C    sing N N 155 
HIS CA  CB   sing N N 156 
HIS CA  HA   sing N N 157 
HIS C   O    doub N N 158 
HIS C   OXT  sing N N 159 
HIS CB  CG   sing N N 160 
HIS CB  HB2  sing N N 161 
HIS CB  HB3  sing N N 162 
HIS CG  ND1  sing Y N 163 
HIS CG  CD2  doub Y N 164 
HIS ND1 CE1  doub Y N 165 
HIS ND1 HD1  sing N N 166 
HIS CD2 NE2  sing Y N 167 
HIS CD2 HD2  sing N N 168 
HIS CE1 NE2  sing Y N 169 
HIS CE1 HE1  sing N N 170 
HIS NE2 HE2  sing N N 171 
HIS OXT HXT  sing N N 172 
HOH O   H1   sing N N 173 
HOH O   H2   sing N N 174 
ILE N   CA   sing N N 175 
ILE N   H    sing N N 176 
ILE N   H2   sing N N 177 
ILE CA  C    sing N N 178 
ILE CA  CB   sing N N 179 
ILE CA  HA   sing N N 180 
ILE C   O    doub N N 181 
ILE C   OXT  sing N N 182 
ILE CB  CG1  sing N N 183 
ILE CB  CG2  sing N N 184 
ILE CB  HB   sing N N 185 
ILE CG1 CD1  sing N N 186 
ILE CG1 HG12 sing N N 187 
ILE CG1 HG13 sing N N 188 
ILE CG2 HG21 sing N N 189 
ILE CG2 HG22 sing N N 190 
ILE CG2 HG23 sing N N 191 
ILE CD1 HD11 sing N N 192 
ILE CD1 HD12 sing N N 193 
ILE CD1 HD13 sing N N 194 
ILE OXT HXT  sing N N 195 
LEU N   CA   sing N N 196 
LEU N   H    sing N N 197 
LEU N   H2   sing N N 198 
LEU CA  C    sing N N 199 
LEU CA  CB   sing N N 200 
LEU CA  HA   sing N N 201 
LEU C   O    doub N N 202 
LEU C   OXT  sing N N 203 
LEU CB  CG   sing N N 204 
LEU CB  HB2  sing N N 205 
LEU CB  HB3  sing N N 206 
LEU CG  CD1  sing N N 207 
LEU CG  CD2  sing N N 208 
LEU CG  HG   sing N N 209 
LEU CD1 HD11 sing N N 210 
LEU CD1 HD12 sing N N 211 
LEU CD1 HD13 sing N N 212 
LEU CD2 HD21 sing N N 213 
LEU CD2 HD22 sing N N 214 
LEU CD2 HD23 sing N N 215 
LEU OXT HXT  sing N N 216 
LYS N   CA   sing N N 217 
LYS N   H    sing N N 218 
LYS N   H2   sing N N 219 
LYS CA  C    sing N N 220 
LYS CA  CB   sing N N 221 
LYS CA  HA   sing N N 222 
LYS C   O    doub N N 223 
LYS C   OXT  sing N N 224 
LYS CB  CG   sing N N 225 
LYS CB  HB2  sing N N 226 
LYS CB  HB3  sing N N 227 
LYS CG  CD   sing N N 228 
LYS CG  HG2  sing N N 229 
LYS CG  HG3  sing N N 230 
LYS CD  CE   sing N N 231 
LYS CD  HD2  sing N N 232 
LYS CD  HD3  sing N N 233 
LYS CE  NZ   sing N N 234 
LYS CE  HE2  sing N N 235 
LYS CE  HE3  sing N N 236 
LYS NZ  HZ1  sing N N 237 
LYS NZ  HZ2  sing N N 238 
LYS NZ  HZ3  sing N N 239 
LYS OXT HXT  sing N N 240 
MET N   CA   sing N N 241 
MET N   H    sing N N 242 
MET N   H2   sing N N 243 
MET CA  C    sing N N 244 
MET CA  CB   sing N N 245 
MET CA  HA   sing N N 246 
MET C   O    doub N N 247 
MET C   OXT  sing N N 248 
MET CB  CG   sing N N 249 
MET CB  HB2  sing N N 250 
MET CB  HB3  sing N N 251 
MET CG  SD   sing N N 252 
MET CG  HG2  sing N N 253 
MET CG  HG3  sing N N 254 
MET SD  CE   sing N N 255 
MET CE  HE1  sing N N 256 
MET CE  HE2  sing N N 257 
MET CE  HE3  sing N N 258 
MET OXT HXT  sing N N 259 
PHE N   CA   sing N N 260 
PHE N   H    sing N N 261 
PHE N   H2   sing N N 262 
PHE CA  C    sing N N 263 
PHE CA  CB   sing N N 264 
PHE CA  HA   sing N N 265 
PHE C   O    doub N N 266 
PHE C   OXT  sing N N 267 
PHE CB  CG   sing N N 268 
PHE CB  HB2  sing N N 269 
PHE CB  HB3  sing N N 270 
PHE CG  CD1  doub Y N 271 
PHE CG  CD2  sing Y N 272 
PHE CD1 CE1  sing Y N 273 
PHE CD1 HD1  sing N N 274 
PHE CD2 CE2  doub Y N 275 
PHE CD2 HD2  sing N N 276 
PHE CE1 CZ   doub Y N 277 
PHE CE1 HE1  sing N N 278 
PHE CE2 CZ   sing Y N 279 
PHE CE2 HE2  sing N N 280 
PHE CZ  HZ   sing N N 281 
PHE OXT HXT  sing N N 282 
PRO N   CA   sing N N 283 
PRO N   CD   sing N N 284 
PRO N   H    sing N N 285 
PRO CA  C    sing N N 286 
PRO CA  CB   sing N N 287 
PRO CA  HA   sing N N 288 
PRO C   O    doub N N 289 
PRO C   OXT  sing N N 290 
PRO CB  CG   sing N N 291 
PRO CB  HB2  sing N N 292 
PRO CB  HB3  sing N N 293 
PRO CG  CD   sing N N 294 
PRO CG  HG2  sing N N 295 
PRO CG  HG3  sing N N 296 
PRO CD  HD2  sing N N 297 
PRO CD  HD3  sing N N 298 
PRO OXT HXT  sing N N 299 
SER N   CA   sing N N 300 
SER N   H    sing N N 301 
SER N   H2   sing N N 302 
SER CA  C    sing N N 303 
SER CA  CB   sing N N 304 
SER CA  HA   sing N N 305 
SER C   O    doub N N 306 
SER C   OXT  sing N N 307 
SER CB  OG   sing N N 308 
SER CB  HB2  sing N N 309 
SER CB  HB3  sing N N 310 
SER OG  HG   sing N N 311 
SER OXT HXT  sing N N 312 
THR N   CA   sing N N 313 
THR N   H    sing N N 314 
THR N   H2   sing N N 315 
THR CA  C    sing N N 316 
THR CA  CB   sing N N 317 
THR CA  HA   sing N N 318 
THR C   O    doub N N 319 
THR C   OXT  sing N N 320 
THR CB  OG1  sing N N 321 
THR CB  CG2  sing N N 322 
THR CB  HB   sing N N 323 
THR OG1 HG1  sing N N 324 
THR CG2 HG21 sing N N 325 
THR CG2 HG22 sing N N 326 
THR CG2 HG23 sing N N 327 
THR OXT HXT  sing N N 328 
TRP N   CA   sing N N 329 
TRP N   H    sing N N 330 
TRP N   H2   sing N N 331 
TRP CA  C    sing N N 332 
TRP CA  CB   sing N N 333 
TRP CA  HA   sing N N 334 
TRP C   O    doub N N 335 
TRP C   OXT  sing N N 336 
TRP CB  CG   sing N N 337 
TRP CB  HB2  sing N N 338 
TRP CB  HB3  sing N N 339 
TRP CG  CD1  doub Y N 340 
TRP CG  CD2  sing Y N 341 
TRP CD1 NE1  sing Y N 342 
TRP CD1 HD1  sing N N 343 
TRP CD2 CE2  doub Y N 344 
TRP CD2 CE3  sing Y N 345 
TRP NE1 CE2  sing Y N 346 
TRP NE1 HE1  sing N N 347 
TRP CE2 CZ2  sing Y N 348 
TRP CE3 CZ3  doub Y N 349 
TRP CE3 HE3  sing N N 350 
TRP CZ2 CH2  doub Y N 351 
TRP CZ2 HZ2  sing N N 352 
TRP CZ3 CH2  sing Y N 353 
TRP CZ3 HZ3  sing N N 354 
TRP CH2 HH2  sing N N 355 
TRP OXT HXT  sing N N 356 
TYR N   CA   sing N N 357 
TYR N   H    sing N N 358 
TYR N   H2   sing N N 359 
TYR CA  C    sing N N 360 
TYR CA  CB   sing N N 361 
TYR CA  HA   sing N N 362 
TYR C   O    doub N N 363 
TYR C   OXT  sing N N 364 
TYR CB  CG   sing N N 365 
TYR CB  HB2  sing N N 366 
TYR CB  HB3  sing N N 367 
TYR CG  CD1  doub Y N 368 
TYR CG  CD2  sing Y N 369 
TYR CD1 CE1  sing Y N 370 
TYR CD1 HD1  sing N N 371 
TYR CD2 CE2  doub Y N 372 
TYR CD2 HD2  sing N N 373 
TYR CE1 CZ   doub Y N 374 
TYR CE1 HE1  sing N N 375 
TYR CE2 CZ   sing Y N 376 
TYR CE2 HE2  sing N N 377 
TYR CZ  OH   sing N N 378 
TYR OH  HH   sing N N 379 
TYR OXT HXT  sing N N 380 
VAL N   CA   sing N N 381 
VAL N   H    sing N N 382 
VAL N   H2   sing N N 383 
VAL CA  C    sing N N 384 
VAL CA  CB   sing N N 385 
VAL CA  HA   sing N N 386 
VAL C   O    doub N N 387 
VAL C   OXT  sing N N 388 
VAL CB  CG1  sing N N 389 
VAL CB  CG2  sing N N 390 
VAL CB  HB   sing N N 391 
VAL CG1 HG11 sing N N 392 
VAL CG1 HG12 sing N N 393 
VAL CG1 HG13 sing N N 394 
VAL CG2 HG21 sing N N 395 
VAL CG2 HG22 sing N N 396 
VAL CG2 HG23 sing N N 397 
VAL OXT HXT  sing N N 398 
# 
_atom_sites.entry_id                    4M3G 
_atom_sites.fract_transf_matrix[1][1]   -0.00616209 
_atom_sites.fract_transf_matrix[1][2]   0.00470676 
_atom_sites.fract_transf_matrix[1][3]   -0.00268884 
_atom_sites.fract_transf_matrix[2][1]   -0.00524961 
_atom_sites.fract_transf_matrix[2][2]   -0.00619631 
_atom_sites.fract_transf_matrix[2][3]   0.00118417 
_atom_sites.fract_transf_matrix[3][1]   -0.00481961 
_atom_sites.fract_transf_matrix[3][2]   0.00930787 
_atom_sites.fract_transf_matrix[3][3]   0.02733852 
_atom_sites.fract_transf_vector[1]      0.144553 
_atom_sites.fract_transf_vector[2]      0.292257 
_atom_sites.fract_transf_vector[3]      0.011619 
# 
loop_
_atom_type.symbol 
C 
F 
N 
O 
S 
# 
loop_
_atom_site.group_PDB 
_atom_site.id 
_atom_site.type_symbol 
_atom_site.label_atom_id 
_atom_site.label_alt_id 
_atom_site.label_comp_id 
_atom_site.label_asym_id 
_atom_site.label_entity_id 
_atom_site.label_seq_id 
_atom_site.pdbx_PDB_ins_code 
_atom_site.Cartn_x 
_atom_site.Cartn_y 
_atom_site.Cartn_z 
_atom_site.occupancy 
_atom_site.B_iso_or_equiv 
_atom_site.pdbx_formal_charge 
_atom_site.auth_seq_id 
_atom_site.auth_comp_id 
_atom_site.auth_asym_id 
_atom_site.auth_atom_id 
_atom_site.pdbx_PDB_model_num 
ATOM   1    N N   . GLY A 1 22  ? -18.266 -21.823 5.601   1.00 70.28 ? 22  GLY A N   1 
ATOM   2    C CA  . GLY A 1 22  ? -17.678 -20.854 4.655   1.00 70.54 ? 22  GLY A CA  1 
ATOM   3    C C   . GLY A 1 22  ? -16.765 -19.793 5.242   1.00 70.76 ? 22  GLY A C   1 
ATOM   4    O O   . GLY A 1 22  ? -17.171 -18.667 5.455   1.00 71.10 ? 22  GLY A O   1 
ATOM   5    N N   . ASP A 1 23  ? -15.523 -20.156 5.519   1.00 70.80 ? 23  ASP A N   1 
ATOM   6    C CA  . ASP A 1 23  ? -14.441 -19.183 5.678   1.00 70.37 ? 23  ASP A CA  1 
ATOM   7    C C   . ASP A 1 23  ? -13.760 -19.270 4.303   1.00 69.07 ? 23  ASP A C   1 
ATOM   8    O O   . ASP A 1 23  ? -13.158 -18.315 3.785   1.00 69.26 ? 23  ASP A O   1 
ATOM   9    C CB  . ASP A 1 23  ? -13.516 -19.622 6.825   1.00 71.17 ? 23  ASP A CB  1 
ATOM   10   C CG  . ASP A 1 23  ? -12.379 -18.631 7.089   1.00 74.18 ? 23  ASP A CG  1 
ATOM   11   O OD1 . ASP A 1 23  ? -12.661 -17.474 7.496   1.00 76.23 ? 23  ASP A OD1 1 
ATOM   12   O OD2 . ASP A 1 23  ? -11.196 -19.024 6.899   1.00 76.21 ? 23  ASP A OD2 1 
ATOM   13   N N   . ASP A 1 24  ? -13.838 -20.492 3.785   1.00 66.82 ? 24  ASP A N   1 
ATOM   14   C CA  . ASP A 1 24  ? -13.876 -20.883 2.383   1.00 64.52 ? 24  ASP A CA  1 
ATOM   15   C C   . ASP A 1 24  ? -14.713 -19.933 1.486   1.00 61.46 ? 24  ASP A C   1 
ATOM   16   O O   . ASP A 1 24  ? -14.199 -19.364 0.520   1.00 60.93 ? 24  ASP A O   1 
ATOM   17   C CB  . ASP A 1 24  ? -14.552 -22.264 2.396   1.00 65.57 ? 24  ASP A CB  1 
ATOM   18   C CG  . ASP A 1 24  ? -14.105 -23.182 1.266   1.00 70.15 ? 24  ASP A CG  1 
ATOM   19   O OD1 . ASP A 1 24  ? -13.936 -22.713 0.113   1.00 73.32 ? 24  ASP A OD1 1 
ATOM   20   O OD2 . ASP A 1 24  ? -13.962 -24.409 1.534   1.00 73.20 ? 24  ASP A OD2 1 
ATOM   21   N N   . ARG A 1 25  ? -16.004 -19.788 1.798   1.00 57.44 ? 25  ARG A N   1 
ATOM   22   C CA  . ARG A 1 25  ? -16.884 -18.926 1.033   1.00 54.24 ? 25  ARG A CA  1 
ATOM   23   C C   . ARG A 1 25  ? -16.491 -17.424 1.124   1.00 50.97 ? 25  ARG A C   1 
ATOM   24   O O   . ARG A 1 25  ? -16.558 -16.685 0.134   1.00 48.26 ? 25  ARG A O   1 
ATOM   25   C CB  . ARG A 1 25  ? -18.321 -19.170 1.455   1.00 54.78 ? 25  ARG A CB  1 
ATOM   26   C CG  . ARG A 1 25  ? -18.782 -20.569 1.090   1.00 58.69 ? 25  ARG A CG  1 
ATOM   27   C CD  . ARG A 1 25  ? -20.300 -20.666 1.092   1.00 65.35 ? 25  ARG A CD  1 
ATOM   28   N NE  . ARG A 1 25  ? -20.857 -21.200 2.337   1.00 69.60 ? 25  ARG A NE  1 
ATOM   29   C CZ  . ARG A 1 25  ? -22.157 -21.426 2.553   1.00 71.20 ? 25  ARG A CZ  1 
ATOM   30   N NH1 . ARG A 1 25  ? -23.067 -21.160 1.616   1.00 71.65 ? 25  ARG A NH1 1 
ATOM   31   N NH2 . ARG A 1 25  ? -22.558 -21.920 3.717   1.00 71.15 ? 25  ARG A NH2 1 
ATOM   32   N N   . GLU A 1 26  ? -16.060 -16.999 2.312   1.00 47.39 ? 26  GLU A N   1 
ATOM   33   C CA  . GLU A 1 26  ? -15.541 -15.658 2.482   1.00 44.98 ? 26  GLU A CA  1 
ATOM   34   C C   . GLU A 1 26  ? -14.304 -15.399 1.593   1.00 42.82 ? 26  GLU A C   1 
ATOM   35   O O   . GLU A 1 26  ? -14.281 -14.434 0.861   1.00 40.26 ? 26  GLU A O   1 
ATOM   36   C CB  . GLU A 1 26  ? -15.254 -15.383 3.943   1.00 44.88 ? 26  GLU A CB  1 
ATOM   37   C CG  . GLU A 1 26  ? -14.816 -13.990 4.177   1.00 48.08 ? 26  GLU A CG  1 
ATOM   38   C CD  . GLU A 1 26  ? -14.624 -13.693 5.632   1.00 53.12 ? 26  GLU A CD  1 
ATOM   39   O OE1 . GLU A 1 26  ? -15.623 -13.765 6.375   1.00 57.23 ? 26  GLU A OE1 1 
ATOM   40   O OE2 . GLU A 1 26  ? -13.488 -13.364 6.032   1.00 53.68 ? 26  GLU A OE2 1 
ATOM   41   N N   . LEU A 1 27  ? -13.317 -16.302 1.633   1.00 42.00 ? 27  LEU A N   1 
ATOM   42   C CA  . LEU A 1 27  ? -12.117 -16.226 0.802   1.00 40.78 ? 27  LEU A CA  1 
ATOM   43   C C   . LEU A 1 27  ? -12.457 -16.254 -0.696  1.00 39.79 ? 27  LEU A C   1 
ATOM   44   O O   . LEU A 1 27  ? -11.873 -15.464 -1.500  1.00 38.84 ? 27  LEU A O   1 
ATOM   45   C CB  . LEU A 1 27  ? -11.111 -17.326 1.174   1.00 42.02 ? 27  LEU A CB  1 
ATOM   46   C CG  . LEU A 1 27  ? -9.938  -17.112 2.186   1.00 43.78 ? 27  LEU A CG  1 
ATOM   47   C CD1 . LEU A 1 27  ? -10.310 -16.416 3.527   1.00 43.01 ? 27  LEU A CD1 1 
ATOM   48   C CD2 . LEU A 1 27  ? -9.182  -18.486 2.440   1.00 43.38 ? 27  LEU A CD2 1 
ATOM   49   N N   . ALA A 1 28  ? -13.400 -17.141 -1.055  1.00 37.50 ? 28  ALA A N   1 
ATOM   50   C CA  . ALA A 1 28  ? -14.019 -17.151 -2.393  1.00 36.19 ? 28  ALA A CA  1 
ATOM   51   C C   . ALA A 1 28  ? -14.625 -15.815 -2.778  1.00 34.45 ? 28  ALA A C   1 
ATOM   52   O O   . ALA A 1 28  ? -14.492 -15.387 -3.910  1.00 36.03 ? 28  ALA A O   1 
ATOM   53   C CB  . ALA A 1 28  ? -15.113 -18.327 -2.569  1.00 34.77 ? 28  ALA A CB  1 
ATOM   54   N N   . ILE A 1 29  ? -15.329 -15.163 -1.876  1.00 32.69 ? 29  ILE A N   1 
ATOM   55   C CA  . ILE A 1 29  ? -15.901 -13.874 -2.229  1.00 31.41 ? 29  ILE A CA  1 
ATOM   56   C C   . ILE A 1 29  ? -14.749 -12.861 -2.482  1.00 31.54 ? 29  ILE A C   1 
ATOM   57   O O   . ILE A 1 29  ? -14.776 -12.127 -3.458  1.00 31.75 ? 29  ILE A O   1 
ATOM   58   C CB  . ILE A 1 29  ? -16.863 -13.355 -1.112  1.00 31.22 ? 29  ILE A CB  1 
ATOM   59   C CG1 . ILE A 1 29  ? -18.160 -14.180 -1.043  1.00 29.02 ? 29  ILE A CG1 1 
ATOM   60   C CG2 . ILE A 1 29  ? -17.156 -11.804 -1.233  1.00 28.32 ? 29  ILE A CG2 1 
ATOM   61   C CD1 . ILE A 1 29  ? -19.006 -13.820 0.214   1.00 22.88 ? 29  ILE A CD1 1 
ATOM   62   N N   . LEU A 1 30  ? -13.763 -12.841 -1.581  1.00 31.36 ? 30  LEU A N   1 
ATOM   63   C CA  . LEU A 1 30  ? -12.567 -12.006 -1.665  1.00 31.92 ? 30  LEU A CA  1 
ATOM   64   C C   . LEU A 1 30  ? -11.742 -12.288 -2.941  1.00 33.07 ? 30  LEU A C   1 
ATOM   65   O O   . LEU A 1 30  ? -11.326 -11.311 -3.601  1.00 33.79 ? 30  LEU A O   1 
ATOM   66   C CB  . LEU A 1 30  ? -11.670 -12.158 -0.421  1.00 31.17 ? 30  LEU A CB  1 
ATOM   67   C CG  . LEU A 1 30  ? -12.267 -11.687 0.927   1.00 31.58 ? 30  LEU A CG  1 
ATOM   68   C CD1 . LEU A 1 30  ? -11.479 -12.275 2.109   1.00 30.36 ? 30  LEU A CD1 1 
ATOM   69   C CD2 . LEU A 1 30  ? -12.363 -10.181 1.058   1.00 27.51 ? 30  LEU A CD2 1 
ATOM   70   N N   . ALA A 1 31  ? -11.509 -13.560 -3.301  1.00 31.54 ? 31  ALA A N   1 
ATOM   71   C CA  . ALA A 1 31  ? -10.775 -13.820 -4.543  1.00 32.77 ? 31  ALA A CA  1 
ATOM   72   C C   . ALA A 1 31  ? -11.537 -13.350 -5.773  1.00 33.40 ? 31  ALA A C   1 
ATOM   73   O O   . ALA A 1 31  ? -10.955 -12.788 -6.685  1.00 34.43 ? 31  ALA A O   1 
ATOM   74   C CB  . ALA A 1 31  ? -10.377 -15.265 -4.686  1.00 32.26 ? 31  ALA A CB  1 
ATOM   75   N N   . THR A 1 32  ? -12.851 -13.552 -5.771  1.00 34.46 ? 32  THR A N   1 
ATOM   76   C CA  . THR A 1 32  ? -13.727 -13.174 -6.878  1.00 34.07 ? 32  THR A CA  1 
ATOM   77   C C   . THR A 1 32  ? -13.708 -11.670 -7.051  1.00 34.91 ? 32  THR A C   1 
ATOM   78   O O   . THR A 1 32  ? -13.675 -11.187 -8.189  1.00 35.00 ? 32  THR A O   1 
ATOM   79   C CB  . THR A 1 32  ? -15.219 -13.611 -6.634  1.00 34.18 ? 32  THR A CB  1 
ATOM   80   O OG1 . THR A 1 32  ? -15.278 -15.018 -6.348  1.00 32.48 ? 32  THR A OG1 1 
ATOM   81   C CG2 . THR A 1 32  ? -16.120 -13.249 -7.823  1.00 28.90 ? 32  THR A CG2 1 
ATOM   82   N N   . ALA A 1 33  ? -13.787 -10.925 -5.940  1.00 35.11 ? 33  ALA A N   1 
ATOM   83   C CA  . ALA A 1 33  ? -13.683 -9.445  -6.027  1.00 35.09 ? 33  ALA A CA  1 
ATOM   84   C C   . ALA A 1 33  ? -12.326 -9.030  -6.630  1.00 35.98 ? 33  ALA A C   1 
ATOM   85   O O   . ALA A 1 33  ? -12.282 -8.225  -7.575  1.00 34.65 ? 33  ALA A O   1 
ATOM   86   C CB  . ALA A 1 33  ? -13.898 -8.781  -4.674  1.00 34.34 ? 33  ALA A CB  1 
ATOM   87   N N   . GLU A 1 34  ? -11.232 -9.592  -6.103  1.00 36.16 ? 34  GLU A N   1 
ATOM   88   C CA  . GLU A 1 34  ? -9.934  -9.244  -6.654  1.00 38.19 ? 34  GLU A CA  1 
ATOM   89   C C   . GLU A 1 34  ? -9.885  -9.486  -8.201  1.00 39.98 ? 34  GLU A C   1 
ATOM   90   O O   . GLU A 1 34  ? -9.521  -8.550  -8.943  1.00 39.14 ? 34  GLU A O   1 
ATOM   91   C CB  . GLU A 1 34  ? -8.791  -9.917  -5.879  1.00 37.68 ? 34  GLU A CB  1 
ATOM   92   C CG  . GLU A 1 34  ? -7.410  -9.489  -6.310  1.00 36.37 ? 34  GLU A CG  1 
ATOM   93   C CD  . GLU A 1 34  ? -6.344  -9.595  -5.197  1.00 36.21 ? 34  GLU A CD  1 
ATOM   94   O OE1 . GLU A 1 34  ? -6.410  -10.446 -4.265  1.00 36.58 ? 34  GLU A OE1 1 
ATOM   95   O OE2 . GLU A 1 34  ? -5.410  -8.795  -5.262  1.00 34.78 ? 34  GLU A OE2 1 
ATOM   96   N N   . ASN A 1 35  ? -10.297 -10.692 -8.672  1.00 41.71 ? 35  ASN A N   1 
ATOM   97   C CA  . ASN A 1 35  ? -10.319 -10.977 -10.128 1.00 43.45 ? 35  ASN A CA  1 
ATOM   98   C C   . ASN A 1 35  ? -11.160 -10.024 -10.922 1.00 43.80 ? 35  ASN A C   1 
ATOM   99   O O   . ASN A 1 35  ? -10.743 -9.598  -12.010 1.00 44.48 ? 35  ASN A O   1 
ATOM   100  C CB  . ASN A 1 35  ? -10.754 -12.386 -10.511 1.00 43.09 ? 35  ASN A CB  1 
ATOM   101  C CG  . ASN A 1 35  ? -10.018 -13.446 -9.761  1.00 47.51 ? 35  ASN A CG  1 
ATOM   102  O OD1 . ASN A 1 35  ? -10.641 -14.362 -9.217  1.00 53.08 ? 35  ASN A OD1 1 
ATOM   103  N ND2 . ASN A 1 35  ? -8.705  -13.355 -9.712  1.00 47.19 ? 35  ASN A ND2 1 
ATOM   104  N N   . LEU A 1 36  ? -12.356 -9.712  -10.446 1.00 44.12 ? 36  LEU A N   1 
ATOM   105  C CA  . LEU A 1 36  ? -13.196 -8.853  -11.264 1.00 45.62 ? 36  LEU A CA  1 
ATOM   106  C C   . LEU A 1 36  ? -12.659 -7.423  -11.324 1.00 46.65 ? 36  LEU A C   1 
ATOM   107  O O   . LEU A 1 36  ? -12.850 -6.728  -12.330 1.00 47.75 ? 36  LEU A O   1 
ATOM   108  C CB  . LEU A 1 36  ? -14.668 -8.886  -10.835 1.00 45.75 ? 36  LEU A CB  1 
ATOM   109  C CG  . LEU A 1 36  ? -15.441 -10.230 -10.952 1.00 47.02 ? 36  LEU A CG  1 
ATOM   110  C CD1 . LEU A 1 36  ? -16.798 -10.070 -10.324 1.00 46.64 ? 36  LEU A CD1 1 
ATOM   111  C CD2 . LEU A 1 36  ? -15.579 -10.713 -12.373 1.00 44.39 ? 36  LEU A CD2 1 
ATOM   112  N N   . LEU A 1 37  ? -11.994 -6.987  -10.249 1.00 47.28 ? 37  LEU A N   1 
ATOM   113  C CA  . LEU A 1 37  ? -11.405 -5.642  -10.172 1.00 47.65 ? 37  LEU A CA  1 
ATOM   114  C C   . LEU A 1 37  ? -10.249 -5.415  -11.174 1.00 48.06 ? 37  LEU A C   1 
ATOM   115  O O   . LEU A 1 37  ? -9.912  -4.265  -11.426 1.00 47.48 ? 37  LEU A O   1 
ATOM   116  C CB  . LEU A 1 37  ? -10.983 -5.277  -8.731  1.00 46.71 ? 37  LEU A CB  1 
ATOM   117  C CG  . LEU A 1 37  ? -12.074 -4.731  -7.766  1.00 46.08 ? 37  LEU A CG  1 
ATOM   118  C CD1 . LEU A 1 37  ? -11.603 -4.613  -6.280  1.00 42.23 ? 37  LEU A CD1 1 
ATOM   119  C CD2 . LEU A 1 37  ? -12.726 -3.421  -8.221  1.00 43.06 ? 37  LEU A CD2 1 
ATOM   120  N N   . GLU A 1 38  ? -9.676  -6.505  -11.718 1.00 49.28 ? 38  GLU A N   1 
ATOM   121  C CA  . GLU A 1 38  ? -8.667  -6.464  -12.790 1.00 51.51 ? 38  GLU A CA  1 
ATOM   122  C C   . GLU A 1 38  ? -9.272  -5.888  -14.039 1.00 52.43 ? 38  GLU A C   1 
ATOM   123  O O   . GLU A 1 38  ? -8.628  -5.099  -14.726 1.00 51.65 ? 38  GLU A O   1 
ATOM   124  C CB  . GLU A 1 38  ? -8.190  -7.852  -13.207 1.00 51.50 ? 38  GLU A CB  1 
ATOM   125  C CG  . GLU A 1 38  ? -7.805  -8.780  -12.122 1.00 56.53 ? 38  GLU A CG  1 
ATOM   126  C CD  . GLU A 1 38  ? -6.402  -8.535  -11.623 1.00 62.89 ? 38  GLU A CD  1 
ATOM   127  O OE1 . GLU A 1 38  ? -5.753  -7.546  -12.085 1.00 63.29 ? 38  GLU A OE1 1 
ATOM   128  O OE2 . GLU A 1 38  ? -5.965  -9.347  -10.762 1.00 64.68 ? 38  GLU A OE2 1 
ATOM   129  N N   . ASP A 1 39  ? -10.513 -6.320  -14.326 1.00 54.22 ? 39  ASP A N   1 
ATOM   130  C CA  . ASP A 1 39  ? -11.252 -5.949  -15.533 1.00 55.33 ? 39  ASP A CA  1 
ATOM   131  C C   . ASP A 1 39  ? -12.125 -4.731  -15.424 1.00 54.73 ? 39  ASP A C   1 
ATOM   132  O O   . ASP A 1 39  ? -12.337 -4.102  -16.427 1.00 55.10 ? 39  ASP A O   1 
ATOM   133  C CB  . ASP A 1 39  ? -12.127 -7.092  -16.013 1.00 56.52 ? 39  ASP A CB  1 
ATOM   134  C CG  . ASP A 1 39  ? -11.339 -8.223  -16.621 1.00 60.72 ? 39  ASP A CG  1 
ATOM   135  O OD1 . ASP A 1 39  ? -10.094 -8.266  -16.454 1.00 63.67 ? 39  ASP A OD1 1 
ATOM   136  O OD2 . ASP A 1 39  ? -11.984 -9.087  -17.269 1.00 64.26 ? 39  ASP A OD2 1 
ATOM   137  N N   . ARG A 1 40  ? -12.671 -4.396  -14.258 1.00 54.65 ? 40  ARG A N   1 
ATOM   138  C CA  . ARG A 1 40  ? -13.496 -3.166  -14.190 1.00 54.46 ? 40  ARG A CA  1 
ATOM   139  C C   . ARG A 1 40  ? -13.611 -2.515  -12.817 1.00 53.82 ? 40  ARG A C   1 
ATOM   140  O O   . ARG A 1 40  ? -13.236 -3.117  -11.843 1.00 53.31 ? 40  ARG A O   1 
ATOM   141  C CB  . ARG A 1 40  ? -14.874 -3.435  -14.778 1.00 55.09 ? 40  ARG A CB  1 
ATOM   142  C CG  . ARG A 1 40  ? -15.595 -4.609  -14.196 1.00 55.98 ? 40  ARG A CG  1 
ATOM   143  C CD  . ARG A 1 40  ? -16.828 -4.839  -15.062 1.00 59.68 ? 40  ARG A CD  1 
ATOM   144  N NE  . ARG A 1 40  ? -17.927 -5.363  -14.262 1.00 59.04 ? 40  ARG A NE  1 
ATOM   145  C CZ  . ARG A 1 40  ? -18.173 -6.656  -14.072 1.00 60.93 ? 40  ARG A CZ  1 
ATOM   146  N NH1 . ARG A 1 40  ? -17.405 -7.599  -14.636 1.00 58.19 ? 40  ARG A NH1 1 
ATOM   147  N NH2 . ARG A 1 40  ? -19.200 -7.002  -13.297 1.00 61.88 ? 40  ARG A NH2 1 
ATOM   148  N N   . PRO A 1 41  ? -14.124 -1.272  -12.736 1.00 54.23 ? 41  PRO A N   1 
ATOM   149  C CA  . PRO A 1 41  ? -14.201 -0.619  -11.400 1.00 54.79 ? 41  PRO A CA  1 
ATOM   150  C C   . PRO A 1 41  ? -15.239 -1.245  -10.414 1.00 55.22 ? 41  PRO A C   1 
ATOM   151  O O   . PRO A 1 41  ? -16.031 -2.130  -10.807 1.00 55.15 ? 41  PRO A O   1 
ATOM   152  C CB  . PRO A 1 41  ? -14.558 0.842   -11.740 1.00 54.46 ? 41  PRO A CB  1 
ATOM   153  C CG  . PRO A 1 41  ? -15.290 0.738   -13.067 1.00 54.31 ? 41  PRO A CG  1 
ATOM   154  C CD  . PRO A 1 41  ? -14.548 -0.355  -13.813 1.00 54.20 ? 41  PRO A CD  1 
ATOM   155  N N   . LEU A 1 42  ? -15.216 -0.804  -9.153  1.00 55.32 ? 42  LEU A N   1 
ATOM   156  C CA  . LEU A 1 42  ? -16.136 -1.335  -8.157  1.00 55.79 ? 42  LEU A CA  1 
ATOM   157  C C   . LEU A 1 42  ? -17.635 -1.028  -8.492  1.00 56.94 ? 42  LEU A C   1 
ATOM   158  O O   . LEU A 1 42  ? -18.501 -1.920  -8.392  1.00 56.51 ? 42  LEU A O   1 
ATOM   159  C CB  . LEU A 1 42  ? -15.756 -0.860  -6.762  1.00 54.86 ? 42  LEU A CB  1 
ATOM   160  C CG  . LEU A 1 42  ? -16.537 -1.558  -5.637  1.00 53.89 ? 42  LEU A CG  1 
ATOM   161  C CD1 . LEU A 1 42  ? -16.211 -3.093  -5.484  1.00 48.28 ? 42  LEU A CD1 1 
ATOM   162  C CD2 . LEU A 1 42  ? -16.335 -0.785  -4.329  1.00 52.18 ? 42  LEU A CD2 1 
ATOM   163  N N   . ALA A 1 43  ? -17.909 0.206   -8.939  1.00 57.85 ? 43  ALA A N   1 
ATOM   164  C CA  . ALA A 1 43  ? -19.233 0.608   -9.447  1.00 58.15 ? 43  ALA A CA  1 
ATOM   165  C C   . ALA A 1 43  ? -19.722 -0.229  -10.652 1.00 58.40 ? 43  ALA A C   1 
ATOM   166  O O   . ALA A 1 43  ? -20.920 -0.305  -10.916 1.00 58.75 ? 43  ALA A O   1 
ATOM   167  C CB  . ALA A 1 43  ? -19.253 2.115   -9.770  1.00 58.33 ? 43  ALA A CB  1 
ATOM   168  N N   . ASP A 1 44  ? -18.806 -0.873  -11.371 1.00 58.43 ? 44  ASP A N   1 
ATOM   169  C CA  . ASP A 1 44  ? -19.191 -1.806  -12.445 1.00 57.84 ? 44  ASP A CA  1 
ATOM   170  C C   . ASP A 1 44  ? -19.365 -3.229  -11.960 1.00 57.26 ? 44  ASP A C   1 
ATOM   171  O O   . ASP A 1 44  ? -19.649 -4.127  -12.762 1.00 56.69 ? 44  ASP A O   1 
ATOM   172  C CB  . ASP A 1 44  ? -18.122 -1.853  -13.538 1.00 58.47 ? 44  ASP A CB  1 
ATOM   173  C CG  . ASP A 1 44  ? -18.355 -0.845  -14.649 1.00 59.05 ? 44  ASP A CG  1 
ATOM   174  O OD1 . ASP A 1 44  ? -18.593 0.341   -14.329 1.00 60.03 ? 44  ASP A OD1 1 
ATOM   175  O OD2 . ASP A 1 44  ? -18.255 -1.244  -15.837 1.00 59.09 ? 44  ASP A OD2 1 
ATOM   176  N N   . ILE A 1 45  ? -19.105 -3.470  -10.676 1.00 56.66 ? 45  ILE A N   1 
ATOM   177  C CA  . ILE A 1 45  ? -19.286 -4.823  -10.151 1.00 56.26 ? 45  ILE A CA  1 
ATOM   178  C C   . ILE A 1 45  ? -20.506 -4.794  -9.198  1.00 56.56 ? 45  ILE A C   1 
ATOM   179  O O   . ILE A 1 45  ? -20.725 -3.813  -8.462  1.00 55.99 ? 45  ILE A O   1 
ATOM   180  C CB  . ILE A 1 45  ? -17.997 -5.406  -9.474  1.00 56.00 ? 45  ILE A CB  1 
ATOM   181  C CG1 . ILE A 1 45  ? -16.761 -5.247  -10.355 1.00 55.08 ? 45  ILE A CG1 1 
ATOM   182  C CG2 . ILE A 1 45  ? -18.129 -6.892  -9.214  1.00 55.11 ? 45  ILE A CG2 1 
ATOM   183  C CD1 . ILE A 1 45  ? -15.471 -5.526  -9.619  1.00 52.06 ? 45  ILE A CD1 1 
ATOM   184  N N   . SER A 1 46  ? -21.332 -5.827  -9.235  1.00 56.39 ? 46  SER A N   1 
ATOM   185  C CA  . SER A 1 46  ? -22.391 -5.875  -8.219  1.00 57.29 ? 46  SER A CA  1 
ATOM   186  C C   . SER A 1 46  ? -22.289 -7.108  -7.295  1.00 57.20 ? 46  SER A C   1 
ATOM   187  O O   . SER A 1 46  ? -21.555 -8.072  -7.570  1.00 56.84 ? 46  SER A O   1 
ATOM   188  C CB  . SER A 1 46  ? -23.807 -5.717  -8.834  1.00 56.73 ? 46  SER A CB  1 
ATOM   189  O OG  . SER A 1 46  ? -24.122 -6.883  -9.573  1.00 56.60 ? 46  SER A OG  1 
ATOM   190  N N   . VAL A 1 47  ? -23.062 -7.050  -6.206  1.00 57.87 ? 47  VAL A N   1 
ATOM   191  C CA  . VAL A 1 47  ? -23.184 -8.129  -5.232  1.00 57.45 ? 47  VAL A CA  1 
ATOM   192  C C   . VAL A 1 47  ? -23.543 -9.435  -5.915  1.00 57.78 ? 47  VAL A C   1 
ATOM   193  O O   . VAL A 1 47  ? -22.944 -10.499 -5.631  1.00 57.31 ? 47  VAL A O   1 
ATOM   194  C CB  . VAL A 1 47  ? -24.239 -7.756  -4.199  1.00 57.80 ? 47  VAL A CB  1 
ATOM   195  C CG1 . VAL A 1 47  ? -24.373 -8.833  -3.143  1.00 56.82 ? 47  VAL A CG1 1 
ATOM   196  C CG2 . VAL A 1 47  ? -23.869 -6.433  -3.554  1.00 57.36 ? 47  VAL A CG2 1 
ATOM   197  N N   . ASP A 1 48  ? -24.489 -9.356  -6.856  1.00 58.26 ? 48  ASP A N   1 
ATOM   198  C CA  . ASP A 1 48  ? -24.901 -10.581 -7.597  1.00 58.85 ? 48  ASP A CA  1 
ATOM   199  C C   . ASP A 1 48  ? -23.714 -11.201 -8.354  1.00 58.16 ? 48  ASP A C   1 
ATOM   200  O O   . ASP A 1 48  ? -23.569 -12.436 -8.444  1.00 58.51 ? 48  ASP A O   1 
ATOM   201  C CB  . ASP A 1 48  ? -26.162 -10.333 -8.469  1.00 58.93 ? 48  ASP A CB  1 
ATOM   202  C CG  . ASP A 1 48  ? -27.369 -9.791  -7.631  1.00 60.91 ? 48  ASP A CG  1 
ATOM   203  O OD1 . ASP A 1 48  ? -27.849 -8.696  -7.973  1.00 62.81 ? 48  ASP A OD1 1 
ATOM   204  O OD2 . ASP A 1 48  ? -27.824 -10.432 -6.628  1.00 60.13 ? 48  ASP A OD2 1 
ATOM   205  N N   . ASP A 1 49  ? -22.835 -10.314 -8.830  1.00 57.54 ? 49  ASP A N   1 
ATOM   206  C CA  . ASP A 1 49  ? -21.570 -10.694 -9.469  1.00 56.00 ? 49  ASP A CA  1 
ATOM   207  C C   . ASP A 1 49  ? -20.601 -11.384 -8.514  1.00 54.12 ? 49  ASP A C   1 
ATOM   208  O O   . ASP A 1 49  ? -20.018 -12.430 -8.850  1.00 54.81 ? 49  ASP A O   1 
ATOM   209  C CB  . ASP A 1 49  ? -20.904 -9.444  -10.030 1.00 57.26 ? 49  ASP A CB  1 
ATOM   210  C CG  . ASP A 1 49  ? -21.671 -8.839  -11.189 1.00 59.55 ? 49  ASP A CG  1 
ATOM   211  O OD1 . ASP A 1 49  ? -21.551 -9.395  -12.303 1.00 63.28 ? 49  ASP A OD1 1 
ATOM   212  O OD2 . ASP A 1 49  ? -22.365 -7.824  -10.978 1.00 60.86 ? 49  ASP A OD2 1 
ATOM   213  N N   . LEU A 1 50  ? -20.409 -10.811 -7.328  1.00 51.77 ? 50  LEU A N   1 
ATOM   214  C CA  . LEU A 1 50  ? -19.537 -11.445 -6.318  1.00 49.19 ? 50  LEU A CA  1 
ATOM   215  C C   . LEU A 1 50  ? -20.115 -12.731 -5.845  1.00 48.28 ? 50  LEU A C   1 
ATOM   216  O O   . LEU A 1 50  ? -19.379 -13.706 -5.652  1.00 48.28 ? 50  LEU A O   1 
ATOM   217  C CB  . LEU A 1 50  ? -19.322 -10.530 -5.123  1.00 48.89 ? 50  LEU A CB  1 
ATOM   218  C CG  . LEU A 1 50  ? -18.652 -9.236  -5.553  1.00 46.84 ? 50  LEU A CG  1 
ATOM   219  C CD1 . LEU A 1 50  ? -18.643 -8.226  -4.430  1.00 42.81 ? 50  LEU A CD1 1 
ATOM   220  C CD2 . LEU A 1 50  ? -17.257 -9.607  -6.038  1.00 43.02 ? 50  LEU A CD2 1 
ATOM   221  N N   . ALA A 1 51  ? -21.448 -12.730 -5.675  1.00 47.88 ? 51  ALA A N   1 
ATOM   222  C CA  . ALA A 1 51  ? -22.179 -13.908 -5.199  1.00 46.87 ? 51  ALA A CA  1 
ATOM   223  C C   . ALA A 1 51  ? -21.975 -15.051 -6.158  1.00 45.61 ? 51  ALA A C   1 
ATOM   224  O O   . ALA A 1 51  ? -21.476 -16.110 -5.813  1.00 45.11 ? 51  ALA A O   1 
ATOM   225  C CB  . ALA A 1 51  ? -23.690 -13.587 -5.017  1.00 47.07 ? 51  ALA A CB  1 
ATOM   226  N N   . LYS A 1 52  ? -22.372 -14.799 -7.382  1.00 46.84 ? 52  LYS A N   1 
ATOM   227  C CA  . LYS A 1 52  ? -22.271 -15.759 -8.478  1.00 48.06 ? 52  LYS A CA  1 
ATOM   228  C C   . LYS A 1 52  ? -20.859 -16.327 -8.529  1.00 47.88 ? 52  LYS A C   1 
ATOM   229  O O   . LYS A 1 52  ? -20.659 -17.550 -8.369  1.00 47.78 ? 52  LYS A O   1 
ATOM   230  C CB  . LYS A 1 52  ? -22.604 -15.000 -9.756  1.00 48.21 ? 52  LYS A CB  1 
ATOM   231  C CG  . LYS A 1 52  ? -22.713 -15.836 -10.986 1.00 52.00 ? 52  LYS A CG  1 
ATOM   232  C CD  . LYS A 1 52  ? -22.752 -14.928 -12.244 1.00 55.73 ? 52  LYS A CD  1 
ATOM   233  C CE  . LYS A 1 52  ? -23.946 -13.964 -12.232 1.00 56.31 ? 52  LYS A CE  1 
ATOM   234  N NZ  . LYS A 1 52  ? -24.590 -14.006 -13.564 1.00 58.36 ? 52  LYS A NZ  1 
ATOM   235  N N   . GLY A 1 53  ? -19.884 -15.404 -8.655  1.00 47.74 ? 53  GLY A N   1 
ATOM   236  C CA  . GLY A 1 53  ? -18.463 -15.744 -8.699  1.00 46.76 ? 53  GLY A CA  1 
ATOM   237  C C   . GLY A 1 53  ? -18.036 -16.646 -7.579  1.00 45.81 ? 53  GLY A C   1 
ATOM   238  O O   . GLY A 1 53  ? -17.212 -17.517 -7.778  1.00 46.51 ? 53  GLY A O   1 
ATOM   239  N N   . ALA A 1 54  ? -18.597 -16.461 -6.392  1.00 45.31 ? 54  ALA A N   1 
ATOM   240  C CA  . ALA A 1 54  ? -18.167 -17.258 -5.212  1.00 44.29 ? 54  ALA A CA  1 
ATOM   241  C C   . ALA A 1 54  ? -18.946 -18.569 -5.046  1.00 44.31 ? 54  ALA A C   1 
ATOM   242  O O   . ALA A 1 54  ? -18.633 -19.421 -4.146  1.00 42.97 ? 54  ALA A O   1 
ATOM   243  C CB  . ALA A 1 54  ? -18.278 -16.407 -3.961  1.00 44.02 ? 54  ALA A CB  1 
ATOM   244  N N   . GLY A 1 55  ? -19.977 -18.718 -5.899  1.00 44.33 ? 55  GLY A N   1 
ATOM   245  C CA  . GLY A 1 55  ? -20.760 -19.981 -5.962  1.00 43.95 ? 55  GLY A CA  1 
ATOM   246  C C   . GLY A 1 55  ? -21.774 -20.104 -4.826  1.00 43.05 ? 55  GLY A C   1 
ATOM   247  O O   . GLY A 1 55  ? -21.979 -21.202 -4.235  1.00 42.50 ? 55  GLY A O   1 
ATOM   248  N N   . ILE A 1 56  ? -22.383 -18.958 -4.518  1.00 41.63 ? 56  ILE A N   1 
ATOM   249  C CA  . ILE A 1 56  ? -23.343 -18.796 -3.410  1.00 40.52 ? 56  ILE A CA  1 
ATOM   250  C C   . ILE A 1 56  ? -24.425 -17.812 -3.869  1.00 39.54 ? 56  ILE A C   1 
ATOM   251  O O   . ILE A 1 56  ? -24.231 -17.100 -4.869  1.00 38.03 ? 56  ILE A O   1 
ATOM   252  C CB  . ILE A 1 56  ? -22.667 -18.211 -2.105  1.00 39.73 ? 56  ILE A CB  1 
ATOM   253  C CG1 . ILE A 1 56  ? -22.084 -16.803 -2.402  1.00 40.16 ? 56  ILE A CG1 1 
ATOM   254  C CG2 . ILE A 1 56  ? -21.661 -19.186 -1.544  1.00 39.82 ? 56  ILE A CG2 1 
ATOM   255  C CD1 . ILE A 1 56  ? -21.576 -16.004 -1.196  1.00 34.01 ? 56  ILE A CD1 1 
ATOM   256  N N   . SER A 1 57  ? -25.550 -17.751 -3.142  1.00 39.04 ? 57  SER A N   1 
ATOM   257  C CA  . SER A 1 57  ? -26.647 -16.829 -3.518  1.00 38.34 ? 57  SER A CA  1 
ATOM   258  C C   . SER A 1 57  ? -26.341 -15.445 -2.981  1.00 39.52 ? 57  SER A C   1 
ATOM   259  O O   . SER A 1 57  ? -25.478 -15.267 -2.117  1.00 40.06 ? 57  SER A O   1 
ATOM   260  C CB  . SER A 1 57  ? -27.992 -17.336 -2.948  1.00 38.56 ? 57  SER A CB  1 
ATOM   261  O OG  . SER A 1 57  ? -28.028 -17.296 -1.513  1.00 35.13 ? 57  SER A OG  1 
ATOM   262  N N   . ARG A 1 58  ? -27.080 -14.453 -3.436  1.00 40.43 ? 58  ARG A N   1 
ATOM   263  C CA  . ARG A 1 58  ? -26.882 -13.116 -2.941  1.00 40.53 ? 58  ARG A CA  1 
ATOM   264  C C   . ARG A 1 58  ? -27.264 -12.933 -1.480  1.00 40.47 ? 58  ARG A C   1 
ATOM   265  O O   . ARG A 1 58  ? -26.591 -12.146 -0.749  1.00 41.87 ? 58  ARG A O   1 
ATOM   266  C CB  . ARG A 1 58  ? -27.679 -12.149 -3.797  1.00 41.85 ? 58  ARG A CB  1 
ATOM   267  C CG  . ARG A 1 58  ? -27.996 -10.844 -3.103  1.00 47.06 ? 58  ARG A CG  1 
ATOM   268  C CD  . ARG A 1 58  ? -29.285 -10.216 -3.627  1.00 56.29 ? 58  ARG A CD  1 
ATOM   269  N NE  . ARG A 1 58  ? -29.206 -8.761  -3.528  1.00 62.53 ? 58  ARG A NE  1 
ATOM   270  C CZ  . ARG A 1 58  ? -30.216 -7.933  -3.782  1.00 67.01 ? 58  ARG A CZ  1 
ATOM   271  N NH1 . ARG A 1 58  ? -31.408 -8.409  -4.175  1.00 67.47 ? 58  ARG A NH1 1 
ATOM   272  N NH2 . ARG A 1 58  ? -30.026 -6.616  -3.650  1.00 68.49 ? 58  ARG A NH2 1 
ATOM   273  N N   . PRO A 1 59  ? -28.374 -13.577 -1.009  1.00 38.89 ? 59  PRO A N   1 
ATOM   274  C CA  . PRO A 1 59  ? -28.608 -13.380 0.461   1.00 36.94 ? 59  PRO A CA  1 
ATOM   275  C C   . PRO A 1 59  ? -27.523 -14.030 1.310   1.00 34.43 ? 59  PRO A C   1 
ATOM   276  O O   . PRO A 1 59  ? -27.246 -13.559 2.422   1.00 34.53 ? 59  PRO A O   1 
ATOM   277  C CB  . PRO A 1 59  ? -29.971 -14.061 0.716   1.00 36.48 ? 59  PRO A CB  1 
ATOM   278  C CG  . PRO A 1 59  ? -30.533 -14.309 -0.631  1.00 36.92 ? 59  PRO A CG  1 
ATOM   279  C CD  . PRO A 1 59  ? -29.388 -14.465 -1.597  1.00 38.46 ? 59  PRO A CD  1 
ATOM   280  N N   . THR A 1 60  ? -26.939 -15.118 0.795   1.00 32.98 ? 60  THR A N   1 
ATOM   281  C CA  . THR A 1 60  ? -25.801 -15.773 1.437   1.00 31.67 ? 60  THR A CA  1 
ATOM   282  C C   . THR A 1 60  ? -24.598 -14.821 1.503   1.00 31.73 ? 60  THR A C   1 
ATOM   283  O O   . THR A 1 60  ? -23.979 -14.716 2.560   1.00 30.95 ? 60  THR A O   1 
ATOM   284  C CB  . THR A 1 60  ? -25.488 -17.147 0.811   1.00 31.00 ? 60  THR A CB  1 
ATOM   285  O OG1 . THR A 1 60  ? -26.618 -17.985 1.029   1.00 32.05 ? 60  THR A OG1 1 
ATOM   286  C CG2 . THR A 1 60  ? -24.295 -17.826 1.497   1.00 30.09 ? 60  THR A CG2 1 
ATOM   287  N N   . PHE A 1 61  ? -24.354 -14.063 0.424   1.00 32.56 ? 61  PHE A N   1 
ATOM   288  C CA  . PHE A 1 61  ? -23.356 -12.981 0.417   1.00 34.28 ? 61  PHE A CA  1 
ATOM   289  C C   . PHE A 1 61  ? -23.501 -12.045 1.632   1.00 35.05 ? 61  PHE A C   1 
ATOM   290  O O   . PHE A 1 61  ? -22.500 -11.742 2.308   1.00 35.64 ? 61  PHE A O   1 
ATOM   291  C CB  . PHE A 1 61  ? -23.397 -12.156 -0.905  1.00 34.07 ? 61  PHE A CB  1 
ATOM   292  C CG  . PHE A 1 61  ? -22.521 -10.908 -0.876  1.00 37.33 ? 61  PHE A CG  1 
ATOM   293  C CD1 . PHE A 1 61  ? -21.294 -10.864 -1.600  1.00 39.04 ? 61  PHE A CD1 1 
ATOM   294  C CD2 . PHE A 1 61  ? -22.884 -9.797  -0.096  1.00 35.20 ? 61  PHE A CD2 1 
ATOM   295  C CE1 . PHE A 1 61  ? -20.473 -9.698  -1.556  1.00 41.59 ? 61  PHE A CE1 1 
ATOM   296  C CE2 . PHE A 1 61  ? -22.081 -8.642  -0.027  1.00 38.94 ? 61  PHE A CE2 1 
ATOM   297  C CZ  . PHE A 1 61  ? -20.860 -8.580  -0.765  1.00 40.66 ? 61  PHE A CZ  1 
ATOM   298  N N   . TYR A 1 62  ? -24.728 -11.574 1.903   1.00 35.29 ? 62  TYR A N   1 
ATOM   299  C CA  . TYR A 1 62  ? -24.971 -10.681 3.070   1.00 35.61 ? 62  TYR A CA  1 
ATOM   300  C C   . TYR A 1 62  ? -24.705 -11.272 4.409   1.00 35.40 ? 62  TYR A C   1 
ATOM   301  O O   . TYR A 1 62  ? -24.489 -10.546 5.342   1.00 36.20 ? 62  TYR A O   1 
ATOM   302  C CB  . TYR A 1 62  ? -26.362 -10.076 3.055   1.00 35.95 ? 62  TYR A CB  1 
ATOM   303  C CG  . TYR A 1 62  ? -26.442 -9.102  1.953   1.00 39.55 ? 62  TYR A CG  1 
ATOM   304  C CD1 . TYR A 1 62  ? -25.859 -7.846  2.096   1.00 39.80 ? 62  TYR A CD1 1 
ATOM   305  C CD2 . TYR A 1 62  ? -27.028 -9.455  0.710   1.00 43.32 ? 62  TYR A CD2 1 
ATOM   306  C CE1 . TYR A 1 62  ? -25.893 -6.928  1.054   1.00 44.71 ? 62  TYR A CE1 1 
ATOM   307  C CE2 . TYR A 1 62  ? -27.038 -8.539  -0.364  1.00 45.16 ? 62  TYR A CE2 1 
ATOM   308  C CZ  . TYR A 1 62  ? -26.470 -7.270  -0.163  1.00 44.40 ? 62  TYR A CZ  1 
ATOM   309  O OH  . TYR A 1 62  ? -26.474 -6.321  -1.155  1.00 47.76 ? 62  TYR A OH  1 
ATOM   310  N N   . PHE A 1 63  ? -24.699 -12.592 4.525   1.00 36.64 ? 63  PHE A N   1 
ATOM   311  C CA  . PHE A 1 63  ? -24.210 -13.168 5.751   1.00 37.89 ? 63  PHE A CA  1 
ATOM   312  C C   . PHE A 1 63  ? -22.729 -12.813 5.989   1.00 38.84 ? 63  PHE A C   1 
ATOM   313  O O   . PHE A 1 63  ? -22.303 -12.691 7.160   1.00 40.31 ? 63  PHE A O   1 
ATOM   314  C CB  . PHE A 1 63  ? -24.407 -14.698 5.803   1.00 38.69 ? 63  PHE A CB  1 
ATOM   315  C CG  . PHE A 1 63  ? -23.993 -15.296 7.115   1.00 41.16 ? 63  PHE A CG  1 
ATOM   316  C CD1 . PHE A 1 63  ? -24.812 -15.152 8.258   1.00 42.76 ? 63  PHE A CD1 1 
ATOM   317  C CD2 . PHE A 1 63  ? -22.758 -15.944 7.252   1.00 46.79 ? 63  PHE A CD2 1 
ATOM   318  C CE1 . PHE A 1 63  ? -24.415 -15.683 9.515   1.00 46.65 ? 63  PHE A CE1 1 
ATOM   319  C CE2 . PHE A 1 63  ? -22.331 -16.517 8.525   1.00 48.22 ? 63  PHE A CE2 1 
ATOM   320  C CZ  . PHE A 1 63  ? -23.166 -16.385 9.649   1.00 47.45 ? 63  PHE A CZ  1 
ATOM   321  N N   . TYR A 1 64  ? -21.938 -12.675 4.907   1.00 38.06 ? 64  TYR A N   1 
ATOM   322  C CA  . TYR A 1 64  ? -20.478 -12.435 5.022   1.00 37.05 ? 64  TYR A CA  1 
ATOM   323  C C   . TYR A 1 64  ? -20.101 -10.958 5.046   1.00 36.97 ? 64  TYR A C   1 
ATOM   324  O O   . TYR A 1 64  ? -19.215 -10.575 5.817   1.00 35.42 ? 64  TYR A O   1 
ATOM   325  C CB  . TYR A 1 64  ? -19.705 -13.191 3.913   1.00 36.86 ? 64  TYR A CB  1 
ATOM   326  C CG  . TYR A 1 64  ? -19.815 -14.642 4.115   1.00 37.21 ? 64  TYR A CG  1 
ATOM   327  C CD1 . TYR A 1 64  ? -19.017 -15.309 5.064   1.00 37.65 ? 64  TYR A CD1 1 
ATOM   328  C CD2 . TYR A 1 64  ? -20.791 -15.361 3.451   1.00 40.19 ? 64  TYR A CD2 1 
ATOM   329  C CE1 . TYR A 1 64  ? -19.184 -16.678 5.298   1.00 40.48 ? 64  TYR A CE1 1 
ATOM   330  C CE2 . TYR A 1 64  ? -20.960 -16.756 3.661   1.00 40.42 ? 64  TYR A CE2 1 
ATOM   331  C CZ  . TYR A 1 64  ? -20.169 -17.402 4.579   1.00 41.10 ? 64  TYR A CZ  1 
ATOM   332  O OH  . TYR A 1 64  ? -20.358 -18.779 4.734   1.00 44.56 ? 64  TYR A OH  1 
ATOM   333  N N   . PHE A 1 65  ? -20.799 -10.148 4.228   1.00 36.88 ? 65  PHE A N   1 
ATOM   334  C CA  . PHE A 1 65  ? -20.425 -8.764  4.002   1.00 38.15 ? 65  PHE A CA  1 
ATOM   335  C C   . PHE A 1 65  ? -21.651 -7.873  3.931   1.00 38.77 ? 65  PHE A C   1 
ATOM   336  O O   . PHE A 1 65  ? -22.590 -8.228  3.222   1.00 38.64 ? 65  PHE A O   1 
ATOM   337  C CB  . PHE A 1 65  ? -19.597 -8.631  2.680   1.00 37.73 ? 65  PHE A CB  1 
ATOM   338  C CG  . PHE A 1 65  ? -18.214 -9.229  2.787   1.00 38.27 ? 65  PHE A CG  1 
ATOM   339  C CD1 . PHE A 1 65  ? -17.203 -8.551  3.491   1.00 36.40 ? 65  PHE A CD1 1 
ATOM   340  C CD2 . PHE A 1 65  ? -17.944 -10.506 2.249   1.00 37.15 ? 65  PHE A CD2 1 
ATOM   341  C CE1 . PHE A 1 65  ? -15.945 -9.106  3.646   1.00 36.09 ? 65  PHE A CE1 1 
ATOM   342  C CE2 . PHE A 1 65  ? -16.676 -11.094 2.387   1.00 36.25 ? 65  PHE A CE2 1 
ATOM   343  C CZ  . PHE A 1 65  ? -15.665 -10.384 3.077   1.00 38.95 ? 65  PHE A CZ  1 
ATOM   344  N N   . PRO A 1 66  ? -21.622 -6.696  4.621   1.00 39.51 ? 66  PRO A N   1 
ATOM   345  C CA  . PRO A 1 66  ? -22.745 -5.731  4.512   1.00 39.73 ? 66  PRO A CA  1 
ATOM   346  C C   . PRO A 1 66  ? -22.974 -5.271  3.070   1.00 40.88 ? 66  PRO A C   1 
ATOM   347  O O   . PRO A 1 66  ? -24.132 -5.069  2.648   1.00 40.95 ? 66  PRO A O   1 
ATOM   348  C CB  . PRO A 1 66  ? -22.330 -4.559  5.423   1.00 41.08 ? 66  PRO A CB  1 
ATOM   349  C CG  . PRO A 1 66  ? -21.196 -5.042  6.323   1.00 39.41 ? 66  PRO A CG  1 
ATOM   350  C CD  . PRO A 1 66  ? -20.622 -6.325  5.661   1.00 39.29 ? 66  PRO A CD  1 
ATOM   351  N N   . SER A 1 67  ? -21.887 -5.168  2.290   1.00 41.84 ? 67  SER A N   1 
ATOM   352  C CA  . SER A 1 67  ? -21.912 -4.643  0.886   1.00 41.74 ? 67  SER A CA  1 
ATOM   353  C C   . SER A 1 67  ? -20.624 -4.917  0.098   1.00 42.16 ? 67  SER A C   1 
ATOM   354  O O   . SER A 1 67  ? -19.654 -5.451  0.654   1.00 41.92 ? 67  SER A O   1 
ATOM   355  C CB  . SER A 1 67  ? -22.067 -3.136  0.886   1.00 41.37 ? 67  SER A CB  1 
ATOM   356  O OG  . SER A 1 67  ? -21.143 -2.631  1.817   1.00 41.62 ? 67  SER A OG  1 
ATOM   357  N N   . LYS A 1 68  ? -20.650 -4.522  -1.185  1.00 42.52 ? 68  LYS A N   1 
ATOM   358  C CA  . LYS A 1 68  ? -19.507 -4.532  -2.108  1.00 43.71 ? 68  LYS A CA  1 
ATOM   359  C C   . LYS A 1 68  ? -18.307 -3.838  -1.511  1.00 43.53 ? 68  LYS A C   1 
ATOM   360  O O   . LYS A 1 68  ? -17.157 -4.300  -1.694  1.00 44.53 ? 68  LYS A O   1 
ATOM   361  C CB  . LYS A 1 68  ? -19.848 -3.761  -3.371  1.00 44.10 ? 68  LYS A CB  1 
ATOM   362  C CG  . LYS A 1 68  ? -20.287 -4.646  -4.497  1.00 48.12 ? 68  LYS A CG  1 
ATOM   363  C CD  . LYS A 1 68  ? -21.371 -3.977  -5.359  1.00 51.39 ? 68  LYS A CD  1 
ATOM   364  C CE  . LYS A 1 68  ? -20.856 -2.805  -6.212  1.00 53.59 ? 68  LYS A CE  1 
ATOM   365  N NZ  . LYS A 1 68  ? -20.855 -1.492  -5.471  1.00 55.66 ? 68  LYS A NZ  1 
ATOM   366  N N   . GLU A 1 69  ? -18.598 -2.754  -0.791  1.00 41.60 ? 69  GLU A N   1 
ATOM   367  C CA  . GLU A 1 69  ? -17.608 -1.820  -0.364  1.00 41.47 ? 69  GLU A CA  1 
ATOM   368  C C   . GLU A 1 69  ? -17.011 -2.395  0.880   1.00 40.33 ? 69  GLU A C   1 
ATOM   369  O O   . GLU A 1 69  ? -15.844 -2.145  1.176   1.00 40.81 ? 69  GLU A O   1 
ATOM   370  C CB  . GLU A 1 69  ? -18.208 -0.422  -0.104  1.00 41.70 ? 69  GLU A CB  1 
ATOM   371  C CG  . GLU A 1 69  ? -18.597 0.337   -1.395  1.00 45.33 ? 69  GLU A CG  1 
ATOM   372  C CD  . GLU A 1 69  ? -20.060 0.123   -1.871  1.00 54.28 ? 69  GLU A CD  1 
ATOM   373  O OE1 . GLU A 1 69  ? -20.966 -0.192  -1.037  1.00 58.37 ? 69  GLU A OE1 1 
ATOM   374  O OE2 . GLU A 1 69  ? -20.309 0.272   -3.103  1.00 54.98 ? 69  GLU A OE2 1 
ATOM   375  N N   . ALA A 1 70  ? -17.771 -3.183  1.628   1.00 38.50 ? 70  ALA A N   1 
ATOM   376  C CA  . ALA A 1 70  ? -17.123 -3.825  2.776   1.00 37.28 ? 70  ALA A CA  1 
ATOM   377  C C   . ALA A 1 70  ? -16.121 -4.889  2.256   1.00 36.26 ? 70  ALA A C   1 
ATOM   378  O O   . ALA A 1 70  ? -15.149 -5.246  2.952   1.00 35.75 ? 70  ALA A O   1 
ATOM   379  C CB  . ALA A 1 70  ? -18.132 -4.416  3.729   1.00 36.51 ? 70  ALA A CB  1 
ATOM   380  N N   . VAL A 1 71  ? -16.335 -5.344  1.021   1.00 35.15 ? 71  VAL A N   1 
ATOM   381  C CA  . VAL A 1 71  ? -15.416 -6.324  0.428   1.00 36.10 ? 71  VAL A CA  1 
ATOM   382  C C   . VAL A 1 71  ? -14.052 -5.676  0.118   1.00 35.82 ? 71  VAL A C   1 
ATOM   383  O O   . VAL A 1 71  ? -13.010 -6.204  0.499   1.00 34.96 ? 71  VAL A O   1 
ATOM   384  C CB  . VAL A 1 71  ? -16.008 -7.037  -0.800  1.00 35.64 ? 71  VAL A CB  1 
ATOM   385  C CG1 . VAL A 1 71  ? -14.997 -8.099  -1.339  1.00 34.82 ? 71  VAL A CG1 1 
ATOM   386  C CG2 . VAL A 1 71  ? -17.315 -7.690  -0.386  1.00 34.29 ? 71  VAL A CG2 1 
ATOM   387  N N   . LEU A 1 72  ? -14.115 -4.485  -0.476  1.00 36.48 ? 72  LEU A N   1 
ATOM   388  C CA  . LEU A 1 72  ? -12.940 -3.721  -0.897  1.00 36.91 ? 72  LEU A CA  1 
ATOM   389  C C   . LEU A 1 72  ? -12.120 -3.352  0.311   1.00 35.88 ? 72  LEU A C   1 
ATOM   390  O O   . LEU A 1 72  ? -10.906 -3.527  0.336   1.00 36.97 ? 72  LEU A O   1 
ATOM   391  C CB  . LEU A 1 72  ? -13.366 -2.478  -1.703  1.00 37.51 ? 72  LEU A CB  1 
ATOM   392  C CG  . LEU A 1 72  ? -12.262 -1.556  -2.285  1.00 39.22 ? 72  LEU A CG  1 
ATOM   393  C CD1 . LEU A 1 72  ? -11.253 -2.357  -3.066  1.00 36.67 ? 72  LEU A CD1 1 
ATOM   394  C CD2 . LEU A 1 72  ? -12.856 -0.417  -3.168  1.00 39.54 ? 72  LEU A CD2 1 
ATOM   395  N N   . LEU A 1 73  ? -12.805 -2.911  1.347   1.00 35.37 ? 73  LEU A N   1 
ATOM   396  C CA  . LEU A 1 73  ? -12.170 -2.594  2.602   1.00 33.85 ? 73  LEU A CA  1 
ATOM   397  C C   . LEU A 1 73  ? -11.402 -3.763  3.174   1.00 32.98 ? 73  LEU A C   1 
ATOM   398  O O   . LEU A 1 73  ? -10.286 -3.574  3.723   1.00 33.51 ? 73  LEU A O   1 
ATOM   399  C CB  . LEU A 1 73  ? -13.221 -2.069  3.582   1.00 34.36 ? 73  LEU A CB  1 
ATOM   400  C CG  . LEU A 1 73  ? -12.824 -1.821  5.044   1.00 35.95 ? 73  LEU A CG  1 
ATOM   401  C CD1 . LEU A 1 73  ? -11.638 -0.803  5.132   1.00 29.49 ? 73  LEU A CD1 1 
ATOM   402  C CD2 . LEU A 1 73  ? -14.074 -1.361  5.886   1.00 35.63 ? 73  LEU A CD2 1 
ATOM   403  N N   . THR A 1 74  ? -11.964 -4.968  3.105   1.00 31.82 ? 74  THR A N   1 
ATOM   404  C CA  . THR A 1 74  ? -11.241 -6.122  3.649   1.00 31.46 ? 74  THR A CA  1 
ATOM   405  C C   . THR A 1 74  ? -10.062 -6.448  2.753   1.00 30.76 ? 74  THR A C   1 
ATOM   406  O O   . THR A 1 74  ? -9.003  -6.795  3.233   1.00 29.80 ? 74  THR A O   1 
ATOM   407  C CB  . THR A 1 74  ? -12.117 -7.398  3.734   1.00 32.68 ? 74  THR A CB  1 
ATOM   408  O OG1 . THR A 1 74  ? -13.359 -7.082  4.344   1.00 33.90 ? 74  THR A OG1 1 
ATOM   409  C CG2 . THR A 1 74  ? -11.419 -8.477  4.521   1.00 31.13 ? 74  THR A CG2 1 
ATOM   410  N N   . LEU A 1 75  ? -10.253 -6.344  1.443   1.00 30.92 ? 75  LEU A N   1 
ATOM   411  C CA  . LEU A 1 75  ? -9.169  -6.675  0.488   1.00 31.80 ? 75  LEU A CA  1 
ATOM   412  C C   . LEU A 1 75  ? -8.016  -5.699  0.750   1.00 32.01 ? 75  LEU A C   1 
ATOM   413  O O   . LEU A 1 75  ? -6.878  -6.117  0.884   1.00 32.65 ? 75  LEU A O   1 
ATOM   414  C CB  . LEU A 1 75  ? -9.662  -6.491  -0.935  1.00 30.15 ? 75  LEU A CB  1 
ATOM   415  C CG  . LEU A 1 75  ? -9.846  -7.644  -1.927  1.00 32.15 ? 75  LEU A CG  1 
ATOM   416  C CD1 . LEU A 1 75  ? -9.648  -9.054  -1.469  1.00 30.95 ? 75  LEU A CD1 1 
ATOM   417  C CD2 . LEU A 1 75  ? -11.143 -7.432  -2.717  1.00 31.37 ? 75  LEU A CD2 1 
ATOM   418  N N   . LEU A 1 76  ? -8.351  -4.406  0.885   1.00 31.58 ? 76  LEU A N   1 
ATOM   419  C CA  . LEU A 1 76  ? -7.377  -3.398  1.133   1.00 31.49 ? 76  LEU A CA  1 
ATOM   420  C C   . LEU A 1 76  ? -6.616  -3.610  2.429   1.00 31.41 ? 76  LEU A C   1 
ATOM   421  O O   . LEU A 1 76  ? -5.386  -3.665  2.422   1.00 31.80 ? 76  LEU A O   1 
ATOM   422  C CB  . LEU A 1 76  ? -7.997  -2.031  1.079   1.00 31.38 ? 76  LEU A CB  1 
ATOM   423  C CG  . LEU A 1 76  ? -6.943  -0.920  1.165   1.00 33.03 ? 76  LEU A CG  1 
ATOM   424  C CD1 . LEU A 1 76  ? -5.831  -1.072  0.048   1.00 29.85 ? 76  LEU A CD1 1 
ATOM   425  C CD2 . LEU A 1 76  ? -7.672  0.476   1.146   1.00 30.74 ? 76  LEU A CD2 1 
ATOM   426  N N   . ASP A 1 77  ? -7.356  -3.799  3.514   1.00 31.35 ? 77  ASP A N   1 
ATOM   427  C CA  . ASP A 1 77  ? -6.820  -4.161  4.805   1.00 31.84 ? 77  ASP A CA  1 
ATOM   428  C C   . ASP A 1 77  ? -5.890  -5.385  4.809   1.00 31.44 ? 77  ASP A C   1 
ATOM   429  O O   . ASP A 1 77  ? -4.938  -5.423  5.590   1.00 31.69 ? 77  ASP A O   1 
ATOM   430  C CB  . ASP A 1 77  ? -7.978  -4.389  5.795   1.00 33.21 ? 77  ASP A CB  1 
ATOM   431  C CG  . ASP A 1 77  ? -7.471  -4.606  7.210   1.00 38.02 ? 77  ASP A CG  1 
ATOM   432  O OD1 . ASP A 1 77  ? -7.289  -3.631  7.967   1.00 45.01 ? 77  ASP A OD1 1 
ATOM   433  O OD2 . ASP A 1 77  ? -7.147  -5.753  7.554   1.00 43.32 ? 77  ASP A OD2 1 
ATOM   434  N N   . ARG A 1 78  ? -6.135  -6.393  3.969   1.00 29.82 ? 78  ARG A N   1 
ATOM   435  C CA  . ARG A 1 78  ? -5.186  -7.518  3.946   1.00 29.90 ? 78  ARG A CA  1 
ATOM   436  C C   . ARG A 1 78  ? -3.849  -7.141  3.275   1.00 28.52 ? 78  ARG A C   1 
ATOM   437  O O   . ARG A 1 78  ? -2.804  -7.521  3.740   1.00 26.48 ? 78  ARG A O   1 
ATOM   438  C CB  . ARG A 1 78  ? -5.810  -8.739  3.274   1.00 29.85 ? 78  ARG A CB  1 
ATOM   439  C CG  . ARG A 1 78  ? -7.037  -9.302  4.063   1.00 33.67 ? 78  ARG A CG  1 
ATOM   440  C CD  . ARG A 1 78  ? -8.035  -10.040 3.105   1.00 36.55 ? 78  ARG A CD  1 
ATOM   441  N NE  . ARG A 1 78  ? -7.355  -11.009 2.213   1.00 46.41 ? 78  ARG A NE  1 
ATOM   442  C CZ  . ARG A 1 78  ? -7.078  -12.280 2.545   1.00 47.57 ? 78  ARG A CZ  1 
ATOM   443  N NH1 . ARG A 1 78  ? -7.422  -12.764 3.732   1.00 48.12 ? 78  ARG A NH1 1 
ATOM   444  N NH2 . ARG A 1 78  ? -6.455  -13.069 1.693   1.00 45.98 ? 78  ARG A NH2 1 
ATOM   445  N N   . VAL A 1 79  ? -3.926  -6.347  2.206   1.00 28.09 ? 79  VAL A N   1 
ATOM   446  C CA  . VAL A 1 79  ? -2.744  -5.922  1.473   1.00 27.93 ? 79  VAL A CA  1 
ATOM   447  C C   . VAL A 1 79  ? -1.893  -4.973  2.344   1.00 28.49 ? 79  VAL A C   1 
ATOM   448  O O   . VAL A 1 79  ? -0.662  -5.199  2.458   1.00 28.08 ? 79  VAL A O   1 
ATOM   449  C CB  . VAL A 1 79  ? -3.165  -5.338  0.110   1.00 29.31 ? 79  VAL A CB  1 
ATOM   450  C CG1 . VAL A 1 79  ? -1.994  -4.597  -0.602  1.00 30.89 ? 79  VAL A CG1 1 
ATOM   451  C CG2 . VAL A 1 79  ? -3.794  -6.479  -0.812  1.00 26.52 ? 79  VAL A CG2 1 
ATOM   452  N N   . VAL A 1 80  ? -2.520  -3.974  3.010   1.00 26.88 ? 80  VAL A N   1 
ATOM   453  C CA  . VAL A 1 80  ? -1.734  -3.055  3.840   1.00 25.97 ? 80  VAL A CA  1 
ATOM   454  C C   . VAL A 1 80  ? -1.110  -3.778  5.006   1.00 26.81 ? 80  VAL A C   1 
ATOM   455  O O   . VAL A 1 80  ? 0.059   -3.588  5.284   1.00 26.83 ? 80  VAL A O   1 
ATOM   456  C CB  . VAL A 1 80  ? -2.489  -1.744  4.287   1.00 27.17 ? 80  VAL A CB  1 
ATOM   457  C CG1 . VAL A 1 80  ? -3.349  -1.144  3.167   1.00 24.48 ? 80  VAL A CG1 1 
ATOM   458  C CG2 . VAL A 1 80  ? -3.324  -1.961  5.504   1.00 23.74 ? 80  VAL A CG2 1 
ATOM   459  N N   . ASN A 1 81  ? -1.866  -4.664  5.685   1.00 27.90 ? 81  ASN A N   1 
ATOM   460  C CA  . ASN A 1 81  ? -1.289  -5.474  6.760   1.00 28.01 ? 81  ASN A CA  1 
ATOM   461  C C   . ASN A 1 81  ? -0.151  -6.379  6.297   1.00 29.02 ? 81  ASN A C   1 
ATOM   462  O O   . ASN A 1 81  ? 0.853   -6.567  7.034   1.00 29.72 ? 81  ASN A O   1 
ATOM   463  C CB  . ASN A 1 81  ? -2.365  -6.281  7.454   1.00 28.18 ? 81  ASN A CB  1 
ATOM   464  C CG  . ASN A 1 81  ? -3.101  -5.458  8.433   1.00 30.45 ? 81  ASN A CG  1 
ATOM   465  O OD1 . ASN A 1 81  ? -2.539  -5.092  9.461   1.00 29.59 ? 81  ASN A OD1 1 
ATOM   466  N ND2 . ASN A 1 81  ? -4.346  -5.101  8.118   1.00 27.97 ? 81  ASN A ND2 1 
ATOM   467  N N   . GLN A 1 82  ? -0.283  -6.919  5.085   1.00 28.85 ? 82  GLN A N   1 
ATOM   468  C CA  . GLN A 1 82  ? 0.784   -7.741  4.527   1.00 29.96 ? 82  GLN A CA  1 
ATOM   469  C C   . GLN A 1 82  ? 2.056   -6.915  4.226   1.00 29.32 ? 82  GLN A C   1 
ATOM   470  O O   . GLN A 1 82  ? 3.170   -7.370  4.492   1.00 30.20 ? 82  GLN A O   1 
ATOM   471  C CB  . GLN A 1 82  ? 0.266   -8.499  3.286   1.00 30.98 ? 82  GLN A CB  1 
ATOM   472  C CG  . GLN A 1 82  ? 1.337   -9.276  2.508   1.00 34.50 ? 82  GLN A CG  1 
ATOM   473  C CD  . GLN A 1 82  ? 0.837   -9.617  1.112   1.00 43.55 ? 82  GLN A CD  1 
ATOM   474  O OE1 . GLN A 1 82  ? -0.399  -9.759  0.864   1.00 42.85 ? 82  GLN A OE1 1 
ATOM   475  N NE2 . GLN A 1 82  ? 1.789   -9.732  0.167   1.00 43.60 ? 82  GLN A NE2 1 
ATOM   476  N N   . ALA A 1 83  ? 1.895   -5.699  3.699   1.00 27.21 ? 83  ALA A N   1 
ATOM   477  C CA  . ALA A 1 83  ? 3.011   -4.786  3.528   1.00 25.91 ? 83  ALA A CA  1 
ATOM   478  C C   . ALA A 1 83  ? 3.641   -4.457  4.902   1.00 26.18 ? 83  ALA A C   1 
ATOM   479  O O   . ALA A 1 83  ? 4.897   -4.389  5.059   1.00 25.85 ? 83  ALA A O   1 
ATOM   480  C CB  . ALA A 1 83  ? 2.517   -3.460  2.854   1.00 24.03 ? 83  ALA A CB  1 
ATOM   481  N N   . ASP A 1 84  ? 2.756   -4.174  5.864   1.00 25.39 ? 84  ASP A N   1 
ATOM   482  C CA  . ASP A 1 84  ? 3.181   -3.815  7.188   1.00 27.49 ? 84  ASP A CA  1 
ATOM   483  C C   . ASP A 1 84  ? 3.942   -4.952  7.852   1.00 28.03 ? 84  ASP A C   1 
ATOM   484  O O   . ASP A 1 84  ? 5.015   -4.708  8.381   1.00 28.59 ? 84  ASP A O   1 
ATOM   485  C CB  . ASP A 1 84  ? 2.019   -3.300  8.066   1.00 28.69 ? 84  ASP A CB  1 
ATOM   486  C CG  . ASP A 1 84  ? 2.524   -2.598  9.318   1.00 29.52 ? 84  ASP A CG  1 
ATOM   487  O OD1 . ASP A 1 84  ? 3.340   -1.645  9.202   1.00 30.25 ? 84  ASP A OD1 1 
ATOM   488  O OD2 . ASP A 1 84  ? 2.139   -3.025  10.429  1.00 32.68 ? 84  ASP A OD2 1 
ATOM   489  N N   . MET A 1 85  ? 3.454   -6.189  7.764   1.00 28.89 ? 85  MET A N   1 
ATOM   490  C CA  . MET A 1 85  ? 4.200   -7.332  8.368   1.00 31.08 ? 85  MET A CA  1 
ATOM   491  C C   . MET A 1 85  ? 5.587   -7.513  7.740   1.00 31.22 ? 85  MET A C   1 
ATOM   492  O O   . MET A 1 85  ? 6.607   -7.739  8.466   1.00 30.54 ? 85  MET A O   1 
ATOM   493  C CB  . MET A 1 85  ? 3.399   -8.640  8.292   1.00 31.57 ? 85  MET A CB  1 
ATOM   494  C CG  . MET A 1 85  ? 2.130   -8.606  9.184   1.00 38.22 ? 85  MET A CG  1 
ATOM   495  S SD  . MET A 1 85  ? 0.985   -10.053 9.036   1.00 56.62 ? 85  MET A SD  1 
ATOM   496  C CE  . MET A 1 85  ? 0.173   -9.922  7.398   1.00 51.49 ? 85  MET A CE  1 
ATOM   497  N N   . ALA A 1 86  ? 5.631   -7.382  6.403   1.00 30.45 ? 86  ALA A N   1 
ATOM   498  C CA  . ALA A 1 86  ? 6.857   -7.540  5.632   1.00 30.63 ? 86  ALA A CA  1 
ATOM   499  C C   . ALA A 1 86  ? 7.838   -6.489  6.107   1.00 31.86 ? 86  ALA A C   1 
ATOM   500  O O   . ALA A 1 86  ? 9.010   -6.769  6.282   1.00 32.78 ? 86  ALA A O   1 
ATOM   501  C CB  . ALA A 1 86  ? 6.582   -7.401  4.147   1.00 29.33 ? 86  ALA A CB  1 
ATOM   502  N N   . LEU A 1 87  ? 7.332   -5.285  6.369   1.00 32.60 ? 87  LEU A N   1 
ATOM   503  C CA  . LEU A 1 87  ? 8.143   -4.210  6.932   1.00 33.94 ? 87  LEU A CA  1 
ATOM   504  C C   . LEU A 1 87  ? 8.656   -4.489  8.377   1.00 35.74 ? 87  LEU A C   1 
ATOM   505  O O   . LEU A 1 87  ? 9.850   -4.256  8.663   1.00 36.20 ? 87  LEU A O   1 
ATOM   506  C CB  . LEU A 1 87  ? 7.399   -2.843  6.808   1.00 32.60 ? 87  LEU A CB  1 
ATOM   507  C CG  . LEU A 1 87  ? 8.314   -1.640  6.968   1.00 32.29 ? 87  LEU A CG  1 
ATOM   508  C CD1 . LEU A 1 87  ? 9.475   -1.565  5.898   1.00 25.15 ? 87  LEU A CD1 1 
ATOM   509  C CD2 . LEU A 1 87  ? 7.538   -0.326  7.096   1.00 27.82 ? 87  LEU A CD2 1 
ATOM   510  N N   . GLN A 1 88  ? 7.782   -5.010  9.265   1.00 37.62 ? 88  GLN A N   1 
ATOM   511  C CA  . GLN A 1 88  ? 8.217   -5.586  10.594  1.00 39.85 ? 88  GLN A CA  1 
ATOM   512  C C   . GLN A 1 88  ? 9.329   -6.655  10.497  1.00 39.83 ? 88  GLN A C   1 
ATOM   513  O O   . GLN A 1 88  ? 10.302  -6.585  11.244  1.00 39.03 ? 88  GLN A O   1 
ATOM   514  C CB  . GLN A 1 88  ? 7.030   -6.151  11.415  1.00 40.16 ? 88  GLN A CB  1 
ATOM   515  C CG  . GLN A 1 88  ? 6.100   -5.064  12.017  1.00 45.38 ? 88  GLN A CG  1 
ATOM   516  C CD  . GLN A 1 88  ? 4.779   -5.631  12.565  1.00 50.29 ? 88  GLN A CD  1 
ATOM   517  O OE1 . GLN A 1 88  ? 3.684   -5.180  12.190  1.00 53.41 ? 88  GLN A OE1 1 
ATOM   518  N NE2 . GLN A 1 88  ? 4.884   -6.641  13.432  1.00 49.91 ? 88  GLN A NE2 1 
ATOM   519  N N   . THR A 1 89  ? 9.173   -7.615  9.576   1.00 40.87 ? 89  THR A N   1 
ATOM   520  C CA  . THR A 1 89  ? 10.164  -8.684  9.310   1.00 42.30 ? 89  THR A CA  1 
ATOM   521  C C   . THR A 1 89  ? 11.554  -8.166  8.988   1.00 44.49 ? 89  THR A C   1 
ATOM   522  O O   . THR A 1 89  ? 12.543  -8.628  9.566   1.00 44.24 ? 89  THR A O   1 
ATOM   523  C CB  . THR A 1 89  ? 9.739   -9.581  8.144   1.00 41.71 ? 89  THR A CB  1 
ATOM   524  O OG1 . THR A 1 89  ? 8.569   -10.308 8.515   1.00 40.77 ? 89  THR A OG1 1 
ATOM   525  C CG2 . THR A 1 89  ? 10.852  -10.547 7.768   1.00 41.52 ? 89  THR A CG2 1 
ATOM   526  N N   . LEU A 1 90  ? 11.645  -7.227  8.049   1.00 47.41 ? 90  LEU A N   1 
ATOM   527  C CA  . LEU A 1 90  ? 12.910  -6.507  7.818   1.00 50.27 ? 90  LEU A CA  1 
ATOM   528  C C   . LEU A 1 90  ? 13.457  -5.879  9.094   1.00 52.56 ? 90  LEU A C   1 
ATOM   529  O O   . LEU A 1 90  ? 14.658  -5.958  9.366   1.00 52.81 ? 90  LEU A O   1 
ATOM   530  C CB  . LEU A 1 90  ? 12.699  -5.370  6.815   1.00 50.14 ? 90  LEU A CB  1 
ATOM   531  C CG  . LEU A 1 90  ? 13.333  -5.469  5.446   1.00 50.18 ? 90  LEU A CG  1 
ATOM   532  C CD1 . LEU A 1 90  ? 13.443  -6.912  4.965   1.00 49.67 ? 90  LEU A CD1 1 
ATOM   533  C CD2 . LEU A 1 90  ? 12.493  -4.625  4.513   1.00 51.19 ? 90  LEU A CD2 1 
ATOM   534  N N   . ALA A 1 91  ? 12.564  -5.235  9.847   1.00 55.28 ? 91  ALA A N   1 
ATOM   535  C CA  . ALA A 1 91  ? 12.930  -4.514  11.050  1.00 58.75 ? 91  ALA A CA  1 
ATOM   536  C C   . ALA A 1 91  ? 13.634  -5.396  12.080  1.00 61.50 ? 91  ALA A C   1 
ATOM   537  O O   . ALA A 1 91  ? 14.594  -4.963  12.699  1.00 62.67 ? 91  ALA A O   1 
ATOM   538  C CB  . ALA A 1 91  ? 11.704  -3.825  11.664  1.00 57.83 ? 91  ALA A CB  1 
ATOM   539  N N   . GLU A 1 92  ? 13.184  -6.639  12.242  1.00 64.61 ? 92  GLU A N   1 
ATOM   540  C CA  . GLU A 1 92  ? 13.681  -7.507  13.302  1.00 66.85 ? 92  GLU A CA  1 
ATOM   541  C C   . GLU A 1 92  ? 14.968  -8.248  12.940  1.00 68.69 ? 92  GLU A C   1 
ATOM   542  O O   . GLU A 1 92  ? 15.582  -8.875  13.799  1.00 69.06 ? 92  GLU A O   1 
ATOM   543  C CB  . GLU A 1 92  ? 12.596  -8.499  13.701  1.00 66.92 ? 92  GLU A CB  1 
ATOM   544  C CG  . GLU A 1 92  ? 11.239  -7.872  14.081  1.00 67.18 ? 92  GLU A CG  1 
ATOM   545  C CD  . GLU A 1 92  ? 10.134  -8.907  13.978  1.00 68.68 ? 92  GLU A CD  1 
ATOM   546  O OE1 . GLU A 1 92  ? 10.474  -10.029 13.571  1.00 69.18 ? 92  GLU A OE1 1 
ATOM   547  O OE2 . GLU A 1 92  ? 8.949   -8.628  14.285  1.00 68.90 ? 92  GLU A OE2 1 
ATOM   548  N N   . ASN A 1 93  ? 15.377  -8.180  11.677  1.00 70.83 ? 93  ASN A N   1 
ATOM   549  C CA  . ASN A 1 93  ? 16.601  -8.840  11.210  1.00 72.95 ? 93  ASN A CA  1 
ATOM   550  C C   . ASN A 1 93  ? 17.469  -7.811  10.486  1.00 74.08 ? 93  ASN A C   1 
ATOM   551  O O   . ASN A 1 93  ? 17.094  -7.379  9.388   1.00 74.92 ? 93  ASN A O   1 
ATOM   552  C CB  . ASN A 1 93  ? 16.249  -9.993  10.246  1.00 73.32 ? 93  ASN A CB  1 
ATOM   553  C CG  . ASN A 1 93  ? 15.209  -10.995 10.835  1.00 74.62 ? 93  ASN A CG  1 
ATOM   554  O OD1 . ASN A 1 93  ? 15.510  -12.179 11.003  1.00 75.18 ? 93  ASN A OD1 1 
ATOM   555  N ND2 . ASN A 1 93  ? 13.995  -10.518 11.133  1.00 73.55 ? 93  ASN A ND2 1 
ATOM   556  N N   . PRO A 1 94  ? 18.636  -7.428  11.059  1.00 74.93 ? 94  PRO A N   1 
ATOM   557  C CA  . PRO A 1 94  ? 19.318  -6.224  10.495  1.00 75.01 ? 94  PRO A CA  1 
ATOM   558  C C   . PRO A 1 94  ? 19.794  -6.370  9.019   1.00 75.07 ? 94  PRO A C   1 
ATOM   559  O O   . PRO A 1 94  ? 20.898  -6.866  8.733   1.00 74.70 ? 94  PRO A O   1 
ATOM   560  C CB  . PRO A 1 94  ? 20.487  -5.989  11.464  1.00 75.31 ? 94  PRO A CB  1 
ATOM   561  C CG  . PRO A 1 94  ? 20.779  -7.383  12.096  1.00 75.28 ? 94  PRO A CG  1 
ATOM   562  C CD  . PRO A 1 94  ? 19.533  -8.249  11.911  1.00 75.08 ? 94  PRO A CD  1 
ATOM   563  N N   . THR A 1 97  ? 24.637  -4.659  5.801   1.00 51.20 ? 97  THR A N   1 
ATOM   564  C CA  . THR A 1 97  ? 24.396  -4.054  4.463   1.00 50.11 ? 97  THR A CA  1 
ATOM   565  C C   . THR A 1 97  ? 24.438  -2.517  4.471   1.00 48.27 ? 97  THR A C   1 
ATOM   566  O O   . THR A 1 97  ? 24.248  -1.886  5.522   1.00 48.36 ? 97  THR A O   1 
ATOM   567  C CB  . THR A 1 97  ? 23.091  -4.572  3.725   1.00 51.03 ? 97  THR A CB  1 
ATOM   568  O OG1 . THR A 1 97  ? 23.274  -4.447  2.304   1.00 53.13 ? 97  THR A OG1 1 
ATOM   569  C CG2 . THR A 1 97  ? 21.800  -3.807  4.161   1.00 49.08 ? 97  THR A CG2 1 
ATOM   570  N N   . ASP A 1 98  ? 24.693  -1.958  3.285   1.00 45.23 ? 98  ASP A N   1 
ATOM   571  C CA  . ASP A 1 98  ? 24.929  -0.537  3.109   1.00 42.38 ? 98  ASP A CA  1 
ATOM   572  C C   . ASP A 1 98  ? 23.609  0.269   3.113   1.00 39.99 ? 98  ASP A C   1 
ATOM   573  O O   . ASP A 1 98  ? 22.502  -0.293  3.017   1.00 39.05 ? 98  ASP A O   1 
ATOM   574  C CB  . ASP A 1 98  ? 25.812  -0.305  1.861   1.00 42.71 ? 98  ASP A CB  1 
ATOM   575  C CG  . ASP A 1 98  ? 25.045  -0.365  0.544   1.00 43.78 ? 98  ASP A CG  1 
ATOM   576  O OD1 . ASP A 1 98  ? 23.948  -0.917  0.430   1.00 43.45 ? 98  ASP A OD1 1 
ATOM   577  O OD2 . ASP A 1 98  ? 25.561  0.192   -0.427  1.00 45.75 ? 98  ASP A OD2 1 
ATOM   578  N N   . ARG A 1 99  ? 23.713  1.579   3.286   1.00 37.96 ? 99  ARG A N   1 
ATOM   579  C CA  . ARG A 1 99  ? 22.510  2.387   3.610   1.00 36.41 ? 99  ARG A CA  1 
ATOM   580  C C   . ARG A 1 99  ? 21.551  2.439   2.405   1.00 34.27 ? 99  ARG A C   1 
ATOM   581  O O   . ARG A 1 99  ? 20.338  2.291   2.557   1.00 33.38 ? 99  ARG A O   1 
ATOM   582  C CB  . ARG A 1 99  ? 22.907  3.773   4.071   1.00 36.55 ? 99  ARG A CB  1 
ATOM   583  C CG  . ARG A 1 99  ? 23.533  4.562   2.941   1.00 39.40 ? 99  ARG A CG  1 
ATOM   584  C CD  . ARG A 1 99  ? 24.580  5.521   3.418   1.00 42.44 ? 99  ARG A CD  1 
ATOM   585  N NE  . ARG A 1 99  ? 24.835  6.543   2.411   1.00 45.09 ? 99  ARG A NE  1 
ATOM   586  C CZ  . ARG A 1 99  ? 25.623  7.594   2.634   1.00 49.25 ? 99  ARG A CZ  1 
ATOM   587  N NH1 . ARG A 1 99  ? 26.228  7.721   3.836   1.00 47.14 ? 99  ARG A NH1 1 
ATOM   588  N NH2 . ARG A 1 99  ? 25.801  8.513   1.666   1.00 48.31 ? 99  ARG A NH2 1 
ATOM   589  N N   . GLU A 1 100 ? 22.115  2.587   1.216   1.00 32.28 ? 100 GLU A N   1 
ATOM   590  C CA  . GLU A 1 100 ? 21.307  2.636   0.031   1.00 31.95 ? 100 GLU A CA  1 
ATOM   591  C C   . GLU A 1 100 ? 20.422  1.383   -0.121  1.00 31.60 ? 100 GLU A C   1 
ATOM   592  O O   . GLU A 1 100 ? 19.212  1.452   -0.396  1.00 30.96 ? 100 GLU A O   1 
ATOM   593  C CB  . GLU A 1 100 ? 22.159  2.854   -1.192  1.00 30.68 ? 100 GLU A CB  1 
ATOM   594  C CG  . GLU A 1 100 ? 21.367  2.498   -2.390  1.00 33.75 ? 100 GLU A CG  1 
ATOM   595  C CD  . GLU A 1 100 ? 21.981  2.963   -3.684  1.00 40.36 ? 100 GLU A CD  1 
ATOM   596  O OE1 . GLU A 1 100 ? 22.880  3.824   -3.668  1.00 45.91 ? 100 GLU A OE1 1 
ATOM   597  O OE2 . GLU A 1 100 ? 21.528  2.493   -4.736  1.00 43.15 ? 100 GLU A OE2 1 
ATOM   598  N N   . ASN A 1 101 ? 21.036  0.238   0.101   1.00 30.56 ? 101 ASN A N   1 
ATOM   599  C CA  . ASN A 1 101 ? 20.332  -1.032  0.067   1.00 29.96 ? 101 ASN A CA  1 
ATOM   600  C C   . ASN A 1 101 ? 19.272  -1.264  1.169   1.00 28.56 ? 101 ASN A C   1 
ATOM   601  O O   . ASN A 1 101 ? 18.199  -1.875  0.912   1.00 28.78 ? 101 ASN A O   1 
ATOM   602  C CB  . ASN A 1 101 ? 21.377  -2.148  0.097   1.00 30.33 ? 101 ASN A CB  1 
ATOM   603  C CG  . ASN A 1 101 ? 20.945  -3.343  -0.716  1.00 35.28 ? 101 ASN A CG  1 
ATOM   604  O OD1 . ASN A 1 101 ? 20.811  -4.466  -0.163  1.00 39.50 ? 101 ASN A OD1 1 
ATOM   605  N ND2 . ASN A 1 101 ? 20.674  -3.121  -2.025  1.00 36.06 ? 101 ASN A ND2 1 
ATOM   606  N N   . MET A 1 102 ? 19.571  -0.811  2.382   1.00 27.34 ? 102 MET A N   1 
ATOM   607  C CA  . MET A 1 102 ? 18.596  -0.831  3.441   1.00 27.57 ? 102 MET A CA  1 
ATOM   608  C C   . MET A 1 102 ? 17.333  -0.091  2.983   1.00 27.02 ? 102 MET A C   1 
ATOM   609  O O   . MET A 1 102 ? 16.242  -0.595  3.128   1.00 26.61 ? 102 MET A O   1 
ATOM   610  C CB  . MET A 1 102 ? 19.141  -0.204  4.720   1.00 27.83 ? 102 MET A CB  1 
ATOM   611  C CG  . MET A 1 102 ? 18.082  -0.021  5.878   1.00 30.62 ? 102 MET A CG  1 
ATOM   612  S SD  . MET A 1 102 ? 18.780  0.867   7.319   1.00 36.69 ? 102 MET A SD  1 
ATOM   613  C CE  . MET A 1 102 ? 18.928  2.606   6.830   1.00 33.07 ? 102 MET A CE  1 
ATOM   614  N N   . TRP A 1 103 ? 17.490  1.088   2.386   1.00 26.51 ? 103 TRP A N   1 
ATOM   615  C CA  . TRP A 1 103 ? 16.308  1.895   2.018   1.00 25.70 ? 103 TRP A CA  1 
ATOM   616  C C   . TRP A 1 103 ? 15.583  1.213   0.866   1.00 25.33 ? 103 TRP A C   1 
ATOM   617  O O   . TRP A 1 103 ? 14.328  1.115   0.863   1.00 26.27 ? 103 TRP A O   1 
ATOM   618  C CB  . TRP A 1 103 ? 16.696  3.374   1.713   1.00 24.51 ? 103 TRP A CB  1 
ATOM   619  C CG  . TRP A 1 103 ? 17.053  4.091   2.980   1.00 23.90 ? 103 TRP A CG  1 
ATOM   620  C CD1 . TRP A 1 103 ? 18.323  4.520   3.383   1.00 20.75 ? 103 TRP A CD1 1 
ATOM   621  C CD2 . TRP A 1 103 ? 16.151  4.427   4.066   1.00 21.45 ? 103 TRP A CD2 1 
ATOM   622  N NE1 . TRP A 1 103 ? 18.233  5.099   4.642   1.00 22.94 ? 103 TRP A NE1 1 
ATOM   623  C CE2 . TRP A 1 103 ? 16.930  5.057   5.083   1.00 20.41 ? 103 TRP A CE2 1 
ATOM   624  C CE3 . TRP A 1 103 ? 14.774  4.260   4.275   1.00 21.89 ? 103 TRP A CE3 1 
ATOM   625  C CZ2 . TRP A 1 103 ? 16.362  5.540   6.292   1.00 23.74 ? 103 TRP A CZ2 1 
ATOM   626  C CZ3 . TRP A 1 103 ? 14.194  4.743   5.497   1.00 23.35 ? 103 TRP A CZ3 1 
ATOM   627  C CH2 . TRP A 1 103 ? 14.993  5.363   6.491   1.00 23.41 ? 103 TRP A CH2 1 
ATOM   628  N N   . ARG A 1 104 ? 16.387  0.731   -0.082  1.00 23.61 ? 104 ARG A N   1 
ATOM   629  C CA  . ARG A 1 104 ? 15.909  0.002   -1.261  1.00 23.97 ? 104 ARG A CA  1 
ATOM   630  C C   . ARG A 1 104 ? 14.983  -1.179  -0.872  1.00 23.47 ? 104 ARG A C   1 
ATOM   631  O O   . ARG A 1 104 ? 13.870  -1.345  -1.434  1.00 24.37 ? 104 ARG A O   1 
ATOM   632  C CB  . ARG A 1 104 ? 17.118  -0.491  -2.139  1.00 23.20 ? 104 ARG A CB  1 
ATOM   633  C CG  . ARG A 1 104 ? 16.685  -1.320  -3.383  1.00 22.04 ? 104 ARG A CG  1 
ATOM   634  C CD  . ARG A 1 104 ? 17.825  -1.653  -4.422  1.00 21.80 ? 104 ARG A CD  1 
ATOM   635  N NE  . ARG A 1 104 ? 18.505  -0.455  -4.898  1.00 32.18 ? 104 ARG A NE  1 
ATOM   636  C CZ  . ARG A 1 104 ? 18.071  0.319   -5.907  1.00 37.39 ? 104 ARG A CZ  1 
ATOM   637  N NH1 . ARG A 1 104 ? 16.983  0.001   -6.632  1.00 37.33 ? 104 ARG A NH1 1 
ATOM   638  N NH2 . ARG A 1 104 ? 18.756  1.404   -6.241  1.00 37.34 ? 104 ARG A NH2 1 
ATOM   639  N N   . THR A 1 105 ? 15.440  -1.955  0.102   1.00 22.34 ? 105 THR A N   1 
ATOM   640  C CA  . THR A 1 105 ? 14.695  -3.126  0.609   1.00 23.11 ? 105 THR A CA  1 
ATOM   641  C C   . THR A 1 105 ? 13.426  -2.695  1.281   1.00 22.30 ? 105 THR A C   1 
ATOM   642  O O   . THR A 1 105 ? 12.385  -3.285  1.011   1.00 23.87 ? 105 THR A O   1 
ATOM   643  C CB  . THR A 1 105 ? 15.563  -3.986  1.545   1.00 22.71 ? 105 THR A CB  1 
ATOM   644  O OG1 . THR A 1 105 ? 16.784  -4.289  0.856   1.00 26.55 ? 105 THR A OG1 1 
ATOM   645  C CG2 . THR A 1 105 ? 14.891  -5.278  1.865   1.00 25.91 ? 105 THR A CG2 1 
ATOM   646  N N   . GLY A 1 106 ? 13.460  -1.637  2.097   1.00 21.30 ? 106 GLY A N   1 
ATOM   647  C CA  . GLY A 1 106 ? 12.187  -1.085  2.638   1.00 19.95 ? 106 GLY A CA  1 
ATOM   648  C C   . GLY A 1 106 ? 11.177  -0.617  1.584   1.00 19.85 ? 106 GLY A C   1 
ATOM   649  O O   . GLY A 1 106 ? 9.984   -0.981  1.603   1.00 21.07 ? 106 GLY A O   1 
ATOM   650  N N   . ILE A 1 107 ? 11.639  0.159   0.618   1.00 19.23 ? 107 ILE A N   1 
ATOM   651  C CA  . ILE A 1 107 ? 10.732  0.665   -0.400  1.00 17.56 ? 107 ILE A CA  1 
ATOM   652  C C   . ILE A 1 107 ? 10.204  -0.504  -1.210  1.00 19.46 ? 107 ILE A C   1 
ATOM   653  O O   . ILE A 1 107 ? 9.044   -0.471  -1.667  1.00 21.71 ? 107 ILE A O   1 
ATOM   654  C CB  . ILE A 1 107 ? 11.486  1.681   -1.332  1.00 16.19 ? 107 ILE A CB  1 
ATOM   655  C CG1 . ILE A 1 107 ? 12.025  2.885   -0.508  1.00 16.89 ? 107 ILE A CG1 1 
ATOM   656  C CG2 . ILE A 1 107 ? 10.616  2.088   -2.508  1.00 11.54 ? 107 ILE A CG2 1 
ATOM   657  C CD1 . ILE A 1 107 ? 12.963  3.886   -1.301  1.00 16.56 ? 107 ILE A CD1 1 
ATOM   658  N N   . ASN A 1 108 ? 11.035  -1.533  -1.426  1.00 19.33 ? 108 ASN A N   1 
ATOM   659  C CA  . ASN A 1 108 ? 10.654  -2.666  -2.301  1.00 19.69 ? 108 ASN A CA  1 
ATOM   660  C C   . ASN A 1 108 ? 9.485   -3.457  -1.707  1.00 19.52 ? 108 ASN A C   1 
ATOM   661  O O   . ASN A 1 108 ? 8.714   -4.066  -2.418  1.00 19.39 ? 108 ASN A O   1 
ATOM   662  C CB  . ASN A 1 108 ? 11.856  -3.595  -2.508  1.00 18.83 ? 108 ASN A CB  1 
ATOM   663  C CG  . ASN A 1 108 ? 11.589  -4.683  -3.521  1.00 22.63 ? 108 ASN A CG  1 
ATOM   664  O OD1 . ASN A 1 108 ? 11.183  -4.386  -4.666  1.00 22.72 ? 108 ASN A OD1 1 
ATOM   665  N ND2 . ASN A 1 108 ? 11.830  -5.974  -3.131  1.00 11.79 ? 108 ASN A ND2 1 
ATOM   666  N N   . VAL A 1 109 ? 9.390   -3.458  -0.395  1.00 19.58 ? 109 VAL A N   1 
ATOM   667  C CA  . VAL A 1 109 ? 8.256   -4.061  0.314   1.00 21.03 ? 109 VAL A CA  1 
ATOM   668  C C   . VAL A 1 109 ? 6.971   -3.488  -0.284  1.00 21.59 ? 109 VAL A C   1 
ATOM   669  O O   . VAL A 1 109 ? 6.065   -4.231  -0.693  1.00 22.08 ? 109 VAL A O   1 
ATOM   670  C CB  . VAL A 1 109 ? 8.439   -3.820  1.861   1.00 21.12 ? 109 VAL A CB  1 
ATOM   671  C CG1 . VAL A 1 109 ? 7.160   -3.995  2.693   1.00 24.72 ? 109 VAL A CG1 1 
ATOM   672  C CG2 . VAL A 1 109 ? 9.517   -4.696  2.366   1.00 20.94 ? 109 VAL A CG2 1 
ATOM   673  N N   . PHE A 1 110 ? 6.898   -2.159  -0.398  1.00 21.48 ? 110 PHE A N   1 
ATOM   674  C CA  . PHE A 1 110 ? 5.706   -1.521  -0.975  1.00 19.85 ? 110 PHE A CA  1 
ATOM   675  C C   . PHE A 1 110 ? 5.528   -1.712  -2.479  1.00 18.91 ? 110 PHE A C   1 
ATOM   676  O O   . PHE A 1 110 ? 4.463   -2.015  -2.925  1.00 17.84 ? 110 PHE A O   1 
ATOM   677  C CB  . PHE A 1 110 ? 5.666   -0.061  -0.523  1.00 19.75 ? 110 PHE A CB  1 
ATOM   678  C CG  . PHE A 1 110 ? 5.584   0.072   0.989   1.00 19.22 ? 110 PHE A CG  1 
ATOM   679  C CD1 . PHE A 1 110 ? 4.363   0.003   1.627   1.00 19.22 ? 110 PHE A CD1 1 
ATOM   680  C CD2 . PHE A 1 110 ? 6.736   0.211   1.757   1.00 17.98 ? 110 PHE A CD2 1 
ATOM   681  C CE1 . PHE A 1 110 ? 4.289   0.074   3.017   1.00 19.26 ? 110 PHE A CE1 1 
ATOM   682  C CE2 . PHE A 1 110 ? 6.683   0.285   3.157   1.00 19.90 ? 110 PHE A CE2 1 
ATOM   683  C CZ  . PHE A 1 110 ? 5.461   0.231   3.791   1.00 21.69 ? 110 PHE A CZ  1 
ATOM   684  N N   . PHE A 1 111 ? 6.581   -1.536  -3.243  1.00 20.04 ? 111 PHE A N   1 
ATOM   685  C CA  . PHE A 1 111 ? 6.556   -1.810  -4.677  1.00 21.78 ? 111 PHE A CA  1 
ATOM   686  C C   . PHE A 1 111 ? 6.096   -3.262  -4.978  1.00 22.30 ? 111 PHE A C   1 
ATOM   687  O O   . PHE A 1 111 ? 5.290   -3.509  -5.894  1.00 22.34 ? 111 PHE A O   1 
ATOM   688  C CB  . PHE A 1 111 ? 7.968   -1.525  -5.201  1.00 20.75 ? 111 PHE A CB  1 
ATOM   689  C CG  . PHE A 1 111 ? 8.174   -1.871  -6.629  1.00 25.06 ? 111 PHE A CG  1 
ATOM   690  C CD1 . PHE A 1 111 ? 7.719   -1.006  -7.659  1.00 22.48 ? 111 PHE A CD1 1 
ATOM   691  C CD2 . PHE A 1 111 ? 8.874   -3.080  -6.983  1.00 27.49 ? 111 PHE A CD2 1 
ATOM   692  C CE1 . PHE A 1 111 ? 7.909   -1.355  -9.030  1.00 24.39 ? 111 PHE A CE1 1 
ATOM   693  C CE2 . PHE A 1 111 ? 9.099   -3.425  -8.382  1.00 30.88 ? 111 PHE A CE2 1 
ATOM   694  C CZ  . PHE A 1 111 ? 8.609   -2.576  -9.389  1.00 27.27 ? 111 PHE A CZ  1 
ATOM   695  N N   . GLU A 1 112 ? 6.591   -4.236  -4.215  1.00 22.56 ? 112 GLU A N   1 
ATOM   696  C CA  . GLU A 1 112 ? 6.214   -5.642  -4.466  1.00 24.88 ? 112 GLU A CA  1 
ATOM   697  C C   . GLU A 1 112 ? 4.801   -5.920  -3.937  1.00 24.94 ? 112 GLU A C   1 
ATOM   698  O O   . GLU A 1 112 ? 3.969   -6.464  -4.659  1.00 25.68 ? 112 GLU A O   1 
ATOM   699  C CB  . GLU A 1 112 ? 7.202   -6.638  -3.780  1.00 24.97 ? 112 GLU A CB  1 
ATOM   700  C CG  . GLU A 1 112 ? 8.525   -6.771  -4.503  1.00 30.13 ? 112 GLU A CG  1 
ATOM   701  C CD  . GLU A 1 112 ? 8.364   -7.491  -5.852  1.00 35.08 ? 112 GLU A CD  1 
ATOM   702  O OE1 . GLU A 1 112 ? 7.500   -8.401  -5.903  1.00 37.17 ? 112 GLU A OE1 1 
ATOM   703  O OE2 . GLU A 1 112 ? 9.073   -7.139  -6.838  1.00 35.48 ? 112 GLU A OE2 1 
ATOM   704  N N   . THR A 1 113 ? 4.539   -5.591  -2.678  1.00 22.96 ? 113 THR A N   1 
ATOM   705  C CA  . THR A 1 113 ? 3.245   -5.897  -2.122  1.00 24.29 ? 113 THR A CA  1 
ATOM   706  C C   . THR A 1 113 ? 2.119   -5.299  -2.957  1.00 24.48 ? 113 THR A C   1 
ATOM   707  O O   . THR A 1 113 ? 1.205   -6.040  -3.376  1.00 23.92 ? 113 THR A O   1 
ATOM   708  C CB  . THR A 1 113 ? 3.110   -5.475  -0.642  1.00 24.97 ? 113 THR A CB  1 
ATOM   709  O OG1 . THR A 1 113 ? 4.294   -5.868  0.057   1.00 23.24 ? 113 THR A OG1 1 
ATOM   710  C CG2 . THR A 1 113 ? 1.871   -6.126  0.007   1.00 25.29 ? 113 THR A CG2 1 
ATOM   711  N N   . PHE A 1 114 ? 2.206   -3.994  -3.251  1.00 23.82 ? 114 PHE A N   1 
ATOM   712  C CA  . PHE A 1 114 ? 1.115   -3.324  -3.970  1.00 23.87 ? 114 PHE A CA  1 
ATOM   713  C C   . PHE A 1 114 ? 1.161   -3.628  -5.445  1.00 24.51 ? 114 PHE A C   1 
ATOM   714  O O   . PHE A 1 114 ? 0.103   -3.704  -6.111  1.00 23.21 ? 114 PHE A O   1 
ATOM   715  C CB  . PHE A 1 114 ? 1.106   -1.817  -3.724  1.00 23.37 ? 114 PHE A CB  1 
ATOM   716  C CG  . PHE A 1 114 ? 0.891   -1.462  -2.275  1.00 28.45 ? 114 PHE A CG  1 
ATOM   717  C CD1 . PHE A 1 114 ? -0.341  -1.570  -1.696  1.00 33.95 ? 114 PHE A CD1 1 
ATOM   718  C CD2 . PHE A 1 114 ? 1.905   -0.973  -1.513  1.00 33.03 ? 114 PHE A CD2 1 
ATOM   719  C CE1 . PHE A 1 114 ? -0.540  -1.230  -0.329  1.00 39.75 ? 114 PHE A CE1 1 
ATOM   720  C CE2 . PHE A 1 114 ? 1.699   -0.630  -0.160  1.00 38.41 ? 114 PHE A CE2 1 
ATOM   721  C CZ  . PHE A 1 114 ? 0.483   -0.797  0.428   1.00 35.80 ? 114 PHE A CZ  1 
ATOM   722  N N   . GLY A 1 115 ? 2.398   -3.810  -5.949  1.00 25.57 ? 115 GLY A N   1 
ATOM   723  C CA  . GLY A 1 115 ? 2.645   -4.184  -7.347  1.00 25.99 ? 115 GLY A CA  1 
ATOM   724  C C   . GLY A 1 115 ? 2.041   -5.547  -7.639  1.00 26.47 ? 115 GLY A C   1 
ATOM   725  O O   . GLY A 1 115 ? 1.612   -5.818  -8.721  1.00 26.65 ? 115 GLY A O   1 
ATOM   726  N N   . SER A 1 116 ? 1.998   -6.409  -6.646  1.00 28.05 ? 116 SER A N   1 
ATOM   727  C CA  . SER A 1 116 ? 1.314   -7.730  -6.800  1.00 28.95 ? 116 SER A CA  1 
ATOM   728  C C   . SER A 1 116 ? -0.195  -7.647  -6.632  1.00 27.73 ? 116 SER A C   1 
ATOM   729  O O   . SER A 1 116 ? -0.861  -8.607  -6.860  1.00 27.67 ? 116 SER A O   1 
ATOM   730  C CB  . SER A 1 116 ? 1.893   -8.767  -5.829  1.00 27.87 ? 116 SER A CB  1 
ATOM   731  O OG  . SER A 1 116 ? 3.252   -8.843  -6.140  1.00 30.92 ? 116 SER A OG  1 
ATOM   732  N N   . HIS A 1 117 ? -0.738  -6.502  -6.250  1.00 27.89 ? 117 HIS A N   1 
ATOM   733  C CA  . HIS A 1 117 ? -2.188  -6.409  -6.044  1.00 27.70 ? 117 HIS A CA  1 
ATOM   734  C C   . HIS A 1 117 ? -2.617  -5.077  -6.590  1.00 27.90 ? 117 HIS A C   1 
ATOM   735  O O   . HIS A 1 117 ? -3.247  -4.284  -5.891  1.00 28.72 ? 117 HIS A O   1 
ATOM   736  C CB  . HIS A 1 117 ? -2.541  -6.519  -4.568  1.00 27.30 ? 117 HIS A CB  1 
ATOM   737  C CG  . HIS A 1 117 ? -2.277  -7.881  -3.994  1.00 32.98 ? 117 HIS A CG  1 
ATOM   738  N ND1 . HIS A 1 117 ? -1.146  -8.172  -3.250  1.00 36.08 ? 117 HIS A ND1 1 
ATOM   739  C CD2 . HIS A 1 117 ? -2.972  -9.045  -4.088  1.00 33.24 ? 117 HIS A CD2 1 
ATOM   740  C CE1 . HIS A 1 117 ? -1.161  -9.453  -2.901  1.00 37.97 ? 117 HIS A CE1 1 
ATOM   741  N NE2 . HIS A 1 117 ? -2.268  -10.001 -3.381  1.00 36.87 ? 117 HIS A NE2 1 
ATOM   742  N N   . LYS A 1 118 ? -2.323  -4.841  -7.861  1.00 28.37 ? 118 LYS A N   1 
ATOM   743  C CA  . LYS A 1 118 ? -2.648  -3.548  -8.489  1.00 28.75 ? 118 LYS A CA  1 
ATOM   744  C C   . LYS A 1 118 ? -4.117  -3.180  -8.523  1.00 29.62 ? 118 LYS A C   1 
ATOM   745  O O   . LYS A 1 118 ? -4.449  -1.995  -8.303  1.00 30.86 ? 118 LYS A O   1 
ATOM   746  C CB  . LYS A 1 118 ? -2.087  -3.464  -9.897  1.00 28.51 ? 118 LYS A CB  1 
ATOM   747  C CG  . LYS A 1 118 ? -0.537  -3.645  -10.008 1.00 30.42 ? 118 LYS A CG  1 
ATOM   748  C CD  . LYS A 1 118 ? -0.137  -3.141  -11.354 1.00 32.85 ? 118 LYS A CD  1 
ATOM   749  C CE  . LYS A 1 118 ? 0.739   -4.086  -12.083 1.00 38.72 ? 118 LYS A CE  1 
ATOM   750  N NZ  . LYS A 1 118 ? 2.148   -3.780  -11.829 1.00 40.39 ? 118 LYS A NZ  1 
ATOM   751  N N   . ALA A 1 119 ? -5.001  -4.125  -8.858  1.00 28.27 ? 119 ALA A N   1 
ATOM   752  C CA  . ALA A 1 119 ? -6.429  -3.790  -8.909  1.00 28.34 ? 119 ALA A CA  1 
ATOM   753  C C   . ALA A 1 119 ? -6.957  -3.388  -7.523  1.00 27.55 ? 119 ALA A C   1 
ATOM   754  O O   . ALA A 1 119 ? -7.659  -2.412  -7.412  1.00 28.59 ? 119 ALA A O   1 
ATOM   755  C CB  . ALA A 1 119 ? -7.242  -4.940  -9.506  1.00 28.69 ? 119 ALA A CB  1 
ATOM   756  N N   . VAL A 1 120 ? -6.580  -4.102  -6.469  1.00 28.02 ? 120 VAL A N   1 
ATOM   757  C CA  . VAL A 1 120 ? -6.982  -3.739  -5.104  1.00 28.21 ? 120 VAL A CA  1 
ATOM   758  C C   . VAL A 1 120 ? -6.417  -2.366  -4.644  1.00 30.74 ? 120 VAL A C   1 
ATOM   759  O O   . VAL A 1 120 ? -7.160  -1.519  -4.136  1.00 31.38 ? 120 VAL A O   1 
ATOM   760  C CB  . VAL A 1 120 ? -6.578  -4.809  -4.048  1.00 28.34 ? 120 VAL A CB  1 
ATOM   761  C CG1 . VAL A 1 120 ? -6.782  -4.271  -2.564  1.00 21.95 ? 120 VAL A CG1 1 
ATOM   762  C CG2 . VAL A 1 120 ? -7.304  -6.160  -4.311  1.00 24.37 ? 120 VAL A CG2 1 
ATOM   763  N N   . THR A 1 121 ? -5.113  -2.163  -4.818  1.00 32.35 ? 121 THR A N   1 
ATOM   764  C CA  . THR A 1 121 ? -4.419  -0.863  -4.613  1.00 32.62 ? 121 THR A CA  1 
ATOM   765  C C   . THR A 1 121 ? -5.158  0.303   -5.274  1.00 33.01 ? 121 THR A C   1 
ATOM   766  O O   . THR A 1 121 ? -5.523  1.308   -4.611  1.00 32.73 ? 121 THR A O   1 
ATOM   767  C CB  . THR A 1 121 ? -3.020  -0.929  -5.311  1.00 32.34 ? 121 THR A CB  1 
ATOM   768  O OG1 . THR A 1 121 ? -2.149  -1.674  -4.494  1.00 32.20 ? 121 THR A OG1 1 
ATOM   769  C CG2 . THR A 1 121 ? -2.402  0.505   -5.523  1.00 36.33 ? 121 THR A CG2 1 
ATOM   770  N N   . ARG A 1 122 ? -5.316  0.188   -6.592  1.00 32.33 ? 122 ARG A N   1 
ATOM   771  C CA  . ARG A 1 122 ? -5.892  1.246   -7.348  1.00 34.40 ? 122 ARG A CA  1 
ATOM   772  C C   . ARG A 1 122 ? -7.324  1.553   -6.820  1.00 34.67 ? 122 ARG A C   1 
ATOM   773  O O   . ARG A 1 122 ? -7.618  2.709   -6.422  1.00 35.23 ? 122 ARG A O   1 
ATOM   774  C CB  . ARG A 1 122 ? -5.885  0.881   -8.828  1.00 35.28 ? 122 ARG A CB  1 
ATOM   775  C CG  . ARG A 1 122 ? -6.953  1.625   -9.658  1.00 40.87 ? 122 ARG A CG  1 
ATOM   776  C CD  . ARG A 1 122 ? -7.229  0.901   -11.019 1.00 51.21 ? 122 ARG A CD  1 
ATOM   777  N NE  . ARG A 1 122 ? -8.075  -0.334  -10.978 1.00 57.97 ? 122 ARG A NE  1 
ATOM   778  C CZ  . ARG A 1 122 ? -9.366  -0.453  -10.567 1.00 59.21 ? 122 ARG A CZ  1 
ATOM   779  N NH1 . ARG A 1 122 ? -10.072 0.573   -10.034 1.00 57.60 ? 122 ARG A NH1 1 
ATOM   780  N NH2 . ARG A 1 122 ? -9.958  -1.646  -10.660 1.00 57.29 ? 122 ARG A NH2 1 
ATOM   781  N N   . ALA A 1 123 ? -8.182  0.517   -6.761  1.00 34.45 ? 123 ALA A N   1 
ATOM   782  C CA  . ALA A 1 123 ? -9.581  0.685   -6.299  1.00 33.67 ? 123 ALA A CA  1 
ATOM   783  C C   . ALA A 1 123 ? -9.697  1.142   -4.872  1.00 33.38 ? 123 ALA A C   1 
ATOM   784  O O   . ALA A 1 123 ? -10.570 1.909   -4.569  1.00 36.10 ? 123 ALA A O   1 
ATOM   785  C CB  . ALA A 1 123 ? -10.365 -0.582  -6.500  1.00 32.72 ? 123 ALA A CB  1 
ATOM   786  N N   . GLY A 1 124 ? -8.825  0.703   -3.977  1.00 34.27 ? 124 GLY A N   1 
ATOM   787  C CA  . GLY A 1 124 ? -8.829  1.192   -2.592  1.00 33.90 ? 124 GLY A CA  1 
ATOM   788  C C   . GLY A 1 124 ? -8.383  2.631   -2.463  1.00 34.60 ? 124 GLY A C   1 
ATOM   789  O O   . GLY A 1 124 ? -8.779  3.314   -1.543  1.00 34.90 ? 124 GLY A O   1 
ATOM   790  N N   . GLN A 1 125 ? -7.529  3.099   -3.377  1.00 35.56 ? 125 GLN A N   1 
ATOM   791  C CA  . GLN A 1 125 ? -7.095  4.536   -3.399  1.00 34.99 ? 125 GLN A CA  1 
ATOM   792  C C   . GLN A 1 125 ? -8.232  5.394   -3.916  1.00 34.97 ? 125 GLN A C   1 
ATOM   793  O O   . GLN A 1 125 ? -8.467  6.456   -3.388  1.00 34.52 ? 125 GLN A O   1 
ATOM   794  C CB  . GLN A 1 125 ? -5.855  4.748   -4.283  1.00 34.54 ? 125 GLN A CB  1 
ATOM   795  C CG  . GLN A 1 125 ? -4.525  4.150   -3.721  1.00 35.54 ? 125 GLN A CG  1 
ATOM   796  C CD  . GLN A 1 125 ? -4.120  4.737   -2.360  1.00 36.83 ? 125 GLN A CD  1 
ATOM   797  O OE1 . GLN A 1 125 ? -4.068  5.953   -2.168  1.00 34.57 ? 125 GLN A OE1 1 
ATOM   798  N NE2 . GLN A 1 125 ? -3.909  3.863   -1.399  1.00 38.20 ? 125 GLN A NE2 1 
ATOM   799  N N   . ALA A 1 126 ? -8.937  4.929   -4.945  1.00 34.39 ? 126 ALA A N   1 
ATOM   800  C CA  . ALA A 1 126 ? -10.125 5.633   -5.400  1.00 35.40 ? 126 ALA A CA  1 
ATOM   801  C C   . ALA A 1 126 ? -11.195 5.650   -4.282  1.00 37.13 ? 126 ALA A C   1 
ATOM   802  O O   . ALA A 1 126 ? -11.900 6.654   -4.094  1.00 38.39 ? 126 ALA A O   1 
ATOM   803  C CB  . ALA A 1 126 ? -10.664 5.004   -6.653  1.00 34.10 ? 126 ALA A CB  1 
ATOM   804  N N   . ALA A 1 127 ? -11.293 4.580   -3.487  1.00 37.21 ? 127 ALA A N   1 
ATOM   805  C CA  . ALA A 1 127 ? -12.344 4.572   -2.465  1.00 37.39 ? 127 ALA A CA  1 
ATOM   806  C C   . ALA A 1 127 ? -12.066 5.485   -1.280  1.00 38.06 ? 127 ALA A C   1 
ATOM   807  O O   . ALA A 1 127 ? -12.960 5.722   -0.489  1.00 38.85 ? 127 ALA A O   1 
ATOM   808  C CB  . ALA A 1 127 ? -12.672 3.168   -2.008  1.00 35.58 ? 127 ALA A CB  1 
ATOM   809  N N   . ARG A 1 128 ? -10.837 5.993   -1.133  1.00 39.12 ? 128 ARG A N   1 
ATOM   810  C CA  . ARG A 1 128 ? -10.519 7.007   -0.081  1.00 39.16 ? 128 ARG A CA  1 
ATOM   811  C C   . ARG A 1 128 ? -11.403 8.255   -0.162  1.00 40.63 ? 128 ARG A C   1 
ATOM   812  O O   . ARG A 1 128 ? -11.668 8.915   0.867   1.00 40.18 ? 128 ARG A O   1 
ATOM   813  C CB  . ARG A 1 128 ? -9.064  7.465   -0.148  1.00 38.24 ? 128 ARG A CB  1 
ATOM   814  C CG  . ARG A 1 128 ? -8.067  6.427   0.391   1.00 39.01 ? 128 ARG A CG  1 
ATOM   815  C CD  . ARG A 1 128 ? -6.642  6.772   0.071   1.00 33.68 ? 128 ARG A CD  1 
ATOM   816  N NE  . ARG A 1 128 ? -6.167  7.914   0.847   1.00 32.95 ? 128 ARG A NE  1 
ATOM   817  C CZ  . ARG A 1 128 ? -5.042  8.599   0.576   1.00 33.71 ? 128 ARG A CZ  1 
ATOM   818  N NH1 . ARG A 1 128 ? -4.268  8.254   -0.458  1.00 28.32 ? 128 ARG A NH1 1 
ATOM   819  N NH2 . ARG A 1 128 ? -4.679  9.624   1.346   1.00 30.08 ? 128 ARG A NH2 1 
ATOM   820  N N   . ALA A 1 129 ? -11.826 8.583   -1.385  1.00 41.89 ? 129 ALA A N   1 
ATOM   821  C CA  . ALA A 1 129 ? -12.608 9.778   -1.632  1.00 43.39 ? 129 ALA A CA  1 
ATOM   822  C C   . ALA A 1 129 ? -14.027 9.587   -1.032  1.00 44.45 ? 129 ALA A C   1 
ATOM   823  O O   . ALA A 1 129 ? -14.555 10.501  -0.366  1.00 44.44 ? 129 ALA A O   1 
ATOM   824  C CB  . ALA A 1 129 ? -12.635 10.127  -3.149  1.00 41.83 ? 129 ALA A CB  1 
ATOM   825  N N   . THR A 1 130 ? -14.592 8.388   -1.211  1.00 44.68 ? 130 THR A N   1 
ATOM   826  C CA  . THR A 1 130 ? -15.994 8.144   -0.919  1.00 44.96 ? 130 THR A CA  1 
ATOM   827  C C   . THR A 1 130 ? -16.253 7.254   0.297   1.00 45.70 ? 130 THR A C   1 
ATOM   828  O O   . THR A 1 130 ? -17.407 7.115   0.695   1.00 46.82 ? 130 THR A O   1 
ATOM   829  C CB  . THR A 1 130 ? -16.699 7.556   -2.118  1.00 45.10 ? 130 THR A CB  1 
ATOM   830  O OG1 . THR A 1 130 ? -16.214 6.226   -2.304  1.00 45.69 ? 130 THR A OG1 1 
ATOM   831  C CG2 . THR A 1 130 ? -16.387 8.401   -3.391  1.00 45.71 ? 130 THR A CG2 1 
ATOM   832  N N   . SER A 1 131 ? -15.216 6.681   0.911   1.00 45.09 ? 131 SER A N   1 
ATOM   833  C CA  . SER A 1 131 ? -15.391 5.881   2.119   1.00 44.05 ? 131 SER A CA  1 
ATOM   834  C C   . SER A 1 131 ? -14.496 6.317   3.279   1.00 44.27 ? 131 SER A C   1 
ATOM   835  O O   . SER A 1 131 ? -13.257 6.329   3.193   1.00 44.75 ? 131 SER A O   1 
ATOM   836  C CB  . SER A 1 131 ? -15.179 4.390   1.833   1.00 43.99 ? 131 SER A CB  1 
ATOM   837  O OG  . SER A 1 131 ? -14.740 3.696   3.002   1.00 45.00 ? 131 SER A OG  1 
ATOM   838  N N   . VAL A 1 132 ? -15.141 6.645   4.391   1.00 43.73 ? 132 VAL A N   1 
ATOM   839  C CA  . VAL A 1 132 ? -14.478 7.127   5.572   1.00 42.47 ? 132 VAL A CA  1 
ATOM   840  C C   . VAL A 1 132 ? -13.661 6.006   6.238   1.00 41.74 ? 132 VAL A C   1 
ATOM   841  O O   . VAL A 1 132 ? -12.582 6.250   6.800   1.00 41.85 ? 132 VAL A O   1 
ATOM   842  C CB  . VAL A 1 132 ? -15.533 7.803   6.481   1.00 43.32 ? 132 VAL A CB  1 
ATOM   843  C CG1 . VAL A 1 132 ? -15.022 8.049   7.883   1.00 40.98 ? 132 VAL A CG1 1 
ATOM   844  C CG2 . VAL A 1 132 ? -16.000 9.129   5.811   1.00 43.66 ? 132 VAL A CG2 1 
ATOM   845  N N   . GLU A 1 133 ? -14.126 4.769   6.155   1.00 40.46 ? 133 GLU A N   1 
ATOM   846  C CA  . GLU A 1 133 ? -13.299 3.642   6.677   1.00 39.47 ? 133 GLU A CA  1 
ATOM   847  C C   . GLU A 1 133 ? -12.031 3.342   5.863   1.00 36.12 ? 133 GLU A C   1 
ATOM   848  O O   . GLU A 1 133 ? -10.996 3.043   6.426   1.00 34.00 ? 133 GLU A O   1 
ATOM   849  C CB  . GLU A 1 133 ? -14.100 2.376   6.744   1.00 39.89 ? 133 GLU A CB  1 
ATOM   850  C CG  . GLU A 1 133 ? -14.890 2.263   7.988   1.00 45.80 ? 133 GLU A CG  1 
ATOM   851  C CD  . GLU A 1 133 ? -16.315 2.023   7.625   1.00 54.06 ? 133 GLU A CD  1 
ATOM   852  O OE1 . GLU A 1 133 ? -16.913 2.949   6.979   1.00 55.27 ? 133 GLU A OE1 1 
ATOM   853  O OE2 . GLU A 1 133 ? -16.804 0.900   7.927   1.00 56.64 ? 133 GLU A OE2 1 
ATOM   854  N N   . VAL A 1 134 ? -12.152 3.417   4.538   1.00 34.40 ? 134 VAL A N   1 
ATOM   855  C CA  . VAL A 1 134 ? -10.992 3.269   3.667   1.00 33.14 ? 134 VAL A CA  1 
ATOM   856  C C   . VAL A 1 134 ? -10.009 4.421   3.934   1.00 32.53 ? 134 VAL A C   1 
ATOM   857  O O   . VAL A 1 134 ? -8.836  4.136   4.183   1.00 32.68 ? 134 VAL A O   1 
ATOM   858  C CB  . VAL A 1 134 ? -11.378 3.208   2.183   1.00 33.39 ? 134 VAL A CB  1 
ATOM   859  C CG1 . VAL A 1 134 ? -10.142 3.361   1.319   1.00 32.29 ? 134 VAL A CG1 1 
ATOM   860  C CG2 . VAL A 1 134 ? -12.106 1.886   1.856   1.00 31.66 ? 134 VAL A CG2 1 
ATOM   861  N N   . ALA A 1 135 ? -10.496 5.682   3.935   1.00 30.70 ? 135 ALA A N   1 
ATOM   862  C CA  . ALA A 1 135 ? -9.654  6.839   4.254   1.00 29.94 ? 135 ALA A CA  1 
ATOM   863  C C   . ALA A 1 135 ? -8.889  6.688   5.568   1.00 29.53 ? 135 ALA A C   1 
ATOM   864  O O   . ALA A 1 135 ? -7.688  7.007   5.639   1.00 29.83 ? 135 ALA A O   1 
ATOM   865  C CB  . ALA A 1 135 ? -10.444 8.132   4.263   1.00 28.62 ? 135 ALA A CB  1 
ATOM   866  N N   . GLU A 1 136 ? -9.566  6.193   6.600   1.00 29.19 ? 136 GLU A N   1 
ATOM   867  C CA  . GLU A 1 136 ? -8.927  6.063   7.916   1.00 30.51 ? 136 GLU A CA  1 
ATOM   868  C C   . GLU A 1 136 ? -8.010  4.902   8.025   1.00 28.71 ? 136 GLU A C   1 
ATOM   869  O O   . GLU A 1 136 ? -7.036  4.983   8.769   1.00 29.46 ? 136 GLU A O   1 
ATOM   870  C CB  . GLU A 1 136 ? -9.978  5.995   9.025   1.00 32.02 ? 136 GLU A CB  1 
ATOM   871  C CG  . GLU A 1 136 ? -10.456 7.436   9.310   1.00 40.04 ? 136 GLU A CG  1 
ATOM   872  C CD  . GLU A 1 136 ? -11.782 7.495   10.070  1.00 48.16 ? 136 GLU A CD  1 
ATOM   873  O OE1 . GLU A 1 136 ? -12.516 8.502   9.904   1.00 52.33 ? 136 GLU A OE1 1 
ATOM   874  O OE2 . GLU A 1 136 ? -12.076 6.562   10.848  1.00 48.81 ? 136 GLU A OE2 1 
ATOM   875  N N   . LEU A 1 137 ? -8.321  3.816   7.315   1.00 27.06 ? 137 LEU A N   1 
ATOM   876  C CA  . LEU A 1 137 ? -7.421  2.668   7.276   1.00 26.61 ? 137 LEU A CA  1 
ATOM   877  C C   . LEU A 1 137 ? -6.080  3.173   6.663   1.00 26.12 ? 137 LEU A C   1 
ATOM   878  O O   . LEU A 1 137 ? -5.020  3.032   7.280   1.00 24.74 ? 137 LEU A O   1 
ATOM   879  C CB  . LEU A 1 137 ? -8.033  1.526   6.422   1.00 26.35 ? 137 LEU A CB  1 
ATOM   880  C CG  . LEU A 1 137 ? -7.067  0.364   6.161   1.00 28.66 ? 137 LEU A CG  1 
ATOM   881  C CD1 . LEU A 1 137 ? -6.577  -0.340  7.428   1.00 29.90 ? 137 LEU A CD1 1 
ATOM   882  C CD2 . LEU A 1 137 ? -7.626  -0.647  5.181   1.00 31.76 ? 137 LEU A CD2 1 
ATOM   883  N N   . TRP A 1 138 ? -6.166  3.821   5.486   1.00 24.78 ? 138 TRP A N   1 
ATOM   884  C CA  . TRP A 1 138 ? -4.984  4.281   4.773   1.00 24.36 ? 138 TRP A CA  1 
ATOM   885  C C   . TRP A 1 138 ? -4.200  5.273   5.644   1.00 23.56 ? 138 TRP A C   1 
ATOM   886  O O   . TRP A 1 138 ? -2.972  5.180   5.862   1.00 21.17 ? 138 TRP A O   1 
ATOM   887  C CB  . TRP A 1 138 ? -5.377  4.952   3.430   1.00 24.25 ? 138 TRP A CB  1 
ATOM   888  C CG  . TRP A 1 138 ? -4.088  5.209   2.613   1.00 27.60 ? 138 TRP A CG  1 
ATOM   889  C CD1 . TRP A 1 138 ? -3.464  6.412   2.352   1.00 25.46 ? 138 TRP A CD1 1 
ATOM   890  C CD2 . TRP A 1 138 ? -3.228  4.179   2.064   1.00 24.66 ? 138 TRP A CD2 1 
ATOM   891  N NE1 . TRP A 1 138 ? -2.295  6.182   1.605   1.00 27.11 ? 138 TRP A NE1 1 
ATOM   892  C CE2 . TRP A 1 138 ? -2.145  4.820   1.429   1.00 26.21 ? 138 TRP A CE2 1 
ATOM   893  C CE3 . TRP A 1 138 ? -3.326  2.784   1.994   1.00 28.09 ? 138 TRP A CE3 1 
ATOM   894  C CZ2 . TRP A 1 138 ? -1.133  4.097   0.767   1.00 26.47 ? 138 TRP A CZ2 1 
ATOM   895  C CZ3 . TRP A 1 138 ? -2.329  2.049   1.298   1.00 27.03 ? 138 TRP A CZ3 1 
ATOM   896  C CH2 . TRP A 1 138 ? -1.252  2.712   0.706   1.00 24.90 ? 138 TRP A CH2 1 
ATOM   897  N N   . SER A 1 139 ? -4.948  6.250   6.153   1.00 23.31 ? 139 SER A N   1 
ATOM   898  C CA  . SER A 1 139 ? -4.381  7.284   7.058   1.00 24.15 ? 139 SER A CA  1 
ATOM   899  C C   . SER A 1 139 ? -3.615  6.727   8.316   1.00 23.35 ? 139 SER A C   1 
ATOM   900  O O   . SER A 1 139 ? -2.485  7.163   8.651   1.00 24.32 ? 139 SER A O   1 
ATOM   901  C CB  . SER A 1 139 ? -5.519  8.237   7.445   1.00 23.00 ? 139 SER A CB  1 
ATOM   902  O OG  . SER A 1 139 ? -5.126  8.983   8.561   1.00 28.24 ? 139 SER A OG  1 
ATOM   903  N N   . THR A 1 140 ? -4.203  5.722   8.970   1.00 23.89 ? 140 THR A N   1 
ATOM   904  C CA  . THR A 1 140 ? -3.576  5.038   10.130  1.00 23.71 ? 140 THR A CA  1 
ATOM   905  C C   . THR A 1 140 ? -2.242  4.412   9.743   1.00 24.07 ? 140 THR A C   1 
ATOM   906  O O   . THR A 1 140 ? -1.215  4.633   10.410  1.00 24.80 ? 140 THR A O   1 
ATOM   907  C CB  . THR A 1 140 ? -4.543  3.950   10.682  1.00 24.08 ? 140 THR A CB  1 
ATOM   908  O OG1 . THR A 1 140 ? -5.596  4.639   11.299  1.00 26.63 ? 140 THR A OG1 1 
ATOM   909  C CG2 . THR A 1 140 ? -3.899  2.989   11.753  1.00 24.38 ? 140 THR A CG2 1 
ATOM   910  N N   . PHE A 1 141 ? -2.248  3.624   8.671   1.00 22.66 ? 141 PHE A N   1 
ATOM   911  C CA  . PHE A 1 141 ? -0.989  2.988   8.228   1.00 23.52 ? 141 PHE A CA  1 
ATOM   912  C C   . PHE A 1 141 ? 0.065   3.973   7.705   1.00 22.70 ? 141 PHE A C   1 
ATOM   913  O O   . PHE A 1 141 ? 1.205   3.866   8.111   1.00 22.55 ? 141 PHE A O   1 
ATOM   914  C CB  . PHE A 1 141 ? -1.240  1.755   7.327   1.00 23.90 ? 141 PHE A CB  1 
ATOM   915  C CG  . PHE A 1 141 ? -1.646  0.546   8.102   1.00 23.02 ? 141 PHE A CG  1 
ATOM   916  C CD1 . PHE A 1 141 ? -0.700  -0.387  8.493   1.00 26.09 ? 141 PHE A CD1 1 
ATOM   917  C CD2 . PHE A 1 141 ? -2.986  0.359   8.483   1.00 26.06 ? 141 PHE A CD2 1 
ATOM   918  C CE1 . PHE A 1 141 ? -1.057  -1.502  9.244   1.00 23.57 ? 141 PHE A CE1 1 
ATOM   919  C CE2 . PHE A 1 141 ? -3.369  -0.750  9.257   1.00 25.79 ? 141 PHE A CE2 1 
ATOM   920  C CZ  . PHE A 1 141 ? -2.412  -1.679  9.632   1.00 26.69 ? 141 PHE A CZ  1 
ATOM   921  N N   . MET A 1 142 ? -0.330  4.990   6.932   1.00 22.11 ? 142 MET A N   1 
ATOM   922  C CA  . MET A 1 142 ? 0.610   6.131   6.644   1.00 21.46 ? 142 MET A CA  1 
ATOM   923  C C   . MET A 1 142 ? 1.310   6.760   7.898   1.00 21.51 ? 142 MET A C   1 
ATOM   924  O O   . MET A 1 142 ? 2.561   6.938   7.920   1.00 20.91 ? 142 MET A O   1 
ATOM   925  C CB  . MET A 1 142 ? -0.042  7.223   5.758   1.00 20.72 ? 142 MET A CB  1 
ATOM   926  C CG  . MET A 1 142 ? -0.417  6.726   4.374   1.00 20.74 ? 142 MET A CG  1 
ATOM   927  S SD  . MET A 1 142 ? 1.010   6.352   3.307   1.00 25.75 ? 142 MET A SD  1 
ATOM   928  C CE  . MET A 1 142 ? 1.508   8.046   2.827   1.00 23.56 ? 142 MET A CE  1 
ATOM   929  N N   . GLN A 1 143 ? 0.530   7.093   8.940   1.00 22.37 ? 143 GLN A N   1 
ATOM   930  C CA  . GLN A 1 143 ? 1.142   7.635   10.187  1.00 21.60 ? 143 GLN A CA  1 
ATOM   931  C C   . GLN A 1 143 ? 2.097   6.659   10.774  1.00 21.06 ? 143 GLN A C   1 
ATOM   932  O O   . GLN A 1 143 ? 3.180   7.035   11.240  1.00 21.15 ? 143 GLN A O   1 
ATOM   933  C CB  . GLN A 1 143 ? 0.090   7.957   11.241  1.00 21.43 ? 143 GLN A CB  1 
ATOM   934  C CG  . GLN A 1 143 ? -0.874  9.019   10.766  1.00 27.43 ? 143 GLN A CG  1 
ATOM   935  C CD  . GLN A 1 143 ? -2.081  9.208   11.711  1.00 36.75 ? 143 GLN A CD  1 
ATOM   936  O OE1 . GLN A 1 143 ? -3.232  9.385   11.255  1.00 42.53 ? 143 GLN A OE1 1 
ATOM   937  N NE2 . GLN A 1 143 ? -1.832  9.129   13.015  1.00 35.83 ? 143 GLN A NE2 1 
ATOM   938  N N   . LYS A 1 144 ? 1.710   5.376   10.766  1.00 20.80 ? 144 LYS A N   1 
ATOM   939  C CA  . LYS A 1 144 ? 2.602   4.359   11.267  1.00 20.61 ? 144 LYS A CA  1 
ATOM   940  C C   . LYS A 1 144 ? 3.883   4.245   10.394  1.00 20.19 ? 144 LYS A C   1 
ATOM   941  O O   . LYS A 1 144 ? 5.001   4.173   10.917  1.00 18.69 ? 144 LYS A O   1 
ATOM   942  C CB  . LYS A 1 144 ? 1.862   3.025   11.305  1.00 21.77 ? 144 LYS A CB  1 
ATOM   943  C CG  . LYS A 1 144 ? 2.622   1.967   12.009  1.00 24.02 ? 144 LYS A CG  1 
ATOM   944  C CD  . LYS A 1 144 ? 1.833   0.606   12.011  1.00 32.97 ? 144 LYS A CD  1 
ATOM   945  C CE  . LYS A 1 144 ? 2.587   -0.423  12.925  1.00 33.66 ? 144 LYS A CE  1 
ATOM   946  N NZ  . LYS A 1 144 ? 2.012   -1.788  12.754  1.00 39.35 ? 144 LYS A NZ  1 
ATOM   947  N N   . TRP A 1 145 ? 3.729   4.289   9.059   1.00 20.30 ? 145 TRP A N   1 
ATOM   948  C CA  . TRP A 1 145 ? 4.891   4.160   8.152   1.00 20.31 ? 145 TRP A CA  1 
ATOM   949  C C   . TRP A 1 145 ? 5.847   5.363   8.251   1.00 21.03 ? 145 TRP A C   1 
ATOM   950  O O   . TRP A 1 145 ? 7.117   5.220   8.159   1.00 21.33 ? 145 TRP A O   1 
ATOM   951  C CB  . TRP A 1 145 ? 4.413   3.840   6.716   1.00 20.95 ? 145 TRP A CB  1 
ATOM   952  C CG  . TRP A 1 145 ? 3.769   2.482   6.654   1.00 18.57 ? 145 TRP A CG  1 
ATOM   953  C CD1 . TRP A 1 145 ? 4.074   1.374   7.469   1.00 19.27 ? 145 TRP A CD1 1 
ATOM   954  C CD2 . TRP A 1 145 ? 2.708   2.048   5.768   1.00 15.99 ? 145 TRP A CD2 1 
ATOM   955  N NE1 . TRP A 1 145 ? 3.265   0.290   7.106   1.00 20.43 ? 145 TRP A NE1 1 
ATOM   956  C CE2 . TRP A 1 145 ? 2.424   0.678   6.084   1.00 17.88 ? 145 TRP A CE2 1 
ATOM   957  C CE3 . TRP A 1 145 ? 1.996   2.669   4.741   1.00 15.98 ? 145 TRP A CE3 1 
ATOM   958  C CZ2 . TRP A 1 145 ? 1.456   -0.062  5.402   1.00 18.97 ? 145 TRP A CZ2 1 
ATOM   959  C CZ3 . TRP A 1 145 ? 1.004   1.963   4.073   1.00 21.12 ? 145 TRP A CZ3 1 
ATOM   960  C CH2 . TRP A 1 145 ? 0.750   0.578   4.404   1.00 21.38 ? 145 TRP A CH2 1 
ATOM   961  N N   . ILE A 1 146 ? 5.245   6.538   8.524   1.00 20.42 ? 146 ILE A N   1 
ATOM   962  C CA  . ILE A 1 146 ? 5.992   7.771   8.623   1.00 20.09 ? 146 ILE A CA  1 
ATOM   963  C C   . ILE A 1 146 ? 6.744   7.795   9.978   1.00 21.25 ? 146 ILE A C   1 
ATOM   964  O O   . ILE A 1 146 ? 7.956   8.015   10.027  1.00 20.75 ? 146 ILE A O   1 
ATOM   965  C CB  . ILE A 1 146 ? 5.039   8.980   8.438   1.00 20.59 ? 146 ILE A CB  1 
ATOM   966  C CG1 . ILE A 1 146 ? 4.748   9.123   6.930   1.00 19.00 ? 146 ILE A CG1 1 
ATOM   967  C CG2 . ILE A 1 146 ? 5.637   10.278  9.057   1.00 17.76 ? 146 ILE A CG2 1 
ATOM   968  C CD1 . ILE A 1 146 ? 3.354   9.899   6.518   1.00 15.74 ? 146 ILE A CD1 1 
ATOM   969  N N   . ALA A 1 147 ? 6.029   7.503   11.060  1.00 21.94 ? 147 ALA A N   1 
ATOM   970  C CA  . ALA A 1 147 ? 6.644   7.406   12.397  1.00 22.18 ? 147 ALA A CA  1 
ATOM   971  C C   . ALA A 1 147 ? 7.836   6.450   12.300  1.00 21.96 ? 147 ALA A C   1 
ATOM   972  O O   . ALA A 1 147 ? 8.970   6.774   12.710  1.00 20.78 ? 147 ALA A O   1 
ATOM   973  C CB  . ALA A 1 147 ? 5.592   6.933   13.438  1.00 20.45 ? 147 ALA A CB  1 
ATOM   974  N N   . TYR A 1 148 ? 7.618   5.293   11.674  1.00 22.28 ? 148 TYR A N   1 
ATOM   975  C CA  . TYR A 1 148 ? 8.733   4.336   11.559  1.00 21.87 ? 148 TYR A CA  1 
ATOM   976  C C   . TYR A 1 148 ? 9.914   4.870   10.708  1.00 21.37 ? 148 TYR A C   1 
ATOM   977  O O   . TYR A 1 148 ? 11.099  4.795   11.073  1.00 21.97 ? 148 TYR A O   1 
ATOM   978  C CB  . TYR A 1 148 ? 8.208   2.964   11.086  1.00 22.89 ? 148 TYR A CB  1 
ATOM   979  C CG  . TYR A 1 148 ? 9.325   1.941   10.967  1.00 28.86 ? 148 TYR A CG  1 
ATOM   980  C CD1 . TYR A 1 148 ? 10.196  1.733   12.047  1.00 33.83 ? 148 TYR A CD1 1 
ATOM   981  C CD2 . TYR A 1 148 ? 9.560   1.240   9.785   1.00 31.73 ? 148 TYR A CD2 1 
ATOM   982  C CE1 . TYR A 1 148 ? 11.232  0.815   11.986  1.00 36.49 ? 148 TYR A CE1 1 
ATOM   983  C CE2 . TYR A 1 148 ? 10.637  0.303   9.711   1.00 38.35 ? 148 TYR A CE2 1 
ATOM   984  C CZ  . TYR A 1 148 ? 11.455  0.109   10.836  1.00 37.82 ? 148 TYR A CZ  1 
ATOM   985  O OH  . TYR A 1 148 ? 12.519  -0.747  10.854  1.00 44.08 ? 148 TYR A OH  1 
ATOM   986  N N   . THR A 1 149 ? 9.618   5.429   9.552   1.00 21.21 ? 149 THR A N   1 
ATOM   987  C CA  . THR A 1 149 ? 10.688  6.067   8.764   1.00 19.97 ? 149 THR A CA  1 
ATOM   988  C C   . THR A 1 149 ? 11.462  7.133   9.518   1.00 20.97 ? 149 THR A C   1 
ATOM   989  O O   . THR A 1 149 ? 12.746  7.251   9.395   1.00 20.09 ? 149 THR A O   1 
ATOM   990  C CB  . THR A 1 149 ? 10.067  6.710   7.477   1.00 20.91 ? 149 THR A CB  1 
ATOM   991  O OG1 . THR A 1 149 ? 9.248   5.700   6.788   1.00 18.13 ? 149 THR A OG1 1 
ATOM   992  C CG2 . THR A 1 149 ? 11.178  7.355   6.576   1.00 17.65 ? 149 THR A CG2 1 
ATOM   993  N N   . ALA A 1 150 ? 10.727  7.953   10.274  1.00 20.01 ? 150 ALA A N   1 
ATOM   994  C CA  . ALA A 1 150 ? 11.418  9.006   11.056  1.00 21.62 ? 150 ALA A CA  1 
ATOM   995  C C   . ALA A 1 150 ? 12.330  8.401   12.152  1.00 21.77 ? 150 ALA A C   1 
ATOM   996  O O   . ALA A 1 150 ? 13.482  8.865   12.359  1.00 21.59 ? 150 ALA A O   1 
ATOM   997  C CB  . ALA A 1 150 ? 10.376  10.018  11.714  1.00 19.87 ? 150 ALA A CB  1 
ATOM   998  N N   . ALA A 1 151 ? 11.790  7.426   12.888  1.00 21.88 ? 151 ALA A N   1 
ATOM   999  C CA  . ALA A 1 151 ? 12.591  6.715   13.908  1.00 24.72 ? 151 ALA A CA  1 
ATOM   1000 C C   . ALA A 1 151 ? 13.928  6.222   13.307  1.00 24.66 ? 151 ALA A C   1 
ATOM   1001 O O   . ALA A 1 151 ? 14.974  6.506   13.846  1.00 26.31 ? 151 ALA A O   1 
ATOM   1002 C CB  . ALA A 1 151 ? 11.771  5.523   14.614  1.00 24.10 ? 151 ALA A CB  1 
ATOM   1003 N N   . VAL A 1 152 ? 13.887  5.578   12.135  1.00 26.16 ? 152 VAL A N   1 
ATOM   1004 C CA  . VAL A 1 152 ? 15.121  5.129   11.465  1.00 25.28 ? 152 VAL A CA  1 
ATOM   1005 C C   . VAL A 1 152 ? 16.016  6.282   11.003  1.00 26.70 ? 152 VAL A C   1 
ATOM   1006 O O   . VAL A 1 152 ? 17.245  6.248   11.188  1.00 27.63 ? 152 VAL A O   1 
ATOM   1007 C CB  . VAL A 1 152 ? 14.778  4.113   10.332  1.00 26.06 ? 152 VAL A CB  1 
ATOM   1008 C CG1 . VAL A 1 152 ? 16.051  3.634   9.581   1.00 23.51 ? 152 VAL A CG1 1 
ATOM   1009 C CG2 . VAL A 1 152 ? 13.993  2.911   10.942  1.00 21.47 ? 152 VAL A CG2 1 
ATOM   1010 N N   . ILE A 1 153 ? 15.439  7.315   10.378  1.00 28.34 ? 153 ILE A N   1 
ATOM   1011 C CA  . ILE A 1 153 ? 16.215  8.549   10.060  1.00 28.20 ? 153 ILE A CA  1 
ATOM   1012 C C   . ILE A 1 153 ? 16.928  9.071   11.324  1.00 29.97 ? 153 ILE A C   1 
ATOM   1013 O O   . ILE A 1 153 ? 18.128  9.321   11.287  1.00 29.48 ? 153 ILE A O   1 
ATOM   1014 C CB  . ILE A 1 153 ? 15.364  9.700   9.382   1.00 28.01 ? 153 ILE A CB  1 
ATOM   1015 C CG1 . ILE A 1 153 ? 14.918  9.286   7.957   1.00 28.36 ? 153 ILE A CG1 1 
ATOM   1016 C CG2 . ILE A 1 153 ? 16.207  11.009  9.190   1.00 26.04 ? 153 ILE A CG2 1 
ATOM   1017 C CD1 . ILE A 1 153 ? 13.760  10.118  7.372   1.00 23.42 ? 153 ILE A CD1 1 
ATOM   1018 N N   . ASP A 1 154 ? 16.181  9.209   12.418  1.00 30.86 ? 154 ASP A N   1 
ATOM   1019 C CA  . ASP A 1 154 ? 16.716  9.716   13.685  1.00 32.53 ? 154 ASP A CA  1 
ATOM   1020 C C   . ASP A 1 154 ? 17.789  8.813   14.236  1.00 33.72 ? 154 ASP A C   1 
ATOM   1021 O O   . ASP A 1 154 ? 18.816  9.303   14.650  1.00 34.59 ? 154 ASP A O   1 
ATOM   1022 C CB  . ASP A 1 154 ? 15.604  9.852   14.712  1.00 32.39 ? 154 ASP A CB  1 
ATOM   1023 C CG  . ASP A 1 154 ? 14.930  11.205  14.661  1.00 34.20 ? 154 ASP A CG  1 
ATOM   1024 O OD1 . ASP A 1 154 ? 15.497  12.198  14.143  1.00 34.88 ? 154 ASP A OD1 1 
ATOM   1025 O OD2 . ASP A 1 154 ? 13.809  11.281  15.160  1.00 36.82 ? 154 ASP A OD2 1 
ATOM   1026 N N   . ALA A 1 155 ? 17.556  7.499   14.207  1.00 33.51 ? 155 ALA A N   1 
ATOM   1027 C CA  . ALA A 1 155 ? 18.572  6.515   14.566  1.00 34.26 ? 155 ALA A CA  1 
ATOM   1028 C C   . ALA A 1 155 ? 19.876  6.737   13.849  1.00 34.90 ? 155 ALA A C   1 
ATOM   1029 O O   . ALA A 1 155 ? 20.969  6.744   14.438  1.00 37.22 ? 155 ALA A O   1 
ATOM   1030 C CB  . ALA A 1 155 ? 18.058  5.020   14.288  1.00 33.11 ? 155 ALA A CB  1 
ATOM   1031 N N   . GLU A 1 156 ? 19.768  6.877   12.553  1.00 35.23 ? 156 GLU A N   1 
ATOM   1032 C CA  . GLU A 1 156 ? 20.901  7.095   11.680  1.00 35.49 ? 156 GLU A CA  1 
ATOM   1033 C C   . GLU A 1 156 ? 21.657  8.436   11.982  1.00 36.30 ? 156 GLU A C   1 
ATOM   1034 O O   . GLU A 1 156 ? 22.892  8.577   11.767  1.00 36.92 ? 156 GLU A O   1 
ATOM   1035 C CB  . GLU A 1 156 ? 20.290  7.119   10.290  1.00 35.38 ? 156 GLU A CB  1 
ATOM   1036 C CG  . GLU A 1 156 ? 21.199  6.850   9.168   1.00 39.10 ? 156 GLU A CG  1 
ATOM   1037 C CD  . GLU A 1 156 ? 21.430  5.348   8.901   1.00 38.35 ? 156 GLU A CD  1 
ATOM   1038 O OE1 . GLU A 1 156 ? 21.218  4.498   9.784   1.00 34.65 ? 156 GLU A OE1 1 
ATOM   1039 O OE2 . GLU A 1 156 ? 21.870  5.045   7.794   1.00 36.55 ? 156 GLU A OE2 1 
ATOM   1040 N N   . ARG A 1 157 ? 20.899  9.433   12.421  1.00 35.76 ? 157 ARG A N   1 
ATOM   1041 C CA  . ARG A 1 157 ? 21.452  10.696  12.850  1.00 36.32 ? 157 ARG A CA  1 
ATOM   1042 C C   . ARG A 1 157 ? 22.148  10.443  14.214  1.00 37.86 ? 157 ARG A C   1 
ATOM   1043 O O   . ARG A 1 157 ? 23.258  10.934  14.450  1.00 36.04 ? 157 ARG A O   1 
ATOM   1044 C CB  . ARG A 1 157 ? 20.345  11.747  13.001  1.00 35.46 ? 157 ARG A CB  1 
ATOM   1045 C CG  . ARG A 1 157 ? 19.967  12.477  11.730  1.00 33.73 ? 157 ARG A CG  1 
ATOM   1046 C CD  . ARG A 1 157 ? 18.621  13.117  11.854  1.00 30.45 ? 157 ARG A CD  1 
ATOM   1047 N NE  . ARG A 1 157 ? 18.149  13.570  10.551  1.00 28.99 ? 157 ARG A NE  1 
ATOM   1048 C CZ  . ARG A 1 157 ? 17.276  14.552  10.330  1.00 25.15 ? 157 ARG A CZ  1 
ATOM   1049 N NH1 . ARG A 1 157 ? 16.731  15.252  11.318  1.00 24.26 ? 157 ARG A NH1 1 
ATOM   1050 N NH2 . ARG A 1 157 ? 16.978  14.877  9.101   1.00 22.97 ? 157 ARG A NH2 1 
ATOM   1051 N N   . ASP A 1 158 ? 21.498  9.684   15.102  1.00 39.34 ? 158 ASP A N   1 
ATOM   1052 C CA  . ASP A 1 158 ? 22.145  9.357   16.372  1.00 42.05 ? 158 ASP A CA  1 
ATOM   1053 C C   . ASP A 1 158 ? 23.524  8.736   16.152  1.00 42.34 ? 158 ASP A C   1 
ATOM   1054 O O   . ASP A 1 158 ? 24.465  9.194   16.756  1.00 43.38 ? 158 ASP A O   1 
ATOM   1055 C CB  . ASP A 1 158 ? 21.280  8.484   17.252  1.00 42.12 ? 158 ASP A CB  1 
ATOM   1056 C CG  . ASP A 1 158 ? 20.051  9.225   17.741  1.00 46.25 ? 158 ASP A CG  1 
ATOM   1057 O OD1 . ASP A 1 158 ? 20.071  10.493  17.653  1.00 48.56 ? 158 ASP A OD1 1 
ATOM   1058 O OD2 . ASP A 1 158 ? 19.058  8.551   18.143  1.00 46.92 ? 158 ASP A OD2 1 
ATOM   1059 N N   . ARG A 1 159 ? 23.644  7.763   15.249  1.00 42.66 ? 159 ARG A N   1 
ATOM   1060 C CA  . ARG A 1 159 ? 24.926  7.127   14.897  1.00 42.24 ? 159 ARG A CA  1 
ATOM   1061 C C   . ARG A 1 159 ? 25.947  8.002   14.176  1.00 41.06 ? 159 ARG A C   1 
ATOM   1062 O O   . ARG A 1 159 ? 27.036  7.527   13.936  1.00 41.50 ? 159 ARG A O   1 
ATOM   1063 C CB  . ARG A 1 159 ? 24.697  5.907   13.973  1.00 42.74 ? 159 ARG A CB  1 
ATOM   1064 C CG  . ARG A 1 159 ? 23.793  4.799   14.529  1.00 46.09 ? 159 ARG A CG  1 
ATOM   1065 C CD  . ARG A 1 159 ? 23.863  3.554   13.653  1.00 50.79 ? 159 ARG A CD  1 
ATOM   1066 N NE  . ARG A 1 159 ? 24.590  3.773   12.395  1.00 56.53 ? 159 ARG A NE  1 
ATOM   1067 C CZ  . ARG A 1 159 ? 24.002  3.911   11.196  1.00 62.19 ? 159 ARG A CZ  1 
ATOM   1068 N NH1 . ARG A 1 159 ? 22.665  3.871   11.119  1.00 63.53 ? 159 ARG A NH1 1 
ATOM   1069 N NH2 . ARG A 1 159 ? 24.723  4.083   10.066  1.00 59.24 ? 159 ARG A NH2 1 
ATOM   1070 N N   . GLY A 1 160 ? 25.613  9.232   13.759  1.00 40.14 ? 160 GLY A N   1 
ATOM   1071 C CA  . GLY A 1 160 ? 26.558  10.073  13.001  1.00 36.92 ? 160 GLY A CA  1 
ATOM   1072 C C   . GLY A 1 160 ? 26.656  9.702   11.536  1.00 36.77 ? 160 GLY A C   1 
ATOM   1073 O O   . GLY A 1 160 ? 27.525  10.204  10.798  1.00 36.39 ? 160 GLY A O   1 
ATOM   1074 N N   . ALA A 1 161 ? 25.737  8.847   11.070  1.00 35.34 ? 161 ALA A N   1 
ATOM   1075 C CA  . ALA A 1 161 ? 25.743  8.478   9.650   1.00 34.40 ? 161 ALA A CA  1 
ATOM   1076 C C   . ALA A 1 161 ? 24.934  9.469   8.782   1.00 33.68 ? 161 ALA A C   1 
ATOM   1077 O O   . ALA A 1 161 ? 25.259  9.629   7.629   1.00 35.62 ? 161 ALA A O   1 
ATOM   1078 C CB  . ALA A 1 161 ? 25.264  7.006   9.447   1.00 32.90 ? 161 ALA A CB  1 
ATOM   1079 N N   . ALA A 1 162 ? 23.902  10.133  9.314   1.00 31.87 ? 162 ALA A N   1 
ATOM   1080 C CA  . ALA A 1 162 ? 23.142  11.136  8.504   1.00 31.37 ? 162 ALA A CA  1 
ATOM   1081 C C   . ALA A 1 162 ? 23.143  12.528  9.169   1.00 29.42 ? 162 ALA A C   1 
ATOM   1082 O O   . ALA A 1 162 ? 23.132  12.585  10.363  1.00 30.76 ? 162 ALA A O   1 
ATOM   1083 C CB  . ALA A 1 162 ? 21.702  10.648  8.288   1.00 29.51 ? 162 ALA A CB  1 
ATOM   1084 N N   . PRO A 1 163 ? 23.122  13.641  8.411   1.00 28.81 ? 163 PRO A N   1 
ATOM   1085 C CA  . PRO A 1 163 ? 23.223  14.958  9.063   1.00 28.77 ? 163 PRO A CA  1 
ATOM   1086 C C   . PRO A 1 163 ? 21.852  15.431  9.602   1.00 29.47 ? 163 PRO A C   1 
ATOM   1087 O O   . PRO A 1 163 ? 20.810  14.946  9.098   1.00 28.88 ? 163 PRO A O   1 
ATOM   1088 C CB  . PRO A 1 163 ? 23.694  15.865  7.926   1.00 28.95 ? 163 PRO A CB  1 
ATOM   1089 C CG  . PRO A 1 163 ? 23.150  15.254  6.661   1.00 28.43 ? 163 PRO A CG  1 
ATOM   1090 C CD  . PRO A 1 163 ? 22.984  13.765  6.938   1.00 29.40 ? 163 PRO A CD  1 
ATOM   1091 N N   . ARG A 1 164 ? 21.829  16.295  10.625  1.00 29.21 ? 164 ARG A N   1 
ATOM   1092 C CA  . ARG A 1 164 ? 20.547  16.807  11.205  1.00 31.31 ? 164 ARG A CA  1 
ATOM   1093 C C   . ARG A 1 164 ? 20.110  17.984  10.318  1.00 30.81 ? 164 ARG A C   1 
ATOM   1094 O O   . ARG A 1 164 ? 20.620  19.065  10.514  1.00 30.44 ? 164 ARG A O   1 
ATOM   1095 C CB  . ARG A 1 164 ? 20.729  17.331  12.650  1.00 31.94 ? 164 ARG A CB  1 
ATOM   1096 C CG  . ARG A 1 164 ? 20.210  16.388  13.727  1.00 39.41 ? 164 ARG A CG  1 
ATOM   1097 C CD  . ARG A 1 164 ? 20.879  16.468  15.204  1.00 46.57 ? 164 ARG A CD  1 
ATOM   1098 N NE  . ARG A 1 164 ? 21.242  15.120  15.800  1.00 50.89 ? 164 ARG A NE  1 
ATOM   1099 C CZ  . ARG A 1 164 ? 20.395  14.093  16.067  1.00 48.96 ? 164 ARG A CZ  1 
ATOM   1100 N NH1 . ARG A 1 164 ? 19.086  14.172  15.793  1.00 51.81 ? 164 ARG A NH1 1 
ATOM   1101 N NH2 . ARG A 1 164 ? 20.855  12.958  16.589  1.00 47.12 ? 164 ARG A NH2 1 
ATOM   1102 N N   . THR A 1 165 ? 19.232  17.767  9.332   1.00 29.25 ? 165 THR A N   1 
ATOM   1103 C CA  . THR A 1 165 ? 18.810  18.811  8.408   1.00 28.43 ? 165 THR A CA  1 
ATOM   1104 C C   . THR A 1 165 ? 17.329  19.109  8.730   1.00 29.49 ? 165 THR A C   1 
ATOM   1105 O O   . THR A 1 165 ? 17.014  19.617  9.797   1.00 29.24 ? 165 THR A O   1 
ATOM   1106 C CB  . THR A 1 165 ? 19.004  18.341  6.944   1.00 29.02 ? 165 THR A CB  1 
ATOM   1107 O OG1 . THR A 1 165 ? 18.412  17.041  6.774   1.00 23.91 ? 165 THR A OG1 1 
ATOM   1108 C CG2 . THR A 1 165 ? 20.526  18.281  6.528   1.00 27.66 ? 165 THR A CG2 1 
ATOM   1109 N N   . LEU A 1 166 ? 16.397  18.685  7.874   1.00 29.39 ? 166 LEU A N   1 
ATOM   1110 C CA  . LEU A 1 166 ? 14.986  18.819  8.187   1.00 28.34 ? 166 LEU A CA  1 
ATOM   1111 C C   . LEU A 1 166 ? 14.675  18.070  9.476   1.00 27.43 ? 166 LEU A C   1 
ATOM   1112 O O   . LEU A 1 166 ? 15.325  17.087  9.781   1.00 30.12 ? 166 LEU A O   1 
ATOM   1113 C CB  . LEU A 1 166 ? 14.118  18.236  7.049   1.00 27.32 ? 166 LEU A CB  1 
ATOM   1114 C CG  . LEU A 1 166 ? 14.078  18.923  5.672   1.00 28.69 ? 166 LEU A CG  1 
ATOM   1115 C CD1 . LEU A 1 166 ? 13.172  18.143  4.680   1.00 26.13 ? 166 LEU A CD1 1 
ATOM   1116 C CD2 . LEU A 1 166 ? 13.694  20.448  5.727   1.00 26.15 ? 166 LEU A CD2 1 
ATOM   1117 N N   . PRO A 1 167 ? 13.654  18.510  10.235  1.00 26.69 ? 167 PRO A N   1 
ATOM   1118 C CA  . PRO A 1 167 ? 13.058  17.534  11.187  1.00 25.18 ? 167 PRO A CA  1 
ATOM   1119 C C   . PRO A 1 167 ? 12.678  16.173  10.544  1.00 25.22 ? 167 PRO A C   1 
ATOM   1120 O O   . PRO A 1 167 ? 11.982  16.138  9.473   1.00 24.91 ? 167 PRO A O   1 
ATOM   1121 C CB  . PRO A 1 167 ? 11.771  18.220  11.622  1.00 24.09 ? 167 PRO A CB  1 
ATOM   1122 C CG  . PRO A 1 167 ? 12.081  19.780  11.440  1.00 26.20 ? 167 PRO A CG  1 
ATOM   1123 C CD  . PRO A 1 167 ? 12.920  19.810  10.190  1.00 25.62 ? 167 PRO A CD  1 
ATOM   1124 N N   . ALA A 1 168 ? 13.030  15.073  11.237  1.00 23.17 ? 168 ALA A N   1 
ATOM   1125 C CA  . ALA A 1 168 ? 12.924  13.763  10.680  1.00 21.09 ? 168 ALA A CA  1 
ATOM   1126 C C   . ALA A 1 168 ? 11.523  13.486  10.213  1.00 21.81 ? 168 ALA A C   1 
ATOM   1127 O O   . ALA A 1 168 ? 11.318  12.854  9.119   1.00 21.94 ? 168 ALA A O   1 
ATOM   1128 C CB  . ALA A 1 168 ? 13.374  12.691  11.699  1.00 21.87 ? 168 ALA A CB  1 
ATOM   1129 N N   . HIS A 1 169 ? 10.546  13.905  11.039  1.00 20.63 ? 169 HIS A N   1 
ATOM   1130 C CA  . HIS A 1 169 ? 9.180   13.502  10.878  1.00 20.42 ? 169 HIS A CA  1 
ATOM   1131 C C   . HIS A 1 169 ? 8.524   14.234  9.665   1.00 20.72 ? 169 HIS A C   1 
ATOM   1132 O O   . HIS A 1 169 ? 7.632   13.688  9.019   1.00 19.44 ? 169 HIS A O   1 
ATOM   1133 C CB  . HIS A 1 169 ? 8.382   13.739  12.173  1.00 21.29 ? 169 HIS A CB  1 
ATOM   1134 C CG  . HIS A 1 169 ? 7.047   13.059  12.194  1.00 20.56 ? 169 HIS A CG  1 
ATOM   1135 N ND1 . HIS A 1 169 ? 5.883   13.681  11.793  1.00 25.83 ? 169 HIS A ND1 1 
ATOM   1136 C CD2 . HIS A 1 169 ? 6.680   11.813  12.606  1.00 24.73 ? 169 HIS A CD2 1 
ATOM   1137 C CE1 . HIS A 1 169 ? 4.851   12.857  11.925  1.00 21.42 ? 169 HIS A CE1 1 
ATOM   1138 N NE2 . HIS A 1 169 ? 5.308   11.715  12.425  1.00 29.40 ? 169 HIS A NE2 1 
ATOM   1139 N N   . GLU A 1 170 ? 9.023   15.432  9.346   1.00 18.98 ? 170 GLU A N   1 
ATOM   1140 C CA  . GLU A 1 170 ? 8.557   16.161  8.176   1.00 18.92 ? 170 GLU A CA  1 
ATOM   1141 C C   . GLU A 1 170 ? 9.230   15.598  6.894   1.00 18.46 ? 170 GLU A C   1 
ATOM   1142 O O   . GLU A 1 170 ? 8.570   15.410  5.865   1.00 16.77 ? 170 GLU A O   1 
ATOM   1143 C CB  . GLU A 1 170 ? 8.809   17.716  8.336   1.00 17.88 ? 170 GLU A CB  1 
ATOM   1144 C CG  . GLU A 1 170 ? 8.180   18.241  9.666   1.00 21.13 ? 170 GLU A CG  1 
ATOM   1145 C CD  . GLU A 1 170 ? 8.453   19.738  10.017  1.00 31.05 ? 170 GLU A CD  1 
ATOM   1146 O OE1 . GLU A 1 170 ? 9.186   20.428  9.261   1.00 30.47 ? 170 GLU A OE1 1 
ATOM   1147 O OE2 . GLU A 1 170 ? 7.948   20.216  11.085  1.00 36.83 ? 170 GLU A OE2 1 
ATOM   1148 N N   . LEU A 1 171 ? 10.533  15.357  6.951   1.00 17.51 ? 171 LEU A N   1 
ATOM   1149 C CA  . LEU A 1 171 ? 11.211  14.725  5.836   1.00 18.34 ? 171 LEU A CA  1 
ATOM   1150 C C   . LEU A 1 171 ? 10.534  13.381  5.528   1.00 17.97 ? 171 LEU A C   1 
ATOM   1151 O O   . LEU A 1 171 ? 10.168  13.110  4.400   1.00 17.83 ? 171 LEU A O   1 
ATOM   1152 C CB  . LEU A 1 171 ? 12.677  14.470  6.161   1.00 19.17 ? 171 LEU A CB  1 
ATOM   1153 C CG  . LEU A 1 171 ? 13.397  13.573  5.112   1.00 18.80 ? 171 LEU A CG  1 
ATOM   1154 C CD1 . LEU A 1 171 ? 13.319  14.227  3.712   1.00 15.88 ? 171 LEU A CD1 1 
ATOM   1155 C CD2 . LEU A 1 171 ? 14.877  13.548  5.566   1.00 18.21 ? 171 LEU A CD2 1 
ATOM   1156 N N   . ALA A 1 172 ? 10.276  12.591  6.556   1.00 17.68 ? 172 ALA A N   1 
ATOM   1157 C CA  . ALA A 1 172 ? 9.623   11.253  6.357   1.00 17.46 ? 172 ALA A CA  1 
ATOM   1158 C C   . ALA A 1 172 ? 8.208   11.350  5.768   1.00 18.20 ? 172 ALA A C   1 
ATOM   1159 O O   . ALA A 1 172 ? 7.789   10.506  4.930   1.00 18.29 ? 172 ALA A O   1 
ATOM   1160 C CB  . ALA A 1 172 ? 9.634   10.448  7.687   1.00 16.61 ? 172 ALA A CB  1 
ATOM   1161 N N   . THR A 1 173 ? 7.475   12.395  6.174   1.00 18.06 ? 173 THR A N   1 
ATOM   1162 C CA  . THR A 1 173 ? 6.110   12.563  5.685   1.00 18.70 ? 173 THR A CA  1 
ATOM   1163 C C   . THR A 1 173 ? 6.157   12.841  4.176   1.00 19.22 ? 173 THR A C   1 
ATOM   1164 O O   . THR A 1 173 ? 5.422   12.188  3.419   1.00 19.70 ? 173 THR A O   1 
ATOM   1165 C CB  . THR A 1 173 ? 5.369   13.798  6.408   1.00 19.03 ? 173 THR A CB  1 
ATOM   1166 O OG1 . THR A 1 173 ? 5.291   13.560  7.808   1.00 18.43 ? 173 THR A OG1 1 
ATOM   1167 C CG2 . THR A 1 173 ? 3.978   14.042  5.869   1.00 12.40 ? 173 THR A CG2 1 
ATOM   1168 N N   . ALA A 1 174 ? 6.962   13.828  3.727   1.00 18.93 ? 174 ALA A N   1 
ATOM   1169 C CA  . ALA A 1 174 ? 7.050   14.137  2.241   1.00 18.94 ? 174 ALA A CA  1 
ATOM   1170 C C   . ALA A 1 174 ? 7.516   12.924  1.384   1.00 18.72 ? 174 ALA A C   1 
ATOM   1171 O O   . ALA A 1 174 ? 6.896   12.578  0.364   1.00 19.13 ? 174 ALA A O   1 
ATOM   1172 C CB  . ALA A 1 174 ? 7.949   15.329  2.015   1.00 19.37 ? 174 ALA A CB  1 
ATOM   1173 N N   . LEU A 1 175 ? 8.542   12.222  1.876   1.00 17.57 ? 175 LEU A N   1 
ATOM   1174 C CA  . LEU A 1 175 ? 9.032   10.959  1.252   1.00 16.99 ? 175 LEU A CA  1 
ATOM   1175 C C   . LEU A 1 175 ? 7.978   9.889   1.112   1.00 16.23 ? 175 LEU A C   1 
ATOM   1176 O O   . LEU A 1 175 ? 7.886   9.308   0.121   1.00 16.22 ? 175 LEU A O   1 
ATOM   1177 C CB  . LEU A 1 175 ? 10.278  10.384  1.992   1.00 16.07 ? 175 LEU A CB  1 
ATOM   1178 C CG  . LEU A 1 175 ? 11.600  11.236  2.022   1.00 16.73 ? 175 LEU A CG  1 
ATOM   1179 C CD1 . LEU A 1 175 ? 12.716  10.532  2.826   1.00 15.19 ? 175 LEU A CD1 1 
ATOM   1180 C CD2 . LEU A 1 175 ? 12.126  11.639  0.626   1.00 16.37 ? 175 LEU A CD2 1 
ATOM   1181 N N   . ASN A 1 176 ? 7.240   9.578   2.161   1.00 17.54 ? 176 ASN A N   1 
ATOM   1182 C CA  . ASN A 1 176 ? 6.143   8.613   2.120   1.00 16.51 ? 176 ASN A CA  1 
ATOM   1183 C C   . ASN A 1 176 ? 4.992   9.032   1.142   1.00 16.73 ? 176 ASN A C   1 
ATOM   1184 O O   . ASN A 1 176 ? 4.388   8.222   0.424   1.00 16.37 ? 176 ASN A O   1 
ATOM   1185 C CB  . ASN A 1 176 ? 5.595   8.468   3.568   1.00 15.47 ? 176 ASN A CB  1 
ATOM   1186 C CG  . ASN A 1 176 ? 6.336   7.428   4.370   1.00 15.32 ? 176 ASN A CG  1 
ATOM   1187 O OD1 . ASN A 1 176 ? 7.516   7.596   4.738   1.00 18.73 ? 176 ASN A OD1 1 
ATOM   1188 N ND2 . ASN A 1 176 ? 5.675   6.304   4.602   1.00 10.51 ? 176 ASN A ND2 1 
ATOM   1189 N N   . LEU A 1 177 ? 4.652   10.315  1.162   1.00 16.93 ? 177 LEU A N   1 
ATOM   1190 C CA  . LEU A 1 177 ? 3.583   10.854  0.275   1.00 16.57 ? 177 LEU A CA  1 
ATOM   1191 C C   . LEU A 1 177 ? 4.060   10.819  -1.206  1.00 16.11 ? 177 LEU A C   1 
ATOM   1192 O O   . LEU A 1 177 ? 3.288   10.523  -2.112  1.00 14.80 ? 177 LEU A O   1 
ATOM   1193 C CB  . LEU A 1 177 ? 3.173   12.302  0.728   1.00 15.08 ? 177 LEU A CB  1 
ATOM   1194 C CG  . LEU A 1 177 ? 2.364   12.455  2.026   1.00 13.62 ? 177 LEU A CG  1 
ATOM   1195 C CD1 . LEU A 1 177 ? 2.116   13.969  2.295   1.00 12.63 ? 177 LEU A CD1 1 
ATOM   1196 C CD2 . LEU A 1 177 ? 0.977   11.737  1.889   1.00 10.65 ? 177 LEU A CD2 1 
ATOM   1197 N N   . MET A 1 178 ? 5.337   11.117  -1.422  1.00 16.50 ? 178 MET A N   1 
ATOM   1198 C CA  . MET A 1 178 ? 5.969   10.867  -2.732  1.00 17.15 ? 178 MET A CA  1 
ATOM   1199 C C   . MET A 1 178 ? 5.774   9.458   -3.223  1.00 17.05 ? 178 MET A C   1 
ATOM   1200 O O   . MET A 1 178 ? 5.402   9.258   -4.355  1.00 17.54 ? 178 MET A O   1 
ATOM   1201 C CB  . MET A 1 178 ? 7.491   11.173  -2.755  1.00 15.58 ? 178 MET A CB  1 
ATOM   1202 C CG  . MET A 1 178 ? 8.116   10.812  -4.161  1.00 16.17 ? 178 MET A CG  1 
ATOM   1203 S SD  . MET A 1 178 ? 9.866   11.286  -4.296  1.00 21.01 ? 178 MET A SD  1 
ATOM   1204 C CE  . MET A 1 178 ? 10.490  10.293  -2.923  1.00 16.43 ? 178 MET A CE  1 
ATOM   1205 N N   . ASN A 1 179 ? 6.120   8.483   -2.393  1.00 17.18 ? 179 ASN A N   1 
ATOM   1206 C CA  . ASN A 1 179 ? 6.046   7.094   -2.810  1.00 17.83 ? 179 ASN A CA  1 
ATOM   1207 C C   . ASN A 1 179 ? 4.612   6.690   -3.042  1.00 18.93 ? 179 ASN A C   1 
ATOM   1208 O O   . ASN A 1 179 ? 4.339   5.971   -3.984  1.00 20.47 ? 179 ASN A O   1 
ATOM   1209 C CB  . ASN A 1 179 ? 6.663   6.212   -1.729  1.00 17.67 ? 179 ASN A CB  1 
ATOM   1210 C CG  . ASN A 1 179 ? 8.173   6.219   -1.771  1.00 18.74 ? 179 ASN A CG  1 
ATOM   1211 O OD1 . ASN A 1 179 ? 8.788   7.162   -2.272  1.00 19.55 ? 179 ASN A OD1 1 
ATOM   1212 N ND2 . ASN A 1 179 ? 8.792   5.154   -1.251  1.00 17.25 ? 179 ASN A ND2 1 
ATOM   1213 N N   . GLU A 1 180 ? 3.674   7.130   -2.182  1.00 18.63 ? 180 GLU A N   1 
ATOM   1214 C CA  . GLU A 1 180 ? 2.269   6.862   -2.427  1.00 18.73 ? 180 GLU A CA  1 
ATOM   1215 C C   . GLU A 1 180 ? 1.873   7.321   -3.859  1.00 20.04 ? 180 GLU A C   1 
ATOM   1216 O O   . GLU A 1 180 ? 1.363   6.528   -4.655  1.00 20.69 ? 180 GLU A O   1 
ATOM   1217 C CB  . GLU A 1 180 ? 1.440   7.627   -1.430  1.00 17.15 ? 180 GLU A CB  1 
ATOM   1218 C CG  . GLU A 1 180 ? -0.034  7.464   -1.687  1.00 20.35 ? 180 GLU A CG  1 
ATOM   1219 C CD  . GLU A 1 180 ? -0.887  8.291   -0.734  1.00 21.05 ? 180 GLU A CD  1 
ATOM   1220 O OE1 . GLU A 1 180 ? -0.702  8.233   0.503   1.00 21.64 ? 180 GLU A OE1 1 
ATOM   1221 O OE2 . GLU A 1 180 ? -1.739  9.012   -1.239  1.00 28.27 ? 180 GLU A OE2 1 
ATOM   1222 N N   . ARG A 1 181 ? 2.120   8.603   -4.165  1.00 20.35 ? 181 ARG A N   1 
ATOM   1223 C CA  . ARG A 1 181 ? 1.704   9.194   -5.416  1.00 19.85 ? 181 ARG A CA  1 
ATOM   1224 C C   . ARG A 1 181 ? 2.399   8.546   -6.618  1.00 20.17 ? 181 ARG A C   1 
ATOM   1225 O O   . ARG A 1 181 ? 1.728   8.187   -7.618  1.00 20.34 ? 181 ARG A O   1 
ATOM   1226 C CB  . ARG A 1 181 ? 1.952   10.714  -5.419  1.00 19.64 ? 181 ARG A CB  1 
ATOM   1227 C CG  . ARG A 1 181 ? 1.249   11.405  -6.584  1.00 20.74 ? 181 ARG A CG  1 
ATOM   1228 C CD  . ARG A 1 181 ? -0.260  11.160  -6.463  1.00 18.95 ? 181 ARG A CD  1 
ATOM   1229 N NE  . ARG A 1 181 ? -0.921  11.635  -7.644  1.00 30.30 ? 181 ARG A NE  1 
ATOM   1230 C CZ  . ARG A 1 181 ? -1.291  10.886  -8.696  1.00 30.39 ? 181 ARG A CZ  1 
ATOM   1231 N NH1 . ARG A 1 181 ? -1.100  9.579   -8.747  1.00 27.15 ? 181 ARG A NH1 1 
ATOM   1232 N NH2 . ARG A 1 181 ? -1.917  11.475  -9.696  1.00 31.94 ? 181 ARG A NH2 1 
ATOM   1233 N N   . THR A 1 182 ? 3.733   8.433   -6.539  1.00 19.59 ? 182 THR A N   1 
ATOM   1234 C CA  . THR A 1 182 ? 4.560   7.882   -7.634  1.00 19.50 ? 182 THR A CA  1 
ATOM   1235 C C   . THR A 1 182 ? 4.308   6.370   -7.884  1.00 19.84 ? 182 THR A C   1 
ATOM   1236 O O   . THR A 1 182 ? 3.983   6.004   -9.031  1.00 17.82 ? 182 THR A O   1 
ATOM   1237 C CB  . THR A 1 182 ? 6.072   8.205   -7.390  1.00 20.46 ? 182 THR A CB  1 
ATOM   1238 O OG1 . THR A 1 182 ? 6.217   9.622   -7.105  1.00 19.45 ? 182 THR A OG1 1 
ATOM   1239 C CG2 . THR A 1 182 ? 6.912   7.822   -8.615  1.00 20.30 ? 182 THR A CG2 1 
ATOM   1240 N N   . LEU A 1 183 ? 4.337   5.524   -6.816  1.00 18.48 ? 183 LEU A N   1 
ATOM   1241 C CA  . LEU A 1 183 ? 4.040   4.093   -6.992  1.00 18.92 ? 183 LEU A CA  1 
ATOM   1242 C C   . LEU A 1 183 ? 2.687   3.889   -7.649  1.00 20.44 ? 183 LEU A C   1 
ATOM   1243 O O   . LEU A 1 183 ? 2.566   3.116   -8.642  1.00 21.07 ? 183 LEU A O   1 
ATOM   1244 C CB  . LEU A 1 183 ? 4.148   3.243   -5.704  1.00 18.02 ? 183 LEU A CB  1 
ATOM   1245 C CG  . LEU A 1 183 ? 5.563   3.079   -5.106  1.00 19.55 ? 183 LEU A CG  1 
ATOM   1246 C CD1 . LEU A 1 183 ? 5.463   2.652   -3.654  1.00 15.20 ? 183 LEU A CD1 1 
ATOM   1247 C CD2 . LEU A 1 183 ? 6.507   2.084   -5.933  1.00 17.01 ? 183 LEU A CD2 1 
ATOM   1248 N N   . PHE A 1 184 ? 1.662   4.538   -7.105  1.00 21.56 ? 184 PHE A N   1 
ATOM   1249 C CA  . PHE A 1 184 ? 0.312   4.333   -7.619  1.00 24.03 ? 184 PHE A CA  1 
ATOM   1250 C C   . PHE A 1 184 ? 0.132   4.930   -9.015  1.00 23.59 ? 184 PHE A C   1 
ATOM   1251 O O   . PHE A 1 184 ? -0.522  4.337   -9.866  1.00 24.51 ? 184 PHE A O   1 
ATOM   1252 C CB  . PHE A 1 184 ? -0.763  4.772   -6.581  1.00 24.32 ? 184 PHE A CB  1 
ATOM   1253 C CG  . PHE A 1 184 ? -0.627  4.035   -5.259  1.00 30.59 ? 184 PHE A CG  1 
ATOM   1254 C CD1 . PHE A 1 184 ? 0.088   2.811   -5.191  1.00 36.79 ? 184 PHE A CD1 1 
ATOM   1255 C CD2 . PHE A 1 184 ? -1.143  4.538   -4.090  1.00 31.56 ? 184 PHE A CD2 1 
ATOM   1256 C CE1 . PHE A 1 184 ? 0.252   2.111   -3.954  1.00 37.56 ? 184 PHE A CE1 1 
ATOM   1257 C CE2 . PHE A 1 184 ? -0.996  3.820   -2.859  1.00 32.19 ? 184 PHE A CE2 1 
ATOM   1258 C CZ  . PHE A 1 184 ? -0.313  2.638   -2.790  1.00 34.94 ? 184 PHE A CZ  1 
ATOM   1259 N N   . ALA A 1 185 ? 0.784   6.057   -9.289  1.00 24.26 ? 185 ALA A N   1 
ATOM   1260 C CA  . ALA A 1 185 ? 0.749   6.562   -10.647 1.00 24.60 ? 185 ALA A CA  1 
ATOM   1261 C C   . ALA A 1 185 ? 1.401   5.545   -11.596 1.00 24.72 ? 185 ALA A C   1 
ATOM   1262 O O   . ALA A 1 185 ? 0.816   5.234   -12.664 1.00 22.65 ? 185 ALA A O   1 
ATOM   1263 C CB  . ALA A 1 185 ? 1.421   7.941   -10.755 1.00 24.90 ? 185 ALA A CB  1 
ATOM   1264 N N   . SER A 1 186 ? 2.584   5.022   -11.219 1.00 24.27 ? 186 SER A N   1 
ATOM   1265 C CA  . SER A 1 186 ? 3.211   3.990   -12.070 1.00 26.48 ? 186 SER A CA  1 
ATOM   1266 C C   . SER A 1 186 ? 2.345   2.770   -12.266 1.00 26.87 ? 186 SER A C   1 
ATOM   1267 O O   . SER A 1 186 ? 2.268   2.283   -13.386 1.00 27.34 ? 186 SER A O   1 
ATOM   1268 C CB  . SER A 1 186 ? 4.530   3.474   -11.558 1.00 25.44 ? 186 SER A CB  1 
ATOM   1269 O OG  . SER A 1 186 ? 5.482   4.471   -11.780 1.00 32.58 ? 186 SER A OG  1 
ATOM   1270 N N   . PHE A 1 187 ? 1.722   2.275   -11.197 1.00 26.44 ? 187 PHE A N   1 
ATOM   1271 C CA  . PHE A 1 187 ? 0.988   1.039   -11.280 1.00 26.84 ? 187 PHE A CA  1 
ATOM   1272 C C   . PHE A 1 187 ? -0.228  1.252   -12.146 1.00 28.66 ? 187 PHE A C   1 
ATOM   1273 O O   . PHE A 1 187 ? -0.660  0.341   -12.844 1.00 30.14 ? 187 PHE A O   1 
ATOM   1274 C CB  . PHE A 1 187 ? 0.514   0.542   -9.891  1.00 25.85 ? 187 PHE A CB  1 
ATOM   1275 C CG  . PHE A 1 187 ? 1.628   0.100   -8.974  1.00 24.24 ? 187 PHE A CG  1 
ATOM   1276 C CD1 . PHE A 1 187 ? 2.832   -0.425  -9.482  1.00 25.66 ? 187 PHE A CD1 1 
ATOM   1277 C CD2 . PHE A 1 187 ? 1.462   0.147   -7.613  1.00 24.61 ? 187 PHE A CD2 1 
ATOM   1278 C CE1 . PHE A 1 187 ? 3.855   -0.859  -8.624  1.00 26.33 ? 187 PHE A CE1 1 
ATOM   1279 C CE2 . PHE A 1 187 ? 2.504   -0.286  -6.728  1.00 25.62 ? 187 PHE A CE2 1 
ATOM   1280 C CZ  . PHE A 1 187 ? 3.677   -0.774  -7.230  1.00 24.92 ? 187 PHE A CZ  1 
ATOM   1281 N N   . ALA A 1 188 ? -0.819  2.436   -12.082 1.00 29.28 ? 188 ALA A N   1 
ATOM   1282 C CA  . ALA A 1 188 ? -2.046  2.701   -12.842 1.00 28.11 ? 188 ALA A CA  1 
ATOM   1283 C C   . ALA A 1 188 ? -1.725  3.111   -14.313 1.00 28.84 ? 188 ALA A C   1 
ATOM   1284 O O   . ALA A 1 188 ? -2.616  3.403   -15.079 1.00 28.97 ? 188 ALA A O   1 
ATOM   1285 C CB  . ALA A 1 188 ? -2.901  3.738   -12.095 1.00 27.26 ? 188 ALA A CB  1 
ATOM   1286 N N   . GLY A 1 189 ? -0.467  3.091   -14.747 1.00 28.75 ? 189 GLY A N   1 
ATOM   1287 C CA  . GLY A 1 189 ? -0.154  3.613   -16.095 1.00 29.44 ? 189 GLY A CA  1 
ATOM   1288 C C   . GLY A 1 189 ? -0.574  5.098   -16.351 1.00 31.17 ? 189 GLY A C   1 
ATOM   1289 O O   . GLY A 1 189 ? -0.921  5.473   -17.472 1.00 30.74 ? 189 GLY A O   1 
ATOM   1290 N N   . GLU A 1 190 ? -0.548  5.961   -15.330 1.00 30.99 ? 190 GLU A N   1 
ATOM   1291 C CA  . GLU A 1 190 ? -1.063  7.323   -15.474 1.00 30.40 ? 190 GLU A CA  1 
ATOM   1292 C C   . GLU A 1 190 ? -0.089  8.131   -16.350 1.00 30.53 ? 190 GLU A C   1 
ATOM   1293 O O   . GLU A 1 190 ? 1.092   7.856   -16.401 1.00 30.88 ? 190 GLU A O   1 
ATOM   1294 C CB  . GLU A 1 190 ? -1.165  7.983   -14.129 1.00 28.46 ? 190 GLU A CB  1 
ATOM   1295 C CG  . GLU A 1 190 ? -2.379  7.713   -13.334 1.00 31.75 ? 190 GLU A CG  1 
ATOM   1296 C CD  . GLU A 1 190 ? -2.343  8.500   -12.006 1.00 36.03 ? 190 GLU A CD  1 
ATOM   1297 O OE1 . GLU A 1 190 ? -1.849  9.644   -12.003 1.00 38.43 ? 190 GLU A OE1 1 
ATOM   1298 O OE2 . GLU A 1 190 ? -2.763  8.001   -10.939 1.00 39.88 ? 190 GLU A OE2 1 
ATOM   1299 N N   . GLN A 1 191 ? -0.592  9.127   -17.036 1.00 31.51 ? 191 GLN A N   1 
ATOM   1300 C CA  . GLN A 1 191 ? 0.257   10.122  -17.650 1.00 33.49 ? 191 GLN A CA  1 
ATOM   1301 C C   . GLN A 1 191 ? 0.144   11.436  -16.912 1.00 30.44 ? 191 GLN A C   1 
ATOM   1302 O O   . GLN A 1 191 ? -0.948  11.981  -16.854 1.00 31.59 ? 191 GLN A O   1 
ATOM   1303 C CB  . GLN A 1 191 ? -0.166  10.356  -19.093 1.00 35.36 ? 191 GLN A CB  1 
ATOM   1304 C CG  . GLN A 1 191 ? 0.776   9.613   -20.034 1.00 43.80 ? 191 GLN A CG  1 
ATOM   1305 C CD  . GLN A 1 191 ? 0.303   9.759   -21.443 1.00 52.14 ? 191 GLN A CD  1 
ATOM   1306 O OE1 . GLN A 1 191 ? -0.701  9.115   -21.863 1.00 55.26 ? 191 GLN A OE1 1 
ATOM   1307 N NE2 . GLN A 1 191 ? 0.986   10.635  -22.196 1.00 50.98 ? 191 GLN A NE2 1 
ATOM   1308 N N   . PRO A 1 192 ? 1.258   11.955  -16.363 1.00 28.11 ? 192 PRO A N   1 
ATOM   1309 C CA  . PRO A 1 192 ? 2.640   11.375  -16.413 1.00 25.80 ? 192 PRO A CA  1 
ATOM   1310 C C   . PRO A 1 192 ? 2.832   10.265  -15.365 1.00 23.94 ? 192 PRO A C   1 
ATOM   1311 O O   . PRO A 1 192 ? 2.148   10.241  -14.339 1.00 23.24 ? 192 PRO A O   1 
ATOM   1312 C CB  . PRO A 1 192 ? 3.503   12.541  -15.957 1.00 25.88 ? 192 PRO A CB  1 
ATOM   1313 C CG  . PRO A 1 192 ? 2.548   13.278  -14.867 1.00 26.97 ? 192 PRO A CG  1 
ATOM   1314 C CD  . PRO A 1 192 ? 1.108   12.969  -15.278 1.00 27.15 ? 192 PRO A CD  1 
ATOM   1315 N N   . SER A 1 193 ? 3.810   9.396   -15.556 1.00 23.50 ? 193 SER A N   1 
ATOM   1316 C CA  . SER A 1 193 ? 4.248   8.541   -14.446 1.00 23.54 ? 193 SER A CA  1 
ATOM   1317 C C   . SER A 1 193 ? 5.611   8.005   -14.767 1.00 23.35 ? 193 SER A C   1 
ATOM   1318 O O   . SER A 1 193 ? 6.017   8.021   -15.920 1.00 23.74 ? 193 SER A O   1 
ATOM   1319 C CB  . SER A 1 193 ? 3.272   7.373   -14.247 1.00 23.53 ? 193 SER A CB  1 
ATOM   1320 O OG  . SER A 1 193 ? 3.279   6.566   -15.434 1.00 25.54 ? 193 SER A OG  1 
ATOM   1321 N N   . VAL A 1 194 ? 6.350   7.556   -13.756 1.00 23.47 ? 194 VAL A N   1 
ATOM   1322 C CA  . VAL A 1 194 ? 7.605   6.882   -14.029 1.00 23.40 ? 194 VAL A CA  1 
ATOM   1323 C C   . VAL A 1 194 ? 7.251   5.451   -14.491 1.00 23.99 ? 194 VAL A C   1 
ATOM   1324 O O   . VAL A 1 194 ? 6.376   4.827   -13.916 1.00 22.32 ? 194 VAL A O   1 
ATOM   1325 C CB  . VAL A 1 194 ? 8.482   6.824   -12.802 1.00 23.94 ? 194 VAL A CB  1 
ATOM   1326 C CG1 . VAL A 1 194 ? 9.770   6.045   -13.064 1.00 21.00 ? 194 VAL A CG1 1 
ATOM   1327 C CG2 . VAL A 1 194 ? 8.773   8.280   -12.318 1.00 20.81 ? 194 VAL A CG2 1 
ATOM   1328 N N   . PRO A 1 195 ? 7.956   4.945   -15.532 1.00 24.62 ? 195 PRO A N   1 
ATOM   1329 C CA  . PRO A 1 195 ? 7.778   3.534   -15.908 1.00 24.16 ? 195 PRO A CA  1 
ATOM   1330 C C   . PRO A 1 195 ? 7.983   2.580   -14.710 1.00 24.91 ? 195 PRO A C   1 
ATOM   1331 O O   . PRO A 1 195 ? 8.933   2.751   -13.877 1.00 25.27 ? 195 PRO A O   1 
ATOM   1332 C CB  . PRO A 1 195 ? 8.853   3.319   -16.991 1.00 25.26 ? 195 PRO A CB  1 
ATOM   1333 C CG  . PRO A 1 195 ? 9.107   4.737   -17.614 1.00 24.80 ? 195 PRO A CG  1 
ATOM   1334 C CD  . PRO A 1 195 ? 8.759   5.729   -16.518 1.00 23.70 ? 195 PRO A CD  1 
ATOM   1335 N N   . GLU A 1 196 ? 7.115   1.573   -14.629 1.00 24.55 ? 196 GLU A N   1 
ATOM   1336 C CA  . GLU A 1 196 ? 7.207   0.578   -13.537 1.00 25.40 ? 196 GLU A CA  1 
ATOM   1337 C C   . GLU A 1 196 ? 8.612   0.025   -13.342 1.00 24.75 ? 196 GLU A C   1 
ATOM   1338 O O   . GLU A 1 196 ? 9.103   -0.130  -12.197 1.00 25.01 ? 196 GLU A O   1 
ATOM   1339 C CB  . GLU A 1 196 ? 6.183   -0.530  -13.754 1.00 24.93 ? 196 GLU A CB  1 
ATOM   1340 C CG  . GLU A 1 196 ? 5.951   -1.335  -12.513 1.00 31.83 ? 196 GLU A CG  1 
ATOM   1341 C CD  . GLU A 1 196 ? 4.750   -2.269  -12.602 1.00 36.95 ? 196 GLU A CD  1 
ATOM   1342 O OE1 . GLU A 1 196 ? 3.674   -1.825  -13.068 1.00 35.83 ? 196 GLU A OE1 1 
ATOM   1343 O OE2 . GLU A 1 196 ? 4.894   -3.445  -12.172 1.00 43.35 ? 196 GLU A OE2 1 
ATOM   1344 N N   . ALA A 1 197 ? 9.300   -0.230  -14.453 1.00 24.31 ? 197 ALA A N   1 
ATOM   1345 C CA  . ALA A 1 197 ? 10.640  -0.803  -14.395 1.00 23.84 ? 197 ALA A CA  1 
ATOM   1346 C C   . ALA A 1 197 ? 11.704  0.169   -13.883 1.00 23.92 ? 197 ALA A C   1 
ATOM   1347 O O   . ALA A 1 197 ? 12.824  -0.254  -13.640 1.00 23.90 ? 197 ALA A O   1 
ATOM   1348 C CB  . ALA A 1 197 ? 11.046  -1.339  -15.810 1.00 24.84 ? 197 ALA A CB  1 
ATOM   1349 N N   . ARG A 1 198 ? 11.369  1.461   -13.758 1.00 22.89 ? 198 ARG A N   1 
ATOM   1350 C CA  . ARG A 1 198 ? 12.323  2.513   -13.318 1.00 22.55 ? 198 ARG A CA  1 
ATOM   1351 C C   . ARG A 1 198 ? 11.957  3.156   -11.984 1.00 22.38 ? 198 ARG A C   1 
ATOM   1352 O O   . ARG A 1 198 ? 12.713  3.955   -11.436 1.00 21.77 ? 198 ARG A O   1 
ATOM   1353 C CB  . ARG A 1 198 ? 12.401  3.643   -14.406 1.00 21.89 ? 198 ARG A CB  1 
ATOM   1354 C CG  . ARG A 1 198 ? 12.911  3.090   -15.779 1.00 21.32 ? 198 ARG A CG  1 
ATOM   1355 C CD  . ARG A 1 198 ? 14.452  2.829   -15.754 1.00 21.66 ? 198 ARG A CD  1 
ATOM   1356 N NE  . ARG A 1 198 ? 15.166  3.928   -15.105 1.00 24.59 ? 198 ARG A NE  1 
ATOM   1357 C CZ  . ARG A 1 198 ? 16.149  3.783   -14.230 1.00 26.21 ? 198 ARG A CZ  1 
ATOM   1358 N NH1 . ARG A 1 198 ? 16.601  2.571   -13.935 1.00 28.93 ? 198 ARG A NH1 1 
ATOM   1359 N NH2 . ARG A 1 198 ? 16.705  4.848   -13.653 1.00 26.39 ? 198 ARG A NH2 1 
ATOM   1360 N N   . VAL A 1 199 ? 10.750  2.860   -11.509 1.00 22.77 ? 199 VAL A N   1 
ATOM   1361 C CA  . VAL A 1 199 ? 10.178  3.594   -10.409 1.00 22.64 ? 199 VAL A CA  1 
ATOM   1362 C C   . VAL A 1 199 ? 11.009  3.348   -9.129  1.00 24.35 ? 199 VAL A C   1 
ATOM   1363 O O   . VAL A 1 199 ? 11.351  4.292   -8.419  1.00 25.04 ? 199 VAL A O   1 
ATOM   1364 C CB  . VAL A 1 199 ? 8.678   3.300   -10.270 1.00 21.95 ? 199 VAL A CB  1 
ATOM   1365 C CG1 . VAL A 1 199 ? 8.460   1.886   -9.688  1.00 17.21 ? 199 VAL A CG1 1 
ATOM   1366 C CG2 . VAL A 1 199 ? 8.115   4.320   -9.385  1.00 24.24 ? 199 VAL A CG2 1 
ATOM   1367 N N   . LEU A 1 200 ? 11.412  2.110   -8.884  1.00 23.48 ? 200 LEU A N   1 
ATOM   1368 C CA  . LEU A 1 200 ? 12.130  1.827   -7.640  1.00 24.51 ? 200 LEU A CA  1 
ATOM   1369 C C   . LEU A 1 200 ? 13.491  2.567   -7.480  1.00 23.89 ? 200 LEU A C   1 
ATOM   1370 O O   . LEU A 1 200 ? 13.777  3.141   -6.436  1.00 25.57 ? 200 LEU A O   1 
ATOM   1371 C CB  . LEU A 1 200 ? 12.288  0.306   -7.458  1.00 22.84 ? 200 LEU A CB  1 
ATOM   1372 C CG  . LEU A 1 200 ? 13.006  -0.212  -6.201  1.00 25.39 ? 200 LEU A CG  1 
ATOM   1373 C CD1 . LEU A 1 200 ? 12.179  0.086   -4.951  1.00 23.78 ? 200 LEU A CD1 1 
ATOM   1374 C CD2 . LEU A 1 200 ? 13.321  -1.747  -6.286  1.00 24.08 ? 200 LEU A CD2 1 
ATOM   1375 N N   . ASP A 1 201 ? 14.328  2.521   -8.503  1.00 25.12 ? 201 ASP A N   1 
ATOM   1376 C CA  . ASP A 1 201 ? 15.603  3.229   -8.549  1.00 24.73 ? 201 ASP A CA  1 
ATOM   1377 C C   . ASP A 1 201 ? 15.395  4.740   -8.417  1.00 23.59 ? 201 ASP A C   1 
ATOM   1378 O O   . ASP A 1 201 ? 16.187  5.405   -7.774  1.00 23.97 ? 201 ASP A O   1 
ATOM   1379 C CB  . ASP A 1 201 ? 16.303  2.971   -9.905  1.00 26.34 ? 201 ASP A CB  1 
ATOM   1380 C CG  . ASP A 1 201 ? 17.073  1.600   -9.963  1.00 31.35 ? 201 ASP A CG  1 
ATOM   1381 O OD1 . ASP A 1 201 ? 17.197  0.924   -8.926  1.00 33.33 ? 201 ASP A OD1 1 
ATOM   1382 O OD2 . ASP A 1 201 ? 17.586  1.238   -11.070 1.00 33.52 ? 201 ASP A OD2 1 
ATOM   1383 N N   . THR A 1 202 ? 14.378  5.263   -9.092  1.00 21.74 ? 202 THR A N   1 
ATOM   1384 C CA  . THR A 1 202 ? 14.015  6.660   -8.988  1.00 21.85 ? 202 THR A CA  1 
ATOM   1385 C C   . THR A 1 202 ? 13.733  7.018   -7.527  1.00 21.50 ? 202 THR A C   1 
ATOM   1386 O O   . THR A 1 202 ? 14.258  7.993   -7.020  1.00 22.34 ? 202 THR A O   1 
ATOM   1387 C CB  . THR A 1 202 ? 12.720  7.016   -9.833  1.00 21.50 ? 202 THR A CB  1 
ATOM   1388 O OG1 . THR A 1 202 ? 12.923  6.660   -11.199 1.00 20.93 ? 202 THR A OG1 1 
ATOM   1389 C CG2 . THR A 1 202 ? 12.436  8.494   -9.771  1.00 21.53 ? 202 THR A CG2 1 
ATOM   1390 N N   . LEU A 1 203 ? 12.925  6.219   -6.832  1.00 21.62 ? 203 LEU A N   1 
ATOM   1391 C CA  . LEU A 1 203 ? 12.567  6.590   -5.455  1.00 20.69 ? 203 LEU A CA  1 
ATOM   1392 C C   . LEU A 1 203 ? 13.777  6.446   -4.514  1.00 20.25 ? 203 LEU A C   1 
ATOM   1393 O O   . LEU A 1 203 ? 14.061  7.320   -3.666  1.00 20.04 ? 203 LEU A O   1 
ATOM   1394 C CB  . LEU A 1 203 ? 11.342  5.818   -4.987  1.00 18.63 ? 203 LEU A CB  1 
ATOM   1395 C CG  . LEU A 1 203 ? 10.085  6.126   -5.832  1.00 18.95 ? 203 LEU A CG  1 
ATOM   1396 C CD1 . LEU A 1 203 ? 9.014   5.101   -5.499  1.00 18.09 ? 203 LEU A CD1 1 
ATOM   1397 C CD2 . LEU A 1 203 ? 9.485   7.520   -5.584  1.00 14.59 ? 203 LEU A CD2 1 
ATOM   1398 N N   . VAL A 1 204 ? 14.512  5.356   -4.683  1.00 18.99 ? 204 VAL A N   1 
ATOM   1399 C CA  . VAL A 1 204 ? 15.635  5.116   -3.813  1.00 18.08 ? 204 VAL A CA  1 
ATOM   1400 C C   . VAL A 1 204 ? 16.651  6.246   -3.966  1.00 19.44 ? 204 VAL A C   1 
ATOM   1401 O O   . VAL A 1 204 ? 17.223  6.697   -2.964  1.00 19.99 ? 204 VAL A O   1 
ATOM   1402 C CB  . VAL A 1 204 ? 16.314  3.756   -4.149  1.00 18.99 ? 204 VAL A CB  1 
ATOM   1403 C CG1 . VAL A 1 204 ? 17.629  3.568   -3.350  1.00 16.37 ? 204 VAL A CG1 1 
ATOM   1404 C CG2 . VAL A 1 204 ? 15.371  2.618   -3.872  1.00 15.01 ? 204 VAL A CG2 1 
ATOM   1405 N N   . HIS A 1 205 ? 16.859  6.737   -5.186  1.00 18.95 ? 205 HIS A N   1 
ATOM   1406 C CA  . HIS A 1 205 ? 17.850  7.811   -5.331  1.00 20.40 ? 205 HIS A CA  1 
ATOM   1407 C C   . HIS A 1 205 ? 17.435  9.063   -4.482  1.00 20.52 ? 205 HIS A C   1 
ATOM   1408 O O   . HIS A 1 205 ? 18.278  9.723   -3.798  1.00 19.43 ? 205 HIS A O   1 
ATOM   1409 C CB  . HIS A 1 205 ? 18.044  8.197   -6.802  1.00 19.64 ? 205 HIS A CB  1 
ATOM   1410 C CG  . HIS A 1 205 ? 18.666  9.561   -6.981  1.00 22.73 ? 205 HIS A CG  1 
ATOM   1411 N ND1 . HIS A 1 205 ? 20.041  9.777   -7.056  1.00 24.27 ? 205 HIS A ND1 1 
ATOM   1412 C CD2 . HIS A 1 205 ? 18.101  10.783  -7.043  1.00 20.30 ? 205 HIS A CD2 1 
ATOM   1413 C CE1 . HIS A 1 205 ? 20.284  11.062  -7.205  1.00 23.91 ? 205 HIS A CE1 1 
ATOM   1414 N NE2 . HIS A 1 205 ? 19.122  11.700  -7.170  1.00 23.47 ? 205 HIS A NE2 1 
ATOM   1415 N N   . ILE A 1 206 ? 16.124  9.371   -4.527  1.00 20.07 ? 206 ILE A N   1 
ATOM   1416 C CA  . ILE A 1 206 ? 15.615  10.600  -3.893  1.00 18.43 ? 206 ILE A CA  1 
ATOM   1417 C C   . ILE A 1 206 ? 15.651  10.415  -2.378  1.00 18.95 ? 206 ILE A C   1 
ATOM   1418 O O   . ILE A 1 206 ? 15.978  11.369  -1.652  1.00 18.23 ? 206 ILE A O   1 
ATOM   1419 C CB  . ILE A 1 206 ? 14.198  10.970  -4.410  1.00 18.37 ? 206 ILE A CB  1 
ATOM   1420 C CG1 . ILE A 1 206 ? 14.239  11.293  -5.928  1.00 18.49 ? 206 ILE A CG1 1 
ATOM   1421 C CG2 . ILE A 1 206 ? 13.667  12.215  -3.704  1.00 14.48 ? 206 ILE A CG2 1 
ATOM   1422 C CD1 . ILE A 1 206 ? 12.850  11.322  -6.639  1.00 13.30 ? 206 ILE A CD1 1 
ATOM   1423 N N   . TRP A 1 207 ? 15.334  9.191   -1.906  1.00 18.94 ? 207 TRP A N   1 
ATOM   1424 C CA  . TRP A 1 207 ? 15.381  8.928   -0.470  1.00 19.92 ? 207 TRP A CA  1 
ATOM   1425 C C   . TRP A 1 207 ? 16.800  9.028   0.062   1.00 21.21 ? 207 TRP A C   1 
ATOM   1426 O O   . TRP A 1 207 ? 17.009  9.685   1.056   1.00 20.69 ? 207 TRP A O   1 
ATOM   1427 C CB  . TRP A 1 207 ? 14.814  7.585   -0.092  1.00 18.71 ? 207 TRP A CB  1 
ATOM   1428 C CG  . TRP A 1 207 ? 13.288  7.508   -0.054  1.00 18.21 ? 207 TRP A CG  1 
ATOM   1429 C CD1 . TRP A 1 207 ? 12.396  7.846   -1.059  1.00 16.22 ? 207 TRP A CD1 1 
ATOM   1430 C CD2 . TRP A 1 207 ? 12.503  6.953   1.014   1.00 14.56 ? 207 TRP A CD2 1 
ATOM   1431 N NE1 . TRP A 1 207 ? 11.088  7.596   -0.647  1.00 16.35 ? 207 TRP A NE1 1 
ATOM   1432 C CE2 . TRP A 1 207 ? 11.132  7.050   0.626   1.00 16.64 ? 207 TRP A CE2 1 
ATOM   1433 C CE3 . TRP A 1 207 ? 12.821  6.455   2.295   1.00 15.05 ? 207 TRP A CE3 1 
ATOM   1434 C CZ2 . TRP A 1 207 ? 10.099  6.661   1.470   1.00 14.09 ? 207 TRP A CZ2 1 
ATOM   1435 C CZ3 . TRP A 1 207 ? 11.759  6.074   3.175   1.00 12.84 ? 207 TRP A CZ3 1 
ATOM   1436 C CH2 . TRP A 1 207 ? 10.443  6.171   2.748   1.00 18.67 ? 207 TRP A CH2 1 
ATOM   1437 N N   . VAL A 1 208 ? 17.765  8.376   -0.603  1.00 23.54 ? 208 VAL A N   1 
ATOM   1438 C CA  . VAL A 1 208 ? 19.159  8.341   -0.108  1.00 24.31 ? 208 VAL A CA  1 
ATOM   1439 C C   . VAL A 1 208 ? 19.834  9.750   -0.121  1.00 24.54 ? 208 VAL A C   1 
ATOM   1440 O O   . VAL A 1 208 ? 20.463  10.146  0.847   1.00 24.92 ? 208 VAL A O   1 
ATOM   1441 C CB  . VAL A 1 208 ? 20.019  7.329   -0.895  1.00 24.87 ? 208 VAL A CB  1 
ATOM   1442 C CG1 . VAL A 1 208 ? 21.586  7.478   -0.489  1.00 25.77 ? 208 VAL A CG1 1 
ATOM   1443 C CG2 . VAL A 1 208 ? 19.519  5.895   -0.650  1.00 23.49 ? 208 VAL A CG2 1 
ATOM   1444 N N   . THR A 1 209 ? 19.709  10.484  -1.225  1.00 24.18 ? 209 THR A N   1 
ATOM   1445 C CA  . THR A 1 209 ? 20.266  11.808  -1.283  1.00 24.28 ? 209 THR A CA  1 
ATOM   1446 C C   . THR A 1 209 ? 19.565  12.766  -0.303  1.00 25.32 ? 209 THR A C   1 
ATOM   1447 O O   . THR A 1 209 ? 20.218  13.595  0.300   1.00 26.00 ? 209 THR A O   1 
ATOM   1448 C CB  . THR A 1 209 ? 20.194  12.397  -2.694  1.00 25.30 ? 209 THR A CB  1 
ATOM   1449 O OG1 . THR A 1 209 ? 18.841  12.299  -3.189  1.00 23.36 ? 209 THR A OG1 1 
ATOM   1450 C CG2 . THR A 1 209 ? 21.201  11.674  -3.627  1.00 22.09 ? 209 THR A CG2 1 
ATOM   1451 N N   . SER A 1 210 ? 18.247  12.655  -0.112  1.00 24.48 ? 210 SER A N   1 
ATOM   1452 C CA  . SER A 1 210 ? 17.619  13.613  0.807   1.00 23.52 ? 210 SER A CA  1 
ATOM   1453 C C   . SER A 1 210 ? 17.847  13.252  2.296   1.00 24.10 ? 210 SER A C   1 
ATOM   1454 O O   . SER A 1 210 ? 17.887  14.147  3.153   1.00 22.92 ? 210 SER A O   1 
ATOM   1455 C CB  . SER A 1 210 ? 16.140  13.824  0.513   1.00 22.93 ? 210 SER A CB  1 
ATOM   1456 O OG  . SER A 1 210 ? 15.388  12.659  0.817   1.00 17.97 ? 210 SER A OG  1 
ATOM   1457 N N   . ILE A 1 211 ? 18.005  11.964  2.594   1.00 22.63 ? 211 ILE A N   1 
ATOM   1458 C CA  . ILE A 1 211 ? 18.261  11.580  3.948   1.00 24.59 ? 211 ILE A CA  1 
ATOM   1459 C C   . ILE A 1 211 ? 19.751  11.762  4.310   1.00 25.92 ? 211 ILE A C   1 
ATOM   1460 O O   . ILE A 1 211 ? 20.087  12.099  5.476   1.00 26.53 ? 211 ILE A O   1 
ATOM   1461 C CB  . ILE A 1 211 ? 17.830  10.147  4.206   1.00 25.49 ? 211 ILE A CB  1 
ATOM   1462 C CG1 . ILE A 1 211 ? 16.277  10.039  4.213   1.00 23.35 ? 211 ILE A CG1 1 
ATOM   1463 C CG2 . ILE A 1 211 ? 18.452  9.670   5.509   1.00 26.23 ? 211 ILE A CG2 1 
ATOM   1464 C CD1 . ILE A 1 211 ? 15.761  8.642   3.946   1.00 23.72 ? 211 ILE A CD1 1 
ATOM   1465 N N   . TYR A 1 212 ? 20.645  11.608  3.329   1.00 26.01 ? 212 TYR A N   1 
ATOM   1466 C CA  . TYR A 1 212 ? 22.080  11.674  3.651   1.00 27.04 ? 212 TYR A CA  1 
ATOM   1467 C C   . TYR A 1 212 ? 22.777  12.958  3.236   1.00 27.77 ? 212 TYR A C   1 
ATOM   1468 O O   . TYR A 1 212 ? 23.854  13.202  3.698   1.00 27.89 ? 212 TYR A O   1 
ATOM   1469 C CB  . TYR A 1 212 ? 22.805  10.417  3.137   1.00 26.46 ? 212 TYR A CB  1 
ATOM   1470 C CG  . TYR A 1 212 ? 22.275  9.175   3.853   1.00 26.58 ? 212 TYR A CG  1 
ATOM   1471 C CD1 . TYR A 1 212 ? 22.672  8.869   5.162   1.00 23.61 ? 212 TYR A CD1 1 
ATOM   1472 C CD2 . TYR A 1 212 ? 21.363  8.333   3.228   1.00 22.63 ? 212 TYR A CD2 1 
ATOM   1473 C CE1 . TYR A 1 212 ? 22.163  7.753   5.823   1.00 25.16 ? 212 TYR A CE1 1 
ATOM   1474 C CE2 . TYR A 1 212 ? 20.885  7.248   3.845   1.00 22.67 ? 212 TYR A CE2 1 
ATOM   1475 C CZ  . TYR A 1 212 ? 21.253  6.942   5.143   1.00 24.78 ? 212 TYR A CZ  1 
ATOM   1476 O OH  . TYR A 1 212 ? 20.710  5.805   5.727   1.00 21.67 ? 212 TYR A OH  1 
ATOM   1477 N N   . GLY A 1 213 ? 22.157  13.764  2.368   1.00 28.99 ? 213 GLY A N   1 
ATOM   1478 C CA  . GLY A 1 213 ? 22.758  14.979  1.851   1.00 31.44 ? 213 GLY A CA  1 
ATOM   1479 C C   . GLY A 1 213 ? 22.527  16.210  2.735   1.00 33.92 ? 213 GLY A C   1 
ATOM   1480 O O   . GLY A 1 213 ? 21.492  16.304  3.410   1.00 32.31 ? 213 GLY A O   1 
ATOM   1481 N N   . GLU A 1 214 ? 23.509  17.132  2.706   1.00 35.94 ? 214 GLU A N   1 
ATOM   1482 C CA  . GLU A 1 214 ? 23.551  18.397  3.470   1.00 37.96 ? 214 GLU A CA  1 
ATOM   1483 C CB  . GLU A 1 214 ? 24.109  19.501  2.564   1.00 39.06 ? 214 GLU A CB  1 
ATOM   1484 C CG  . GLU A 1 214 ? 23.190  19.894  1.388   1.00 42.58 ? 214 GLU A CG  1 
ATOM   1485 C CD  . GLU A 1 214 ? 22.694  21.380  1.425   1.00 51.45 ? 214 GLU A CD  1 
ATOM   1486 O OE1 . GLU A 1 214 ? 23.442  22.299  1.944   1.00 51.03 ? 214 GLU A OE1 1 
ATOM   1487 O OE2 . GLU A 1 214 ? 21.545  21.622  0.917   1.00 50.06 ? 214 GLU A OE2 1 
HETATM 1488 C C01 . 2G1 B 2 .   ? 14.467  0.671   5.759   1.00 28.01 ? 301 2G1 A C01 1 
HETATM 1489 C C02 . 2G1 B 2 .   ? 13.161  1.379   5.967   1.00 29.61 ? 301 2G1 A C02 1 
HETATM 1490 N N03 . 2G1 B 2 .   ? 12.183  1.672   5.071   1.00 25.73 ? 301 2G1 A N03 1 
HETATM 1491 C C04 . 2G1 B 2 .   ? 11.062  2.275   5.515   1.00 23.17 ? 301 2G1 A C04 1 
HETATM 1492 C C05 . 2G1 B 2 .   ? 11.101  2.608   6.868   1.00 24.68 ? 301 2G1 A C05 1 
HETATM 1493 S S06 . 2G1 B 2 .   ? 12.620  2.007   7.443   1.00 27.12 ? 301 2G1 A S06 1 
HETATM 1494 C C07 . 2G1 B 2 .   ? 10.010  2.651   4.645   1.00 20.22 ? 301 2G1 A C07 1 
HETATM 1495 C C08 . 2G1 B 2 .   ? 10.239  2.630   3.255   1.00 17.14 ? 301 2G1 A C08 1 
HETATM 1496 C C09 . 2G1 B 2 .   ? 9.276   3.075   2.347   1.00 19.34 ? 301 2G1 A C09 1 
HETATM 1497 C C10 . 2G1 B 2 .   ? 8.027   3.520   2.809   1.00 17.34 ? 301 2G1 A C10 1 
HETATM 1498 C C11 . 2G1 B 2 .   ? 7.779   3.568   4.180   1.00 14.30 ? 301 2G1 A C11 1 
HETATM 1499 C C12 . 2G1 B 2 .   ? 8.783   3.151   5.122   1.00 17.22 ? 301 2G1 A C12 1 
HETATM 1500 S S13 . 2G1 B 2 .   ? 6.795   4.052   1.642   1.00 25.02 ? 301 2G1 A S13 1 
HETATM 1501 O O14 . 2G1 B 2 .   ? 6.945   5.463   1.477   1.00 20.16 ? 301 2G1 A O14 1 
HETATM 1502 O O15 . 2G1 B 2 .   ? 7.185   3.550   0.349   1.00 19.94 ? 301 2G1 A O15 1 
HETATM 1503 N N16 . 2G1 B 2 .   ? 5.310   3.513   2.212   1.00 26.46 ? 301 2G1 A N16 1 
HETATM 1504 C C17 . 2G1 B 2 .   ? 4.247   4.461   2.234   1.00 28.31 ? 301 2G1 A C17 1 
HETATM 1505 C C18 . 2G1 B 2 .   ? 3.639   4.885   0.888   1.00 25.86 ? 301 2G1 A C18 1 
HETATM 1506 C C19 . 2G1 B 2 .   ? 2.988   3.770   0.174   1.00 25.68 ? 301 2G1 A C19 1 
HETATM 1507 F F20 . 2G1 B 2 .   ? 2.537   2.965   1.149   1.00 29.82 ? 301 2G1 A F20 1 
HETATM 1508 F F21 . 2G1 B 2 .   ? 3.941   3.155   -0.533  1.00 22.61 ? 301 2G1 A F21 1 
HETATM 1509 F F22 . 2G1 B 2 .   ? 1.961   4.186   -0.577  1.00 26.67 ? 301 2G1 A F22 1 
HETATM 1510 O O   . HOH C 3 .   ? 13.827  0.497   -10.821 1.00 18.41 ? 401 HOH A O   1 
HETATM 1511 O O   . HOH C 3 .   ? 11.398  -0.287  -10.768 1.00 22.94 ? 402 HOH A O   1 
HETATM 1512 O O   . HOH C 3 .   ? 0.102   11.238  -12.821 1.00 29.03 ? 403 HOH A O   1 
HETATM 1513 O O   . HOH C 3 .   ? 11.487  -5.806  -6.905  1.00 19.29 ? 404 HOH A O   1 
HETATM 1514 O O   . HOH C 3 .   ? 19.190  13.369  7.781   1.00 27.38 ? 405 HOH A O   1 
HETATM 1515 O O   . HOH C 3 .   ? 8.011   -0.716  -17.119 1.00 22.85 ? 406 HOH A O   1 
HETATM 1516 O O   . HOH C 3 .   ? 19.471  15.358  5.127   1.00 20.99 ? 407 HOH A O   1 
HETATM 1517 O O   . HOH C 3 .   ? -16.086 -23.140 4.484   1.00 56.13 ? 408 HOH A O   1 
HETATM 1518 O O   . HOH C 3 .   ? -0.648  13.519  -11.285 1.00 36.33 ? 409 HOH A O   1 
HETATM 1519 O O   . HOH C 3 .   ? 12.407  -6.202  -0.209  1.00 34.75 ? 410 HOH A O   1 
HETATM 1520 O O   . HOH C 3 .   ? -14.653 -7.006  -15.339 1.00 68.78 ? 411 HOH A O   1 
HETATM 1521 O O   . HOH C 3 .   ? 20.309  5.315   -5.609  1.00 45.00 ? 412 HOH A O   1 
# 
